data_1IBX
#
_entry.id   1IBX
#
_cell.length_a   1.000
_cell.length_b   1.000
_cell.length_c   1.000
_cell.angle_alpha   90.00
_cell.angle_beta   90.00
_cell.angle_gamma   90.00
#
_symmetry.space_group_name_H-M   'P 1'
#
loop_
_entity.id
_entity.type
_entity.pdbx_description
1 polymer 'DNA FRAGMENTATION FACTOR 40'
2 polymer 'CHIMERA OF IGG BINDING PROTEIN G AND DNA FRAGMENTATION FACTOR 45'
#
loop_
_entity_poly.entity_id
_entity_poly.type
_entity_poly.pdbx_seq_one_letter_code
_entity_poly.pdbx_strand_id
1 'polypeptide(L)'
;MLQKPKSVKLRALRSPRKFGVAGRSCQEVLRKGCLRFQLPERGSRLCLYEDGTELTEDYFPSVPDNAELVLLTLGQAWQG
HHHHHH
;
A
2 'polypeptide(L)'
;MQYKLILNGKTLKGETTTEAVDAATAEKVFKQYANDNGVDGEWTYDDATKTFTVTESGEIRTLKPCLLRRNYSREQHGVA
ASCLEDLRSKACDILAIDKSLTPVTLVLAEDGTIVDDDDYFLCLPSNTKFVALASNEKWAYNNSD
;
B
#
# COMPACT_ATOMS: atom_id res chain seq x y z
N MET A 1 2.55 -9.63 11.22
CA MET A 1 3.78 -9.31 12.01
C MET A 1 3.38 -8.78 13.39
N LEU A 2 3.02 -7.52 13.47
CA LEU A 2 2.62 -6.95 14.79
C LEU A 2 1.18 -7.34 15.11
N GLN A 3 0.65 -6.81 16.17
CA GLN A 3 -0.76 -7.14 16.53
C GLN A 3 -1.53 -5.85 16.81
N LYS A 4 -1.19 -4.79 16.13
CA LYS A 4 -1.91 -3.51 16.34
C LYS A 4 -1.41 -2.45 15.34
N PRO A 5 -1.55 -2.77 14.08
CA PRO A 5 -1.11 -1.84 13.01
C PRO A 5 -2.10 -0.68 12.86
N LYS A 6 -1.61 0.48 12.53
CA LYS A 6 -2.52 1.65 12.36
C LYS A 6 -2.79 1.88 10.87
N SER A 7 -3.97 2.35 10.54
CA SER A 7 -4.28 2.58 9.09
C SER A 7 -3.67 3.90 8.63
N VAL A 8 -2.66 3.84 7.80
CA VAL A 8 -2.03 5.10 7.31
C VAL A 8 -1.65 4.98 5.83
N LYS A 9 -2.48 5.48 4.95
CA LYS A 9 -2.17 5.40 3.49
C LYS A 9 -1.18 6.51 3.12
N LEU A 10 -0.23 6.22 2.26
CA LEU A 10 0.75 7.27 1.86
C LEU A 10 0.42 7.80 0.46
N ARG A 11 1.09 8.84 0.05
CA ARG A 11 0.82 9.42 -1.30
C ARG A 11 2.12 9.96 -1.92
N ALA A 12 2.07 10.31 -3.18
CA ALA A 12 3.29 10.86 -3.86
C ALA A 12 2.89 12.02 -4.78
N LEU A 13 3.85 12.79 -5.23
CA LEU A 13 3.52 13.93 -6.13
C LEU A 13 4.15 13.73 -7.51
N ARG A 14 5.45 13.62 -7.57
CA ARG A 14 6.11 13.43 -8.90
C ARG A 14 5.34 12.42 -9.74
N SER A 15 5.21 11.21 -9.26
CA SER A 15 4.45 10.18 -10.02
C SER A 15 3.09 9.95 -9.36
N PRO A 16 2.10 9.74 -10.17
CA PRO A 16 0.73 9.51 -9.64
C PRO A 16 0.64 8.12 -9.01
N ARG A 17 1.04 7.99 -7.78
CA ARG A 17 0.97 6.66 -7.10
C ARG A 17 0.67 6.85 -5.61
N LYS A 18 0.10 5.85 -5.00
CA LYS A 18 -0.23 5.96 -3.54
C LYS A 18 0.06 4.64 -2.84
N PHE A 19 0.99 4.62 -1.92
CA PHE A 19 1.32 3.36 -1.21
C PHE A 19 0.56 3.30 0.13
N GLY A 20 -0.31 2.35 0.28
CA GLY A 20 -1.07 2.24 1.57
C GLY A 20 -0.43 1.18 2.46
N VAL A 21 0.01 1.58 3.63
CA VAL A 21 0.63 0.60 4.57
C VAL A 21 0.19 0.91 6.00
N ALA A 22 -0.35 -0.05 6.69
CA ALA A 22 -0.80 0.20 8.09
C ALA A 22 0.23 -0.32 9.09
N GLY A 23 1.24 0.47 9.38
CA GLY A 23 2.28 0.02 10.34
C GLY A 23 2.03 0.66 11.70
N ARG A 24 2.35 -0.03 12.77
CA ARG A 24 2.13 0.53 14.12
C ARG A 24 3.27 1.50 14.47
N SER A 25 4.42 1.31 13.90
CA SER A 25 5.57 2.21 14.20
C SER A 25 5.55 3.42 13.26
N CYS A 26 5.30 4.59 13.80
CA CYS A 26 5.24 5.82 12.95
C CYS A 26 6.48 5.96 12.07
N GLN A 27 7.57 6.45 12.63
CA GLN A 27 8.82 6.62 11.82
C GLN A 27 8.99 5.43 10.87
N GLU A 28 8.69 4.26 11.35
CA GLU A 28 8.82 3.04 10.49
C GLU A 28 7.93 3.15 9.25
N VAL A 29 6.65 3.31 9.44
CA VAL A 29 5.73 3.41 8.27
C VAL A 29 6.32 4.35 7.21
N LEU A 30 6.73 5.52 7.60
CA LEU A 30 7.30 6.48 6.62
C LEU A 30 8.66 5.98 6.11
N ARG A 31 9.57 5.68 7.00
CA ARG A 31 10.91 5.20 6.56
C ARG A 31 10.75 4.17 5.44
N LYS A 32 9.70 3.40 5.47
CA LYS A 32 9.50 2.38 4.40
C LYS A 32 8.99 3.05 3.12
N GLY A 33 7.73 3.38 3.07
CA GLY A 33 7.17 4.03 1.86
C GLY A 33 8.05 5.21 1.46
N CYS A 34 8.29 6.12 2.37
CA CYS A 34 9.15 7.29 2.04
C CYS A 34 10.42 6.85 1.30
N LEU A 35 11.15 5.93 1.86
CA LEU A 35 12.39 5.46 1.18
C LEU A 35 12.06 4.88 -0.19
N ARG A 36 10.91 4.26 -0.32
CA ARG A 36 10.53 3.68 -1.63
C ARG A 36 10.46 4.78 -2.69
N PHE A 37 9.98 5.93 -2.32
CA PHE A 37 9.89 7.04 -3.30
C PHE A 37 11.28 7.59 -3.60
N GLN A 38 12.28 7.13 -2.88
CA GLN A 38 13.66 7.62 -3.13
C GLN A 38 13.71 9.14 -2.99
N LEU A 39 13.49 9.65 -1.81
CA LEU A 39 13.52 11.13 -1.60
C LEU A 39 14.39 11.48 -0.39
N PRO A 40 15.40 12.28 -0.64
CA PRO A 40 16.31 12.71 0.45
C PRO A 40 15.62 13.77 1.32
N GLU A 41 16.25 14.17 2.40
CA GLU A 41 15.63 15.21 3.28
C GLU A 41 15.72 16.59 2.63
N ARG A 42 16.83 17.24 2.74
CA ARG A 42 16.97 18.59 2.13
C ARG A 42 16.47 18.58 0.69
N GLY A 43 16.84 17.57 -0.08
CA GLY A 43 16.40 17.50 -1.50
C GLY A 43 14.87 17.33 -1.55
N SER A 44 14.33 16.45 -0.75
CA SER A 44 12.85 16.23 -0.78
C SER A 44 12.27 16.35 0.63
N ARG A 45 11.15 17.01 0.77
CA ARG A 45 10.54 17.16 2.12
C ARG A 45 9.19 16.45 2.17
N LEU A 46 8.92 15.73 3.21
CA LEU A 46 7.61 15.01 3.31
C LEU A 46 6.60 15.88 4.06
N CYS A 47 5.40 15.98 3.55
CA CYS A 47 4.37 16.81 4.24
C CYS A 47 2.98 16.17 4.10
N LEU A 48 1.98 16.74 4.73
CA LEU A 48 0.62 16.15 4.65
C LEU A 48 -0.08 16.56 3.34
N TYR A 49 -1.28 16.11 3.13
CA TYR A 49 -2.00 16.47 1.87
C TYR A 49 -2.82 17.75 2.08
N GLU A 50 -3.77 17.73 2.98
CA GLU A 50 -4.60 18.94 3.21
C GLU A 50 -3.71 20.18 3.41
N ASP A 51 -2.95 20.20 4.47
CA ASP A 51 -2.06 21.37 4.72
C ASP A 51 -0.72 21.18 4.00
N GLY A 52 -0.09 20.06 4.20
CA GLY A 52 1.22 19.80 3.52
C GLY A 52 2.26 20.80 4.05
N THR A 53 1.95 21.53 5.09
CA THR A 53 2.93 22.51 5.62
C THR A 53 4.22 21.80 6.07
N GLU A 54 4.22 21.14 7.19
CA GLU A 54 5.47 20.45 7.64
C GLU A 54 5.13 19.10 8.28
N LEU A 55 5.93 18.10 8.03
CA LEU A 55 5.67 16.75 8.63
C LEU A 55 6.98 16.10 9.07
N THR A 56 7.17 15.92 10.35
CA THR A 56 8.43 15.29 10.82
C THR A 56 8.27 13.77 10.91
N GLU A 57 9.20 13.04 10.35
CA GLU A 57 9.11 11.55 10.39
C GLU A 57 8.98 11.07 11.85
N ASP A 58 9.42 11.86 12.78
CA ASP A 58 9.33 11.44 14.21
C ASP A 58 7.93 10.95 14.54
N TYR A 59 6.97 11.83 14.58
CA TYR A 59 5.57 11.41 14.89
C TYR A 59 4.58 12.09 13.94
N PHE A 60 3.34 11.71 14.00
CA PHE A 60 2.32 12.33 13.10
C PHE A 60 1.72 13.58 13.76
N PRO A 61 1.17 14.43 12.94
CA PRO A 61 0.55 15.68 13.43
C PRO A 61 -0.79 15.39 14.13
N SER A 62 -0.75 14.77 15.27
CA SER A 62 -2.01 14.45 16.00
C SER A 62 -2.99 13.71 15.09
N VAL A 63 -2.49 13.07 14.07
CA VAL A 63 -3.41 12.31 13.15
C VAL A 63 -3.04 10.82 13.14
N PRO A 64 -3.47 10.14 14.16
CA PRO A 64 -3.18 8.70 14.29
C PRO A 64 -4.13 7.88 13.39
N ASP A 65 -5.40 8.19 13.41
CA ASP A 65 -6.37 7.43 12.56
C ASP A 65 -5.78 7.17 11.18
N ASN A 66 -5.46 8.21 10.45
CA ASN A 66 -4.89 8.03 9.08
C ASN A 66 -3.78 9.05 8.82
N ALA A 67 -2.81 8.69 8.04
CA ALA A 67 -1.70 9.65 7.74
C ALA A 67 -1.47 9.73 6.23
N GLU A 68 -2.25 10.52 5.54
CA GLU A 68 -2.08 10.64 4.06
C GLU A 68 -0.98 11.65 3.75
N LEU A 69 0.25 11.25 3.85
CA LEU A 69 1.38 12.20 3.56
C LEU A 69 1.74 12.16 2.08
N VAL A 70 1.82 13.31 1.46
CA VAL A 70 2.18 13.36 0.02
C VAL A 70 3.63 13.81 -0.15
N LEU A 71 4.48 12.94 -0.63
CA LEU A 71 5.91 13.32 -0.80
C LEU A 71 6.01 14.65 -1.57
N LEU A 72 6.80 15.57 -1.09
CA LEU A 72 6.93 16.88 -1.79
C LEU A 72 8.40 17.32 -1.83
N THR A 73 8.94 17.52 -3.00
CA THR A 73 10.36 17.98 -3.10
C THR A 73 10.45 19.16 -4.06
N LEU A 74 10.15 20.34 -3.60
CA LEU A 74 10.22 21.53 -4.50
C LEU A 74 10.66 22.75 -3.70
N GLY A 75 10.91 23.86 -4.37
CA GLY A 75 11.33 25.08 -3.64
C GLY A 75 10.15 25.63 -2.84
N GLN A 76 8.95 25.20 -3.14
CA GLN A 76 7.77 25.70 -2.40
C GLN A 76 7.14 24.57 -1.59
N ALA A 77 6.38 24.89 -0.57
CA ALA A 77 5.74 23.83 0.26
C ALA A 77 4.39 23.45 -0.35
N TRP A 78 3.83 22.35 0.08
CA TRP A 78 2.50 21.92 -0.48
C TRP A 78 1.37 22.71 0.19
N GLN A 79 0.40 23.10 -0.56
CA GLN A 79 -0.73 23.88 0.03
C GLN A 79 -2.06 23.43 -0.60
N GLY A 80 -2.46 22.21 -0.36
CA GLY A 80 -3.74 21.71 -0.94
C GLY A 80 -4.91 22.19 -0.08
N HIS A 81 -5.40 23.38 -0.33
CA HIS A 81 -6.55 23.89 0.47
C HIS A 81 -7.86 23.72 -0.30
N SER B 57 4.13 -28.13 15.24
CA SER B 57 4.66 -27.01 14.42
C SER B 57 4.63 -27.38 12.93
N GLY B 58 3.48 -27.69 12.40
CA GLY B 58 3.39 -28.06 10.96
C GLY B 58 2.57 -27.00 10.22
N GLU B 59 1.36 -26.76 10.67
CA GLU B 59 0.51 -25.74 10.00
C GLU B 59 0.98 -24.33 10.38
N ILE B 60 0.52 -23.34 9.67
CA ILE B 60 0.95 -21.95 10.01
C ILE B 60 0.15 -21.42 11.20
N ARG B 61 0.69 -20.46 11.90
CA ARG B 61 -0.04 -19.91 13.08
C ARG B 61 -0.92 -18.73 12.65
N THR B 62 -0.33 -17.70 12.12
CA THR B 62 -1.14 -16.53 11.68
C THR B 62 -1.44 -16.64 10.18
N LEU B 63 -2.38 -17.46 9.81
CA LEU B 63 -2.71 -17.61 8.37
C LEU B 63 -4.01 -16.88 8.04
N LYS B 64 -4.04 -16.15 6.96
CA LYS B 64 -5.28 -15.42 6.59
C LYS B 64 -5.64 -15.68 5.12
N PRO B 65 -6.67 -16.45 4.93
CA PRO B 65 -7.12 -16.80 3.56
C PRO B 65 -7.78 -15.58 2.90
N CYS B 66 -7.08 -14.91 2.04
CA CYS B 66 -7.65 -13.72 1.37
C CYS B 66 -8.08 -14.05 -0.06
N LEU B 67 -8.69 -13.13 -0.74
CA LEU B 67 -9.12 -13.41 -2.15
C LEU B 67 -8.35 -12.52 -3.12
N LEU B 68 -7.79 -13.11 -4.15
CA LEU B 68 -7.03 -12.30 -5.14
C LEU B 68 -7.76 -12.32 -6.49
N ARG B 69 -7.27 -11.60 -7.46
CA ARG B 69 -7.96 -11.60 -8.80
C ARG B 69 -6.93 -11.56 -9.93
N ARG B 70 -7.38 -11.69 -11.15
CA ARG B 70 -6.44 -11.66 -12.30
C ARG B 70 -6.76 -10.45 -13.19
N ASN B 71 -5.82 -10.04 -14.01
CA ASN B 71 -6.08 -8.86 -14.89
C ASN B 71 -6.89 -9.30 -16.12
N TYR B 72 -6.76 -10.53 -16.52
CA TYR B 72 -7.53 -11.01 -17.71
C TYR B 72 -8.89 -11.56 -17.28
N SER B 73 -8.94 -12.23 -16.16
CA SER B 73 -10.24 -12.80 -15.69
C SER B 73 -10.97 -11.79 -14.80
N ARG B 74 -12.24 -11.57 -15.04
CA ARG B 74 -13.01 -10.60 -14.22
C ARG B 74 -13.62 -11.32 -13.00
N GLU B 75 -13.41 -12.60 -12.89
CA GLU B 75 -13.97 -13.37 -11.74
C GLU B 75 -13.06 -13.20 -10.51
N GLN B 76 -13.57 -13.44 -9.34
CA GLN B 76 -12.73 -13.29 -8.12
C GLN B 76 -11.99 -14.61 -7.82
N HIS B 77 -10.78 -14.52 -7.34
CA HIS B 77 -10.00 -15.74 -7.04
C HIS B 77 -9.83 -15.88 -5.52
N GLY B 78 -9.25 -16.95 -5.06
CA GLY B 78 -9.05 -17.13 -3.60
C GLY B 78 -7.67 -17.74 -3.34
N VAL B 79 -6.95 -17.22 -2.36
CA VAL B 79 -5.61 -17.77 -2.05
C VAL B 79 -5.38 -17.84 -0.54
N ALA B 80 -4.28 -18.40 -0.11
CA ALA B 80 -4.01 -18.49 1.35
C ALA B 80 -2.56 -18.11 1.64
N ALA B 81 -2.32 -16.90 2.07
CA ALA B 81 -0.92 -16.47 2.36
C ALA B 81 -0.87 -15.62 3.63
N SER B 82 0.18 -15.73 4.40
CA SER B 82 0.28 -14.92 5.64
C SER B 82 0.98 -13.60 5.35
N CYS B 83 1.85 -13.57 4.37
CA CYS B 83 2.57 -12.31 4.04
C CYS B 83 2.41 -11.99 2.54
N LEU B 84 2.51 -10.73 2.18
CA LEU B 84 2.36 -10.35 0.75
C LEU B 84 3.21 -11.28 -0.13
N GLU B 85 4.50 -11.27 0.05
CA GLU B 85 5.38 -12.14 -0.77
C GLU B 85 4.74 -13.53 -0.92
N ASP B 86 4.13 -14.03 0.11
CA ASP B 86 3.50 -15.37 0.02
C ASP B 86 2.21 -15.30 -0.82
N LEU B 87 1.43 -14.27 -0.62
CA LEU B 87 0.17 -14.13 -1.40
C LEU B 87 0.47 -14.21 -2.90
N ARG B 88 1.45 -13.48 -3.36
CA ARG B 88 1.79 -13.51 -4.81
C ARG B 88 2.17 -14.94 -5.22
N SER B 89 3.28 -15.42 -4.74
CA SER B 89 3.70 -16.80 -5.10
C SER B 89 2.51 -17.76 -5.06
N LYS B 90 1.86 -17.85 -3.93
CA LYS B 90 0.68 -18.76 -3.82
C LYS B 90 -0.41 -18.31 -4.80
N ALA B 91 -0.50 -17.04 -5.06
CA ALA B 91 -1.54 -16.55 -6.02
C ALA B 91 -1.09 -16.81 -7.45
N CYS B 92 0.16 -17.11 -7.66
CA CYS B 92 0.66 -17.37 -9.03
C CYS B 92 0.34 -18.81 -9.44
N ASP B 93 0.55 -19.75 -8.56
CA ASP B 93 0.26 -21.17 -8.91
C ASP B 93 -1.26 -21.43 -8.84
N ILE B 94 -1.93 -20.85 -7.87
CA ILE B 94 -3.40 -21.07 -7.76
C ILE B 94 -4.11 -20.33 -8.89
N LEU B 95 -3.65 -19.16 -9.23
CA LEU B 95 -4.29 -18.39 -10.34
C LEU B 95 -4.15 -19.14 -11.65
N ALA B 96 -3.19 -20.01 -11.74
CA ALA B 96 -2.99 -20.78 -13.01
C ALA B 96 -2.83 -19.83 -14.19
N ILE B 97 -1.87 -18.95 -14.14
CA ILE B 97 -1.66 -17.99 -15.27
C ILE B 97 -0.38 -18.35 -16.03
N ASP B 98 -0.30 -17.98 -17.27
CA ASP B 98 0.91 -18.30 -18.08
C ASP B 98 1.84 -17.09 -18.15
N LYS B 99 1.33 -15.92 -17.88
CA LYS B 99 2.18 -14.70 -17.93
C LYS B 99 2.88 -14.48 -16.58
N SER B 100 3.16 -15.53 -15.87
CA SER B 100 3.84 -15.38 -14.55
C SER B 100 5.14 -14.59 -14.70
N LEU B 101 5.64 -14.46 -15.90
CA LEU B 101 6.91 -13.71 -16.10
C LEU B 101 6.69 -12.20 -15.93
N THR B 102 5.52 -11.78 -15.56
CA THR B 102 5.27 -10.32 -15.39
C THR B 102 5.16 -9.98 -13.90
N PRO B 103 5.73 -8.86 -13.55
CA PRO B 103 5.70 -8.40 -12.14
C PRO B 103 4.30 -7.91 -11.79
N VAL B 104 3.52 -8.73 -11.13
CA VAL B 104 2.13 -8.31 -10.77
C VAL B 104 2.12 -7.54 -9.45
N THR B 105 1.72 -6.30 -9.48
CA THR B 105 1.67 -5.49 -8.24
C THR B 105 0.35 -5.75 -7.50
N LEU B 106 0.19 -5.19 -6.34
CA LEU B 106 -1.07 -5.41 -5.58
C LEU B 106 -1.76 -4.08 -5.29
N VAL B 107 -3.06 -4.03 -5.38
CA VAL B 107 -3.79 -2.76 -5.10
C VAL B 107 -5.07 -3.06 -4.31
N LEU B 108 -5.76 -2.05 -3.88
CA LEU B 108 -7.01 -2.27 -3.10
C LEU B 108 -8.25 -1.92 -3.93
N ALA B 109 -9.16 -2.83 -4.07
CA ALA B 109 -10.39 -2.54 -4.87
C ALA B 109 -11.15 -1.36 -4.25
N GLU B 110 -10.93 -1.09 -2.99
CA GLU B 110 -11.62 0.05 -2.34
C GLU B 110 -10.80 1.33 -2.47
N ASP B 111 -9.64 1.36 -1.88
CA ASP B 111 -8.79 2.59 -1.97
C ASP B 111 -7.95 2.55 -3.25
N GLY B 112 -7.63 1.39 -3.72
CA GLY B 112 -6.82 1.28 -4.98
C GLY B 112 -5.37 1.68 -4.70
N THR B 113 -4.93 1.59 -3.47
CA THR B 113 -3.53 1.97 -3.17
C THR B 113 -2.67 0.71 -3.03
N ILE B 114 -1.46 0.74 -3.55
CA ILE B 114 -0.59 -0.46 -3.45
C ILE B 114 0.04 -0.55 -2.06
N VAL B 115 0.07 -1.72 -1.50
CA VAL B 115 0.66 -1.90 -0.14
C VAL B 115 1.96 -2.69 -0.24
N ASP B 116 3.09 -2.02 -0.22
CA ASP B 116 4.39 -2.74 -0.32
C ASP B 116 4.73 -3.42 1.00
N ASP B 117 3.86 -3.33 1.98
CA ASP B 117 4.14 -3.97 3.29
C ASP B 117 2.96 -4.86 3.71
N ASP B 118 3.23 -5.95 4.38
CA ASP B 118 2.13 -6.84 4.82
C ASP B 118 1.24 -6.12 5.83
N ASP B 119 1.66 -4.98 6.29
CA ASP B 119 0.85 -4.21 7.28
C ASP B 119 -0.64 -4.29 6.95
N TYR B 120 -1.09 -3.54 5.98
CA TYR B 120 -2.53 -3.57 5.61
C TYR B 120 -2.92 -4.96 5.14
N PHE B 121 -2.03 -5.66 4.49
CA PHE B 121 -2.37 -7.03 4.01
C PHE B 121 -2.79 -7.91 5.19
N LEU B 122 -2.32 -7.61 6.37
CA LEU B 122 -2.68 -8.42 7.56
C LEU B 122 -3.69 -7.67 8.43
N CYS B 123 -3.64 -6.36 8.40
CA CYS B 123 -4.60 -5.58 9.24
C CYS B 123 -6.03 -5.84 8.78
N LEU B 124 -6.20 -6.36 7.59
CA LEU B 124 -7.59 -6.63 7.09
C LEU B 124 -8.08 -7.98 7.63
N PRO B 125 -9.36 -8.17 7.51
CA PRO B 125 -9.97 -9.44 7.99
C PRO B 125 -9.60 -10.60 7.08
N SER B 126 -9.98 -11.80 7.44
CA SER B 126 -9.64 -12.98 6.59
C SER B 126 -10.25 -12.81 5.21
N ASN B 127 -11.51 -12.50 5.15
CA ASN B 127 -12.19 -12.32 3.83
C ASN B 127 -11.88 -10.93 3.27
N THR B 128 -10.95 -10.84 2.35
CA THR B 128 -10.61 -9.51 1.76
C THR B 128 -10.41 -9.65 0.26
N LYS B 129 -10.79 -8.65 -0.50
CA LYS B 129 -10.63 -8.74 -1.98
C LYS B 129 -9.41 -7.92 -2.44
N PHE B 130 -8.62 -8.47 -3.32
CA PHE B 130 -7.42 -7.74 -3.82
C PHE B 130 -7.33 -7.84 -5.33
N VAL B 131 -6.45 -7.10 -5.94
CA VAL B 131 -6.30 -7.16 -7.43
C VAL B 131 -4.82 -7.08 -7.81
N ALA B 132 -4.42 -7.85 -8.79
CA ALA B 132 -2.98 -7.81 -9.21
C ALA B 132 -2.87 -7.45 -10.69
N LEU B 133 -2.10 -6.44 -11.01
CA LEU B 133 -1.96 -6.05 -12.44
C LEU B 133 -0.85 -6.86 -13.11
N ALA B 134 -1.21 -7.68 -14.05
CA ALA B 134 -0.19 -8.50 -14.78
C ALA B 134 0.50 -7.64 -15.83
N SER B 135 1.32 -8.25 -16.65
CA SER B 135 2.04 -7.47 -17.72
C SER B 135 1.14 -6.34 -18.24
N ASN B 136 -0.14 -6.56 -18.26
CA ASN B 136 -1.07 -5.49 -18.72
C ASN B 136 -1.31 -4.50 -17.59
N GLU B 137 -0.65 -3.37 -17.63
CA GLU B 137 -0.81 -2.36 -16.55
C GLU B 137 -2.25 -1.84 -16.45
N LYS B 138 -3.15 -2.30 -17.29
CA LYS B 138 -4.56 -1.80 -17.20
C LYS B 138 -5.11 -1.97 -15.78
N TRP B 139 -4.89 -1.00 -14.94
CA TRP B 139 -5.38 -1.08 -13.54
C TRP B 139 -6.65 -0.24 -13.38
N ALA B 140 -7.37 -0.45 -12.31
CA ALA B 140 -8.62 0.34 -12.10
C ALA B 140 -8.34 1.57 -11.23
N TYR B 141 -8.31 2.73 -11.83
CA TYR B 141 -8.03 3.97 -11.04
C TYR B 141 -9.31 4.78 -10.87
N ASN B 142 -9.67 5.11 -9.66
CA ASN B 142 -10.92 5.90 -9.44
C ASN B 142 -10.58 7.39 -9.30
N ASN B 143 -11.36 8.25 -9.91
CA ASN B 143 -11.07 9.72 -9.81
C ASN B 143 -12.30 10.43 -9.23
N SER B 144 -12.16 11.04 -8.08
CA SER B 144 -13.32 11.74 -7.46
C SER B 144 -13.47 13.14 -8.08
N ASP B 145 -14.54 13.35 -8.82
CA ASP B 145 -14.75 14.68 -9.45
C ASP B 145 -15.11 15.72 -8.38
N MET A 1 0.71 -0.21 20.89
CA MET A 1 1.74 -1.29 20.98
C MET A 1 1.08 -2.66 20.77
N LEU A 2 -0.22 -2.70 20.67
CA LEU A 2 -0.92 -3.99 20.47
C LEU A 2 -0.30 -4.76 19.31
N GLN A 3 -0.91 -5.84 18.93
CA GLN A 3 -0.38 -6.64 17.80
C GLN A 3 -1.10 -6.23 16.52
N LYS A 4 -1.48 -4.99 16.44
CA LYS A 4 -2.20 -4.48 15.24
C LYS A 4 -1.66 -3.11 14.85
N PRO A 5 -1.17 -3.01 13.64
CA PRO A 5 -0.61 -1.72 13.15
C PRO A 5 -1.74 -0.73 12.87
N LYS A 6 -1.40 0.49 12.53
CA LYS A 6 -2.46 1.50 12.25
C LYS A 6 -2.65 1.65 10.74
N SER A 7 -3.84 2.00 10.33
CA SER A 7 -4.10 2.17 8.87
C SER A 7 -3.65 3.56 8.40
N VAL A 8 -2.58 3.62 7.65
CA VAL A 8 -2.10 4.95 7.17
C VAL A 8 -1.64 4.85 5.71
N LYS A 9 -2.45 5.35 4.79
CA LYS A 9 -2.07 5.28 3.35
C LYS A 9 -1.10 6.44 3.02
N LEU A 10 -0.38 6.34 1.94
CA LEU A 10 0.57 7.42 1.57
C LEU A 10 0.25 7.98 0.18
N ARG A 11 0.86 9.08 -0.19
CA ARG A 11 0.60 9.67 -1.53
C ARG A 11 1.87 10.32 -2.09
N ALA A 12 1.88 10.62 -3.36
CA ALA A 12 3.07 11.26 -3.98
C ALA A 12 2.63 12.43 -4.87
N LEU A 13 3.53 13.30 -5.23
CA LEU A 13 3.13 14.45 -6.10
C LEU A 13 3.72 14.29 -7.51
N ARG A 14 5.02 14.22 -7.63
CA ARG A 14 5.64 14.06 -8.97
C ARG A 14 4.90 12.99 -9.77
N SER A 15 4.88 11.78 -9.27
CA SER A 15 4.16 10.69 -10.01
C SER A 15 2.83 10.38 -9.33
N PRO A 16 1.82 10.17 -10.15
CA PRO A 16 0.47 9.86 -9.62
C PRO A 16 0.43 8.44 -9.07
N ARG A 17 0.83 8.27 -7.84
CA ARG A 17 0.82 6.90 -7.23
C ARG A 17 0.48 7.00 -5.74
N LYS A 18 -0.07 5.96 -5.17
CA LYS A 18 -0.41 6.00 -3.72
C LYS A 18 -0.10 4.66 -3.05
N PHE A 19 0.83 4.66 -2.14
CA PHE A 19 1.18 3.38 -1.44
C PHE A 19 0.44 3.30 -0.11
N GLY A 20 -0.27 2.25 0.13
CA GLY A 20 -1.01 2.13 1.42
C GLY A 20 -0.36 1.06 2.30
N VAL A 21 0.11 1.44 3.46
CA VAL A 21 0.76 0.47 4.38
C VAL A 21 0.36 0.75 5.82
N ALA A 22 -0.20 -0.20 6.50
CA ALA A 22 -0.62 0.03 7.91
C ALA A 22 0.32 -0.67 8.88
N GLY A 23 1.23 0.04 9.46
CA GLY A 23 2.19 -0.59 10.43
C GLY A 23 2.04 0.05 11.80
N ARG A 24 2.38 -0.67 12.84
CA ARG A 24 2.26 -0.09 14.21
C ARG A 24 3.42 0.86 14.48
N SER A 25 4.52 0.69 13.78
CA SER A 25 5.69 1.59 13.99
C SER A 25 5.59 2.80 13.07
N CYS A 26 5.28 3.95 13.61
CA CYS A 26 5.14 5.19 12.78
C CYS A 26 6.44 5.48 12.02
N GLN A 27 7.39 6.10 12.67
CA GLN A 27 8.68 6.42 11.97
C GLN A 27 9.08 5.28 11.03
N GLU A 28 8.90 4.07 11.46
CA GLU A 28 9.25 2.91 10.60
C GLU A 28 8.42 2.94 9.30
N VAL A 29 7.12 2.91 9.42
CA VAL A 29 6.26 2.93 8.19
C VAL A 29 6.71 4.05 7.26
N LEU A 30 6.69 5.28 7.71
CA LEU A 30 7.11 6.41 6.84
C LEU A 30 8.45 6.10 6.18
N ARG A 31 9.42 5.69 6.95
CA ARG A 31 10.76 5.38 6.38
C ARG A 31 10.62 4.46 5.16
N LYS A 32 9.81 3.44 5.28
CA LYS A 32 9.63 2.50 4.13
C LYS A 32 9.05 3.25 2.92
N GLY A 33 7.77 3.48 2.90
CA GLY A 33 7.16 4.21 1.74
C GLY A 33 8.03 5.40 1.37
N CYS A 34 8.39 6.21 2.33
CA CYS A 34 9.23 7.40 2.02
C CYS A 34 10.48 6.99 1.23
N LEU A 35 11.19 6.00 1.71
CA LEU A 35 12.41 5.56 0.98
C LEU A 35 12.05 5.10 -0.43
N ARG A 36 10.90 4.50 -0.60
CA ARG A 36 10.48 4.05 -1.95
C ARG A 36 10.41 5.24 -2.91
N PHE A 37 10.05 6.39 -2.40
CA PHE A 37 9.96 7.60 -3.25
C PHE A 37 11.36 8.13 -3.57
N GLN A 38 12.36 7.61 -2.93
CA GLN A 38 13.75 8.09 -3.19
C GLN A 38 13.83 9.60 -2.99
N LEU A 39 13.33 10.08 -1.87
CA LEU A 39 13.38 11.56 -1.61
C LEU A 39 14.29 11.86 -0.42
N PRO A 40 15.31 12.64 -0.67
CA PRO A 40 16.27 13.01 0.40
C PRO A 40 15.62 14.02 1.35
N GLU A 41 16.30 14.37 2.41
CA GLU A 41 15.73 15.36 3.37
C GLU A 41 15.73 16.76 2.76
N ARG A 42 16.84 17.43 2.79
CA ARG A 42 16.91 18.81 2.22
C ARG A 42 16.34 18.81 0.80
N GLY A 43 16.70 17.86 0.00
CA GLY A 43 16.18 17.82 -1.40
C GLY A 43 14.66 17.65 -1.39
N SER A 44 14.15 16.76 -0.58
CA SER A 44 12.68 16.56 -0.53
C SER A 44 12.18 16.51 0.91
N ARG A 45 11.05 17.08 1.19
CA ARG A 45 10.51 17.07 2.58
C ARG A 45 9.14 16.42 2.62
N LEU A 46 8.91 15.55 3.56
CA LEU A 46 7.58 14.88 3.64
C LEU A 46 6.57 15.79 4.35
N CYS A 47 5.39 15.92 3.83
CA CYS A 47 4.37 16.80 4.48
C CYS A 47 2.97 16.17 4.37
N LEU A 48 1.99 16.80 4.95
CA LEU A 48 0.61 16.23 4.90
C LEU A 48 -0.05 16.56 3.56
N TYR A 49 -1.27 16.13 3.37
CA TYR A 49 -1.98 16.40 2.09
C TYR A 49 -2.74 17.73 2.16
N GLU A 50 -3.73 17.81 3.01
CA GLU A 50 -4.52 19.07 3.12
C GLU A 50 -3.60 20.26 3.44
N ASP A 51 -2.99 20.25 4.59
CA ASP A 51 -2.08 21.38 4.95
C ASP A 51 -0.72 21.18 4.29
N GLY A 52 -0.18 20.00 4.37
CA GLY A 52 1.16 19.74 3.75
C GLY A 52 2.18 20.72 4.32
N THR A 53 1.88 21.36 5.43
CA THR A 53 2.84 22.32 6.02
C THR A 53 4.13 21.61 6.44
N GLU A 54 4.14 20.89 7.53
CA GLU A 54 5.38 20.18 7.97
C GLU A 54 5.05 18.80 8.53
N LEU A 55 5.86 17.83 8.26
CA LEU A 55 5.59 16.46 8.80
C LEU A 55 6.90 15.80 9.24
N THR A 56 7.04 15.50 10.50
CA THR A 56 8.28 14.85 10.99
C THR A 56 8.12 13.33 11.01
N GLU A 57 8.82 12.64 10.16
CA GLU A 57 8.69 11.15 10.13
C GLU A 57 8.66 10.59 11.55
N ASP A 58 9.27 11.26 12.49
CA ASP A 58 9.27 10.77 13.89
C ASP A 58 7.88 10.27 14.28
N TYR A 59 6.89 11.14 14.28
CA TYR A 59 5.52 10.71 14.66
C TYR A 59 4.49 11.38 13.76
N PHE A 60 3.26 10.91 13.79
CA PHE A 60 2.20 11.52 12.94
C PHE A 60 1.65 12.78 13.60
N PRO A 61 1.16 13.68 12.79
CA PRO A 61 0.59 14.95 13.30
C PRO A 61 -0.77 14.70 13.95
N SER A 62 -0.78 14.27 15.18
CA SER A 62 -2.07 14.01 15.88
C SER A 62 -3.06 13.31 14.94
N VAL A 63 -2.57 12.45 14.08
CA VAL A 63 -3.49 11.73 13.14
C VAL A 63 -3.12 10.24 13.10
N PRO A 64 -3.58 9.53 14.10
CA PRO A 64 -3.29 8.08 14.19
C PRO A 64 -4.19 7.29 13.24
N ASP A 65 -5.47 7.54 13.26
CA ASP A 65 -6.40 6.79 12.36
C ASP A 65 -5.81 6.65 10.96
N ASN A 66 -5.56 7.75 10.29
CA ASN A 66 -4.99 7.66 8.92
C ASN A 66 -3.95 8.76 8.70
N ALA A 67 -2.82 8.42 8.17
CA ALA A 67 -1.76 9.44 7.92
C ALA A 67 -1.51 9.56 6.42
N GLU A 68 -2.36 10.25 5.71
CA GLU A 68 -2.17 10.40 4.24
C GLU A 68 -1.14 11.50 3.94
N LEU A 69 0.12 11.18 4.03
CA LEU A 69 1.17 12.20 3.75
C LEU A 69 1.53 12.21 2.27
N VAL A 70 1.68 13.36 1.68
CA VAL A 70 2.04 13.44 0.24
C VAL A 70 3.47 13.91 0.09
N LEU A 71 4.31 13.13 -0.55
CA LEU A 71 5.73 13.54 -0.71
C LEU A 71 5.78 14.97 -1.27
N LEU A 72 6.56 15.82 -0.65
CA LEU A 72 6.64 17.24 -1.12
C LEU A 72 8.10 17.66 -1.29
N THR A 73 8.49 17.99 -2.48
CA THR A 73 9.90 18.43 -2.71
C THR A 73 9.96 19.45 -3.85
N LEU A 74 9.66 20.68 -3.57
CA LEU A 74 9.70 21.72 -4.65
C LEU A 74 10.14 23.05 -4.03
N GLY A 75 10.62 23.97 -4.82
CA GLY A 75 11.06 25.28 -4.28
C GLY A 75 10.05 25.78 -3.22
N GLN A 76 8.83 25.35 -3.31
CA GLN A 76 7.81 25.79 -2.31
C GLN A 76 7.14 24.59 -1.66
N ALA A 77 6.56 24.77 -0.51
CA ALA A 77 5.88 23.64 0.18
C ALA A 77 4.49 23.40 -0.41
N TRP A 78 3.90 22.27 -0.11
CA TRP A 78 2.53 21.98 -0.66
C TRP A 78 1.47 22.65 0.20
N GLN A 79 0.43 23.15 -0.41
CA GLN A 79 -0.65 23.82 0.36
C GLN A 79 -2.01 23.52 -0.24
N GLY A 80 -2.44 22.29 -0.18
CA GLY A 80 -3.77 21.93 -0.76
C GLY A 80 -4.86 22.09 0.30
N HIS A 81 -5.40 23.27 0.43
CA HIS A 81 -6.47 23.49 1.45
C HIS A 81 -7.80 22.90 0.96
N SER B 57 -2.80 -27.42 20.14
CA SER B 57 -1.88 -26.93 19.07
C SER B 57 -2.36 -27.45 17.70
N GLY B 58 -3.61 -27.28 17.39
CA GLY B 58 -4.14 -27.77 16.08
C GLY B 58 -4.56 -26.56 15.24
N GLU B 59 -4.93 -25.49 15.88
CA GLU B 59 -5.36 -24.28 15.12
C GLU B 59 -4.16 -23.65 14.42
N ILE B 60 -4.40 -22.76 13.49
CA ILE B 60 -3.26 -22.12 12.77
C ILE B 60 -2.65 -21.01 13.64
N ARG B 61 -1.44 -20.61 13.33
CA ARG B 61 -0.80 -19.54 14.13
C ARG B 61 -1.11 -18.16 13.56
N THR B 62 -0.66 -17.89 12.37
CA THR B 62 -0.94 -16.55 11.75
C THR B 62 -1.24 -16.71 10.27
N LEU B 63 -2.45 -17.06 9.92
CA LEU B 63 -2.80 -17.24 8.49
C LEU B 63 -4.00 -16.34 8.13
N LYS B 64 -3.99 -15.76 6.96
CA LYS B 64 -5.12 -14.88 6.55
C LYS B 64 -5.57 -15.23 5.13
N PRO B 65 -6.65 -15.96 5.06
CA PRO B 65 -7.20 -16.38 3.75
C PRO B 65 -7.82 -15.18 3.03
N CYS B 66 -7.10 -14.59 2.11
CA CYS B 66 -7.64 -13.42 1.37
C CYS B 66 -8.11 -13.85 -0.02
N LEU B 67 -8.70 -12.95 -0.77
CA LEU B 67 -9.17 -13.31 -2.13
C LEU B 67 -8.46 -12.44 -3.17
N LEU B 68 -7.69 -13.05 -4.04
CA LEU B 68 -6.97 -12.26 -5.08
C LEU B 68 -7.75 -12.30 -6.40
N ARG B 69 -7.30 -11.60 -7.40
CA ARG B 69 -8.02 -11.61 -8.70
C ARG B 69 -7.02 -11.60 -9.86
N ARG B 70 -7.50 -11.76 -11.06
CA ARG B 70 -6.59 -11.75 -12.24
C ARG B 70 -6.98 -10.61 -13.18
N ASN B 71 -6.02 -9.95 -13.77
CA ASN B 71 -6.34 -8.83 -14.69
C ASN B 71 -7.17 -9.32 -15.88
N TYR B 72 -6.99 -10.55 -16.26
CA TYR B 72 -7.77 -11.09 -17.41
C TYR B 72 -9.09 -11.72 -16.94
N SER B 73 -9.03 -12.56 -15.94
CA SER B 73 -10.29 -13.19 -15.45
C SER B 73 -11.04 -12.24 -14.53
N ARG B 74 -12.31 -12.03 -14.78
CA ARG B 74 -13.11 -11.11 -13.93
C ARG B 74 -13.66 -11.85 -12.71
N GLU B 75 -13.36 -13.10 -12.58
CA GLU B 75 -13.87 -13.88 -11.41
C GLU B 75 -13.00 -13.62 -10.18
N GLN B 76 -13.53 -13.85 -9.01
CA GLN B 76 -12.72 -13.61 -7.77
C GLN B 76 -11.92 -14.87 -7.41
N HIS B 77 -10.73 -14.69 -6.90
CA HIS B 77 -9.90 -15.87 -6.55
C HIS B 77 -9.75 -15.95 -5.03
N GLY B 78 -9.32 -17.06 -4.52
CA GLY B 78 -9.16 -17.18 -3.03
C GLY B 78 -7.87 -17.95 -2.71
N VAL B 79 -7.06 -17.42 -1.86
CA VAL B 79 -5.79 -18.12 -1.49
C VAL B 79 -5.52 -17.98 0.01
N ALA B 80 -4.51 -18.63 0.50
CA ALA B 80 -4.20 -18.54 1.96
C ALA B 80 -2.73 -18.19 2.17
N ALA B 81 -2.44 -16.96 2.47
CA ALA B 81 -1.02 -16.54 2.69
C ALA B 81 -0.93 -15.57 3.86
N SER B 82 0.08 -15.71 4.68
CA SER B 82 0.23 -14.79 5.84
C SER B 82 1.07 -13.57 5.44
N CYS B 83 1.78 -13.65 4.36
CA CYS B 83 2.62 -12.50 3.92
C CYS B 83 2.39 -12.22 2.43
N LEU B 84 2.59 -11.00 2.01
CA LEU B 84 2.40 -10.67 0.57
C LEU B 84 3.11 -11.69 -0.31
N GLU B 85 4.41 -11.71 -0.27
CA GLU B 85 5.17 -12.68 -1.11
C GLU B 85 4.48 -14.06 -1.10
N ASP B 86 4.01 -14.49 0.04
CA ASP B 86 3.34 -15.82 0.12
C ASP B 86 2.03 -15.78 -0.68
N LEU B 87 1.23 -14.77 -0.47
CA LEU B 87 -0.07 -14.68 -1.21
C LEU B 87 0.18 -14.69 -2.72
N ARG B 88 1.22 -14.03 -3.16
CA ARG B 88 1.51 -14.00 -4.63
C ARG B 88 1.95 -15.38 -5.10
N SER B 89 3.10 -15.81 -4.65
CA SER B 89 3.60 -17.16 -5.07
C SER B 89 2.47 -18.19 -5.00
N LYS B 90 1.73 -18.22 -3.93
CA LYS B 90 0.62 -19.21 -3.80
C LYS B 90 -0.51 -18.84 -4.76
N ALA B 91 -0.91 -17.60 -4.78
CA ALA B 91 -2.02 -17.19 -5.68
C ALA B 91 -1.64 -17.46 -7.14
N CYS B 92 -0.38 -17.64 -7.42
CA CYS B 92 0.05 -17.91 -8.82
C CYS B 92 -0.28 -19.36 -9.20
N ASP B 93 0.10 -20.29 -8.37
CA ASP B 93 -0.19 -21.72 -8.69
C ASP B 93 -1.69 -21.93 -8.85
N ILE B 94 -2.49 -21.16 -8.15
CA ILE B 94 -3.97 -21.31 -8.25
C ILE B 94 -4.50 -20.42 -9.36
N LEU B 95 -3.83 -19.33 -9.65
CA LEU B 95 -4.30 -18.41 -10.72
C LEU B 95 -4.12 -19.07 -12.09
N ALA B 96 -3.27 -20.06 -12.17
CA ALA B 96 -3.05 -20.74 -13.48
C ALA B 96 -2.72 -19.72 -14.57
N ILE B 97 -1.76 -18.87 -14.32
CA ILE B 97 -1.40 -17.85 -15.35
C ILE B 97 -0.08 -18.24 -16.02
N ASP B 98 0.14 -17.80 -17.24
CA ASP B 98 1.41 -18.14 -17.94
C ASP B 98 2.33 -16.92 -18.00
N LYS B 99 1.79 -15.75 -17.82
CA LYS B 99 2.63 -14.52 -17.87
C LYS B 99 3.17 -14.20 -16.47
N SER B 100 3.38 -15.20 -15.66
CA SER B 100 3.89 -14.96 -14.28
C SER B 100 5.20 -14.18 -14.33
N LEU B 101 5.87 -14.19 -15.47
CA LEU B 101 7.16 -13.45 -15.58
C LEU B 101 6.94 -11.93 -15.55
N THR B 102 5.73 -11.48 -15.39
CA THR B 102 5.47 -10.01 -15.35
C THR B 102 5.37 -9.53 -13.91
N PRO B 103 5.72 -8.29 -13.70
CA PRO B 103 5.66 -7.70 -12.33
C PRO B 103 4.21 -7.46 -11.92
N VAL B 104 3.66 -8.32 -11.10
CA VAL B 104 2.26 -8.15 -10.66
C VAL B 104 2.21 -7.32 -9.38
N THR B 105 1.62 -6.16 -9.42
CA THR B 105 1.54 -5.32 -8.20
C THR B 105 0.24 -5.61 -7.44
N LEU B 106 0.09 -5.06 -6.28
CA LEU B 106 -1.16 -5.31 -5.49
C LEU B 106 -1.89 -3.99 -5.23
N VAL B 107 -3.20 -4.01 -5.26
CA VAL B 107 -3.96 -2.75 -5.01
C VAL B 107 -5.19 -3.05 -4.15
N LEU B 108 -5.92 -2.03 -3.76
CA LEU B 108 -7.13 -2.25 -2.93
C LEU B 108 -8.39 -1.90 -3.71
N ALA B 109 -9.31 -2.83 -3.82
CA ALA B 109 -10.57 -2.54 -4.57
C ALA B 109 -11.31 -1.36 -3.92
N GLU B 110 -11.02 -1.08 -2.68
CA GLU B 110 -11.71 0.06 -2.00
C GLU B 110 -10.92 1.35 -2.21
N ASP B 111 -9.72 1.41 -1.69
CA ASP B 111 -8.91 2.65 -1.85
C ASP B 111 -8.12 2.59 -3.16
N GLY B 112 -7.77 1.41 -3.60
CA GLY B 112 -7.01 1.28 -4.87
C GLY B 112 -5.56 1.70 -4.64
N THR B 113 -5.09 1.66 -3.42
CA THR B 113 -3.68 2.05 -3.15
C THR B 113 -2.79 0.81 -3.14
N ILE B 114 -1.62 0.90 -3.71
CA ILE B 114 -0.72 -0.28 -3.74
C ILE B 114 -0.01 -0.45 -2.40
N VAL B 115 0.00 -1.63 -1.87
CA VAL B 115 0.67 -1.88 -0.56
C VAL B 115 1.96 -2.67 -0.77
N ASP B 116 3.09 -2.03 -0.72
CA ASP B 116 4.37 -2.75 -0.92
C ASP B 116 4.81 -3.45 0.37
N ASP B 117 3.94 -3.51 1.35
CA ASP B 117 4.31 -4.18 2.63
C ASP B 117 3.14 -5.03 3.13
N ASP B 118 3.42 -6.05 3.90
CA ASP B 118 2.33 -6.93 4.42
C ASP B 118 1.51 -6.17 5.46
N ASP B 119 1.92 -4.99 5.81
CA ASP B 119 1.17 -4.19 6.82
C ASP B 119 -0.33 -4.31 6.60
N TYR B 120 -0.87 -3.56 5.67
CA TYR B 120 -2.33 -3.62 5.41
C TYR B 120 -2.73 -5.04 5.00
N PHE B 121 -1.82 -5.80 4.44
CA PHE B 121 -2.17 -7.19 4.03
C PHE B 121 -2.58 -8.01 5.25
N LEU B 122 -2.13 -7.64 6.42
CA LEU B 122 -2.51 -8.40 7.65
C LEU B 122 -3.45 -7.57 8.51
N CYS B 123 -3.33 -6.27 8.46
CA CYS B 123 -4.24 -5.41 9.29
C CYS B 123 -5.68 -5.58 8.83
N LEU B 124 -5.88 -6.07 7.63
CA LEU B 124 -7.27 -6.26 7.13
C LEU B 124 -7.86 -7.55 7.71
N PRO B 125 -9.16 -7.68 7.57
CA PRO B 125 -9.86 -8.89 8.08
C PRO B 125 -9.50 -10.10 7.23
N SER B 126 -9.88 -11.27 7.67
CA SER B 126 -9.57 -12.51 6.88
C SER B 126 -10.18 -12.40 5.49
N ASN B 127 -11.45 -12.10 5.43
CA ASN B 127 -12.13 -11.98 4.11
C ASN B 127 -11.84 -10.62 3.47
N THR B 128 -10.90 -10.57 2.55
CA THR B 128 -10.57 -9.28 1.89
C THR B 128 -10.39 -9.48 0.39
N LYS B 129 -10.75 -8.51 -0.40
CA LYS B 129 -10.59 -8.66 -1.87
C LYS B 129 -9.38 -7.84 -2.37
N PHE B 130 -8.58 -8.43 -3.22
CA PHE B 130 -7.40 -7.69 -3.75
C PHE B 130 -7.34 -7.82 -5.28
N VAL B 131 -6.47 -7.06 -5.90
CA VAL B 131 -6.36 -7.13 -7.39
C VAL B 131 -4.89 -7.05 -7.80
N ALA B 132 -4.48 -7.82 -8.78
CA ALA B 132 -3.06 -7.77 -9.22
C ALA B 132 -2.97 -7.40 -10.70
N LEU B 133 -2.05 -6.55 -11.06
CA LEU B 133 -1.92 -6.15 -12.48
C LEU B 133 -0.76 -6.90 -13.14
N ALA B 134 -1.06 -7.74 -14.09
CA ALA B 134 0.00 -8.49 -14.80
C ALA B 134 0.63 -7.60 -15.87
N SER B 135 1.49 -8.14 -16.70
CA SER B 135 2.13 -7.32 -17.77
C SER B 135 1.16 -6.25 -18.29
N ASN B 136 -0.11 -6.53 -18.27
CA ASN B 136 -1.11 -5.53 -18.73
C ASN B 136 -1.41 -4.55 -17.60
N GLU B 137 -0.91 -3.34 -17.68
CA GLU B 137 -1.14 -2.34 -16.61
C GLU B 137 -2.64 -1.98 -16.45
N LYS B 138 -3.51 -2.58 -17.22
CA LYS B 138 -4.95 -2.24 -17.08
C LYS B 138 -5.41 -2.38 -15.62
N TRP B 139 -5.40 -1.31 -14.89
CA TRP B 139 -5.82 -1.36 -13.46
C TRP B 139 -7.10 -0.55 -13.26
N ALA B 140 -7.81 -0.78 -12.19
CA ALA B 140 -9.08 -0.03 -11.94
C ALA B 140 -8.81 1.19 -11.05
N TYR B 141 -9.05 2.37 -11.55
CA TYR B 141 -8.81 3.59 -10.73
C TYR B 141 -10.14 4.22 -10.31
N ASN B 142 -10.14 5.01 -9.28
CA ASN B 142 -11.41 5.66 -8.83
C ASN B 142 -11.35 7.17 -9.01
N ASN B 143 -12.49 7.82 -9.05
CA ASN B 143 -12.51 9.30 -9.22
C ASN B 143 -13.35 9.94 -8.12
N SER B 144 -12.82 10.91 -7.44
CA SER B 144 -13.59 11.58 -6.35
C SER B 144 -14.36 12.78 -6.90
N ASP B 145 -15.65 12.66 -7.01
CA ASP B 145 -16.45 13.80 -7.55
C ASP B 145 -17.93 13.65 -7.15
N MET A 1 -6.16 2.46 18.95
CA MET A 1 -5.44 2.13 20.23
C MET A 1 -5.50 0.62 20.49
N LEU A 2 -4.72 -0.13 19.77
CA LEU A 2 -4.72 -1.61 19.97
C LEU A 2 -3.29 -2.14 20.06
N GLN A 3 -3.15 -3.43 20.09
CA GLN A 3 -1.80 -4.04 20.16
C GLN A 3 -1.35 -4.43 18.76
N LYS A 4 -1.76 -3.67 17.78
CA LYS A 4 -1.38 -3.99 16.37
C LYS A 4 -0.95 -2.71 15.65
N PRO A 5 -0.60 -2.86 14.40
CA PRO A 5 -0.17 -1.70 13.59
C PRO A 5 -1.36 -0.79 13.26
N LYS A 6 -1.10 0.44 12.92
CA LYS A 6 -2.22 1.37 12.59
C LYS A 6 -2.37 1.50 11.07
N SER A 7 -3.54 1.83 10.61
CA SER A 7 -3.75 1.96 9.15
C SER A 7 -3.28 3.35 8.67
N VAL A 8 -2.29 3.37 7.82
CA VAL A 8 -1.78 4.68 7.32
C VAL A 8 -1.44 4.59 5.82
N LYS A 9 -2.23 5.21 4.99
CA LYS A 9 -1.94 5.17 3.53
C LYS A 9 -0.97 6.28 3.16
N LEU A 10 -0.38 6.23 1.99
CA LEU A 10 0.59 7.29 1.59
C LEU A 10 0.27 7.80 0.19
N ARG A 11 0.86 8.90 -0.18
CA ARG A 11 0.60 9.46 -1.54
C ARG A 11 1.86 10.13 -2.09
N ALA A 12 1.92 10.32 -3.39
CA ALA A 12 3.11 10.97 -4.00
C ALA A 12 2.66 12.11 -4.93
N LEU A 13 3.55 13.01 -5.26
CA LEU A 13 3.15 14.14 -6.16
C LEU A 13 3.78 13.95 -7.54
N ARG A 14 5.08 13.85 -7.60
CA ARG A 14 5.75 13.67 -8.92
C ARG A 14 5.01 12.60 -9.75
N SER A 15 4.96 11.40 -9.23
CA SER A 15 4.26 10.30 -9.98
C SER A 15 2.90 10.02 -9.33
N PRO A 16 1.94 9.73 -10.15
CA PRO A 16 0.58 9.43 -9.66
C PRO A 16 0.53 8.03 -9.03
N ARG A 17 0.91 7.93 -7.78
CA ARG A 17 0.89 6.60 -7.12
C ARG A 17 0.50 6.74 -5.64
N LYS A 18 -0.04 5.71 -5.05
CA LYS A 18 -0.44 5.80 -3.61
C LYS A 18 -0.10 4.49 -2.88
N PHE A 19 0.90 4.51 -2.05
CA PHE A 19 1.27 3.26 -1.31
C PHE A 19 0.53 3.21 0.03
N GLY A 20 -0.06 2.08 0.36
CA GLY A 20 -0.80 1.99 1.64
C GLY A 20 -0.17 0.92 2.54
N VAL A 21 0.28 1.29 3.70
CA VAL A 21 0.91 0.30 4.63
C VAL A 21 0.49 0.60 6.07
N ALA A 22 -0.07 -0.36 6.76
CA ALA A 22 -0.50 -0.13 8.16
C ALA A 22 0.48 -0.79 9.14
N GLY A 23 1.40 -0.03 9.67
CA GLY A 23 2.39 -0.60 10.63
C GLY A 23 2.27 0.10 11.99
N ARG A 24 2.67 -0.56 13.04
CA ARG A 24 2.58 0.07 14.39
C ARG A 24 3.76 1.02 14.61
N SER A 25 4.83 0.82 13.88
CA SER A 25 6.01 1.71 14.05
C SER A 25 5.84 2.97 13.19
N CYS A 26 5.49 4.07 13.79
CA CYS A 26 5.29 5.33 13.03
C CYS A 26 6.53 5.68 12.21
N GLN A 27 7.50 6.31 12.82
CA GLN A 27 8.74 6.70 12.08
C GLN A 27 9.13 5.60 11.08
N GLU A 28 9.02 4.37 11.47
CA GLU A 28 9.37 3.26 10.55
C GLU A 28 8.48 3.30 9.29
N VAL A 29 7.21 3.07 9.44
CA VAL A 29 6.29 3.10 8.26
C VAL A 29 6.67 4.25 7.32
N LEU A 30 6.65 5.46 7.80
CA LEU A 30 7.01 6.62 6.92
C LEU A 30 8.35 6.35 6.22
N ARG A 31 9.38 6.10 6.97
CA ARG A 31 10.70 5.83 6.35
C ARG A 31 10.58 4.78 5.23
N LYS A 32 9.82 3.73 5.47
CA LYS A 32 9.67 2.69 4.42
C LYS A 32 9.06 3.29 3.14
N GLY A 33 7.76 3.42 3.10
CA GLY A 33 7.11 4.00 1.89
C GLY A 33 7.90 5.21 1.41
N CYS A 34 8.44 5.99 2.30
CA CYS A 34 9.21 7.20 1.89
C CYS A 34 10.48 6.78 1.15
N LEU A 35 11.18 5.80 1.65
CA LEU A 35 12.43 5.36 0.97
C LEU A 35 12.11 4.88 -0.45
N ARG A 36 10.92 4.42 -0.69
CA ARG A 36 10.55 3.95 -2.05
C ARG A 36 10.35 5.13 -2.98
N PHE A 37 9.98 6.27 -2.45
CA PHE A 37 9.76 7.46 -3.30
C PHE A 37 11.11 8.06 -3.74
N GLN A 38 12.18 7.59 -3.18
CA GLN A 38 13.53 8.12 -3.57
C GLN A 38 13.59 9.63 -3.35
N LEU A 39 13.38 10.07 -2.14
CA LEU A 39 13.43 11.54 -1.85
C LEU A 39 14.32 11.83 -0.64
N PRO A 40 15.34 12.61 -0.87
CA PRO A 40 16.28 12.97 0.22
C PRO A 40 15.63 13.96 1.19
N GLU A 41 16.31 14.31 2.25
CA GLU A 41 15.73 15.27 3.23
C GLU A 41 15.73 16.69 2.64
N ARG A 42 16.84 17.36 2.68
CA ARG A 42 16.90 18.75 2.14
C ARG A 42 16.27 18.79 0.73
N GLY A 43 16.61 17.83 -0.10
CA GLY A 43 16.04 17.83 -1.48
C GLY A 43 14.53 17.63 -1.44
N SER A 44 14.04 16.78 -0.58
CA SER A 44 12.57 16.55 -0.50
C SER A 44 12.09 16.52 0.95
N ARG A 45 10.93 17.07 1.21
CA ARG A 45 10.40 17.08 2.60
C ARG A 45 9.01 16.44 2.63
N LEU A 46 8.76 15.58 3.58
CA LEU A 46 7.42 14.93 3.66
C LEU A 46 6.41 15.88 4.34
N CYS A 47 5.23 15.98 3.81
CA CYS A 47 4.22 16.89 4.43
C CYS A 47 2.83 16.22 4.44
N LEU A 48 1.86 16.86 5.04
CA LEU A 48 0.50 16.26 5.09
C LEU A 48 -0.24 16.50 3.78
N TYR A 49 -1.46 16.04 3.69
CA TYR A 49 -2.25 16.22 2.44
C TYR A 49 -3.03 17.55 2.49
N GLU A 50 -3.97 17.65 3.39
CA GLU A 50 -4.76 18.91 3.48
C GLU A 50 -3.84 20.10 3.68
N ASP A 51 -3.16 20.16 4.80
CA ASP A 51 -2.24 21.31 5.05
C ASP A 51 -0.94 21.11 4.28
N GLY A 52 -0.37 19.93 4.36
CA GLY A 52 0.91 19.67 3.63
C GLY A 52 1.97 20.67 4.09
N THR A 53 1.74 21.35 5.18
CA THR A 53 2.75 22.34 5.67
C THR A 53 4.05 21.63 6.08
N GLU A 54 4.07 20.98 7.21
CA GLU A 54 5.31 20.29 7.64
C GLU A 54 4.98 18.94 8.29
N LEU A 55 5.78 17.93 8.04
CA LEU A 55 5.50 16.60 8.64
C LEU A 55 6.80 15.95 9.09
N THR A 56 6.98 15.76 10.37
CA THR A 56 8.23 15.13 10.87
C THR A 56 8.08 13.60 10.89
N GLU A 57 8.82 12.91 10.05
CA GLU A 57 8.71 11.42 10.02
C GLU A 57 8.72 10.85 11.44
N ASP A 58 9.33 11.54 12.36
CA ASP A 58 9.38 11.04 13.77
C ASP A 58 8.02 10.49 14.18
N TYR A 59 7.03 11.33 14.31
CA TYR A 59 5.68 10.86 14.70
C TYR A 59 4.61 11.52 13.84
N PHE A 60 3.39 11.05 13.92
CA PHE A 60 2.31 11.66 13.11
C PHE A 60 1.81 12.95 13.75
N PRO A 61 1.38 13.86 12.92
CA PRO A 61 0.87 15.16 13.43
C PRO A 61 -0.51 14.99 14.07
N SER A 62 -0.54 14.59 15.31
CA SER A 62 -1.86 14.40 16.01
C SER A 62 -2.83 13.65 15.08
N VAL A 63 -2.33 12.78 14.27
CA VAL A 63 -3.23 12.01 13.34
C VAL A 63 -2.86 10.53 13.37
N PRO A 64 -3.31 9.86 14.40
CA PRO A 64 -3.02 8.41 14.56
C PRO A 64 -3.92 7.56 13.64
N ASP A 65 -5.20 7.83 13.65
CA ASP A 65 -6.13 7.04 12.79
C ASP A 65 -5.51 6.78 11.41
N ASN A 66 -5.23 7.82 10.68
CA ASN A 66 -4.61 7.63 9.33
C ASN A 66 -3.56 8.69 9.06
N ALA A 67 -2.46 8.32 8.47
CA ALA A 67 -1.39 9.30 8.16
C ALA A 67 -1.17 9.40 6.65
N GLU A 68 -2.05 10.05 5.95
CA GLU A 68 -1.90 10.16 4.48
C GLU A 68 -0.94 11.31 4.13
N LEU A 69 0.34 11.04 4.14
CA LEU A 69 1.32 12.11 3.81
C LEU A 69 1.64 12.10 2.32
N VAL A 70 1.66 13.25 1.71
CA VAL A 70 1.97 13.31 0.24
C VAL A 70 3.40 13.82 0.04
N LEU A 71 4.27 12.99 -0.47
CA LEU A 71 5.67 13.43 -0.68
C LEU A 71 5.69 14.84 -1.28
N LEU A 72 6.54 15.69 -0.79
CA LEU A 72 6.60 17.08 -1.32
C LEU A 72 8.05 17.53 -1.51
N THR A 73 8.45 17.82 -2.72
CA THR A 73 9.85 18.27 -2.96
C THR A 73 9.89 19.26 -4.12
N LEU A 74 9.58 20.51 -3.87
CA LEU A 74 9.61 21.52 -4.96
C LEU A 74 10.05 22.86 -4.38
N GLY A 75 10.49 23.77 -5.22
CA GLY A 75 10.94 25.10 -4.71
C GLY A 75 9.95 25.62 -3.66
N GLN A 76 8.72 25.17 -3.70
CA GLN A 76 7.72 25.64 -2.70
C GLN A 76 7.06 24.44 -2.02
N ALA A 77 6.49 24.64 -0.87
CA ALA A 77 5.82 23.51 -0.17
C ALA A 77 4.44 23.26 -0.76
N TRP A 78 3.84 22.14 -0.48
CA TRP A 78 2.50 21.84 -1.04
C TRP A 78 1.41 22.56 -0.23
N GLN A 79 0.38 23.01 -0.87
CA GLN A 79 -0.71 23.73 -0.14
C GLN A 79 -2.07 23.37 -0.73
N GLY A 80 -2.55 22.18 -0.47
CA GLY A 80 -3.88 21.77 -1.02
C GLY A 80 -4.98 22.23 -0.06
N HIS A 81 -6.18 22.40 -0.57
CA HIS A 81 -7.30 22.83 0.31
C HIS A 81 -8.26 21.66 0.57
N SER B 57 -0.74 -32.34 6.42
CA SER B 57 -1.04 -31.56 7.66
C SER B 57 0.11 -30.60 7.97
N GLY B 58 0.54 -29.84 7.00
CA GLY B 58 1.66 -28.89 7.24
C GLY B 58 1.18 -27.46 6.97
N GLU B 59 -0.11 -27.26 6.93
CA GLU B 59 -0.64 -25.89 6.67
C GLU B 59 -0.28 -24.95 7.81
N ILE B 60 -0.41 -23.67 7.60
CA ILE B 60 -0.09 -22.70 8.67
C ILE B 60 -1.26 -22.57 9.65
N ARG B 61 -1.02 -22.03 10.81
CA ARG B 61 -2.12 -21.88 11.80
C ARG B 61 -2.77 -20.51 11.67
N THR B 62 -2.07 -19.46 12.03
CA THR B 62 -2.66 -18.10 11.92
C THR B 62 -2.58 -17.61 10.47
N LEU B 63 -3.44 -18.11 9.62
CA LEU B 63 -3.41 -17.68 8.19
C LEU B 63 -4.66 -16.85 7.87
N LYS B 64 -4.58 -15.99 6.89
CA LYS B 64 -5.75 -15.15 6.52
C LYS B 64 -6.12 -15.41 5.06
N PRO B 65 -7.21 -16.10 4.87
CA PRO B 65 -7.68 -16.43 3.51
C PRO B 65 -8.19 -15.18 2.80
N CYS B 66 -7.41 -14.62 1.91
CA CYS B 66 -7.84 -13.39 1.19
C CYS B 66 -8.36 -13.76 -0.21
N LEU B 67 -8.87 -12.81 -0.93
CA LEU B 67 -9.40 -13.09 -2.30
C LEU B 67 -8.66 -12.27 -3.35
N LEU B 68 -7.85 -12.90 -4.16
CA LEU B 68 -7.11 -12.14 -5.21
C LEU B 68 -7.90 -12.14 -6.52
N ARG B 69 -7.45 -11.40 -7.50
CA ARG B 69 -8.19 -11.37 -8.80
C ARG B 69 -7.19 -11.36 -9.97
N ARG B 70 -7.68 -11.48 -11.18
CA ARG B 70 -6.76 -11.48 -12.35
C ARG B 70 -7.12 -10.32 -13.29
N ASN B 71 -6.17 -9.84 -14.05
CA ASN B 71 -6.45 -8.72 -15.00
C ASN B 71 -6.99 -9.26 -16.32
N TYR B 72 -6.50 -10.39 -16.76
CA TYR B 72 -6.99 -10.95 -18.05
C TYR B 72 -8.38 -11.56 -17.87
N SER B 73 -8.73 -11.93 -16.67
CA SER B 73 -10.08 -12.53 -16.43
C SER B 73 -10.86 -11.68 -15.43
N ARG B 74 -12.16 -11.61 -15.58
CA ARG B 74 -12.97 -10.79 -14.64
C ARG B 74 -13.43 -11.65 -13.45
N GLU B 75 -13.00 -12.88 -13.39
CA GLU B 75 -13.40 -13.76 -12.26
C GLU B 75 -12.54 -13.47 -11.03
N GLN B 76 -13.08 -13.65 -9.85
CA GLN B 76 -12.29 -13.38 -8.62
C GLN B 76 -11.52 -14.62 -8.19
N HIS B 77 -10.62 -14.48 -7.25
CA HIS B 77 -9.84 -15.67 -6.79
C HIS B 77 -9.86 -15.74 -5.26
N GLY B 78 -9.43 -16.84 -4.70
CA GLY B 78 -9.42 -16.96 -3.21
C GLY B 78 -8.14 -17.68 -2.76
N VAL B 79 -7.17 -16.94 -2.29
CA VAL B 79 -5.91 -17.58 -1.83
C VAL B 79 -5.76 -17.44 -0.31
N ALA B 80 -4.82 -18.12 0.27
CA ALA B 80 -4.63 -18.02 1.75
C ALA B 80 -3.14 -17.85 2.08
N ALA B 81 -2.73 -16.65 2.38
CA ALA B 81 -1.30 -16.42 2.71
C ALA B 81 -1.18 -15.46 3.90
N SER B 82 -0.15 -15.62 4.70
CA SER B 82 0.02 -14.71 5.87
C SER B 82 0.85 -13.49 5.47
N CYS B 83 1.81 -13.67 4.61
CA CYS B 83 2.66 -12.52 4.18
C CYS B 83 2.48 -12.27 2.68
N LEU B 84 2.67 -11.04 2.25
CA LEU B 84 2.51 -10.73 0.79
C LEU B 84 3.31 -11.72 -0.05
N GLU B 85 4.61 -11.72 0.08
CA GLU B 85 5.45 -12.66 -0.72
C GLU B 85 4.79 -14.04 -0.78
N ASP B 86 4.24 -14.49 0.33
CA ASP B 86 3.59 -15.84 0.34
C ASP B 86 2.27 -15.78 -0.44
N LEU B 87 1.62 -14.65 -0.44
CA LEU B 87 0.32 -14.53 -1.18
C LEU B 87 0.58 -14.62 -2.69
N ARG B 88 1.58 -13.94 -3.17
CA ARG B 88 1.89 -13.99 -4.63
C ARG B 88 2.25 -15.41 -5.05
N SER B 89 3.37 -15.89 -4.58
CA SER B 89 3.81 -17.27 -4.95
C SER B 89 2.61 -18.22 -4.98
N LYS B 90 1.93 -18.38 -3.88
CA LYS B 90 0.76 -19.29 -3.86
C LYS B 90 -0.33 -18.79 -4.80
N ALA B 91 -0.48 -17.49 -4.92
CA ALA B 91 -1.53 -16.94 -5.83
C ALA B 91 -1.15 -17.25 -7.28
N CYS B 92 0.02 -17.75 -7.52
CA CYS B 92 0.44 -18.06 -8.91
C CYS B 92 0.01 -19.49 -9.28
N ASP B 93 0.25 -20.44 -8.43
CA ASP B 93 -0.15 -21.84 -8.74
C ASP B 93 -1.68 -21.97 -8.73
N ILE B 94 -2.35 -21.15 -7.96
CA ILE B 94 -3.83 -21.23 -7.93
C ILE B 94 -4.43 -20.46 -9.10
N LEU B 95 -3.90 -19.30 -9.39
CA LEU B 95 -4.43 -18.51 -10.54
C LEU B 95 -4.13 -19.22 -11.86
N ALA B 96 -3.13 -20.07 -11.87
CA ALA B 96 -2.79 -20.79 -13.12
C ALA B 96 -2.43 -19.79 -14.23
N ILE B 97 -1.56 -18.86 -13.94
CA ILE B 97 -1.17 -17.85 -14.96
C ILE B 97 0.20 -18.21 -15.56
N ASP B 98 0.47 -17.78 -16.75
CA ASP B 98 1.79 -18.09 -17.38
C ASP B 98 2.66 -16.83 -17.43
N LYS B 99 2.06 -15.68 -17.38
CA LYS B 99 2.84 -14.42 -17.43
C LYS B 99 3.34 -14.03 -16.02
N SER B 100 3.56 -15.00 -15.18
CA SER B 100 4.04 -14.69 -13.80
C SER B 100 5.38 -13.96 -13.86
N LEU B 101 6.06 -14.02 -14.97
CA LEU B 101 7.37 -13.35 -15.08
C LEU B 101 7.22 -11.82 -15.10
N THR B 102 6.02 -11.31 -14.95
CA THR B 102 5.82 -9.84 -14.96
C THR B 102 5.70 -9.31 -13.52
N PRO B 103 6.06 -8.07 -13.35
CA PRO B 103 5.98 -7.44 -12.00
C PRO B 103 4.51 -7.22 -11.61
N VAL B 104 3.97 -8.07 -10.79
CA VAL B 104 2.55 -7.91 -10.38
C VAL B 104 2.47 -7.19 -9.03
N THR B 105 1.72 -6.11 -8.96
CA THR B 105 1.61 -5.37 -7.67
C THR B 105 0.26 -5.67 -7.02
N LEU B 106 0.04 -5.19 -5.82
CA LEU B 106 -1.25 -5.44 -5.14
C LEU B 106 -1.93 -4.11 -4.78
N VAL B 107 -3.15 -3.92 -5.21
CA VAL B 107 -3.85 -2.64 -4.90
C VAL B 107 -5.10 -2.93 -4.06
N LEU B 108 -5.77 -1.89 -3.62
CA LEU B 108 -7.00 -2.09 -2.81
C LEU B 108 -8.24 -1.68 -3.61
N ALA B 109 -9.17 -2.57 -3.79
CA ALA B 109 -10.40 -2.23 -4.57
C ALA B 109 -11.11 -1.03 -3.96
N GLU B 110 -10.94 -0.81 -2.68
CA GLU B 110 -11.62 0.35 -2.03
C GLU B 110 -10.78 1.63 -2.19
N ASP B 111 -9.61 1.66 -1.61
CA ASP B 111 -8.75 2.87 -1.72
C ASP B 111 -7.93 2.81 -3.01
N GLY B 112 -7.54 1.63 -3.42
CA GLY B 112 -6.74 1.50 -4.66
C GLY B 112 -5.28 1.85 -4.38
N THR B 113 -4.85 1.76 -3.15
CA THR B 113 -3.44 2.08 -2.82
C THR B 113 -2.59 0.81 -2.85
N ILE B 114 -1.42 0.87 -3.43
CA ILE B 114 -0.56 -0.35 -3.48
C ILE B 114 0.14 -0.57 -2.15
N VAL B 115 0.10 -1.78 -1.65
CA VAL B 115 0.76 -2.07 -0.35
C VAL B 115 2.02 -2.91 -0.57
N ASP B 116 3.17 -2.31 -0.51
CA ASP B 116 4.43 -3.09 -0.72
C ASP B 116 4.83 -3.82 0.56
N ASP B 117 4.03 -3.71 1.59
CA ASP B 117 4.37 -4.39 2.86
C ASP B 117 3.17 -5.23 3.35
N ASP B 118 3.42 -6.24 4.14
CA ASP B 118 2.30 -7.09 4.64
C ASP B 118 1.49 -6.33 5.69
N ASP B 119 1.90 -5.13 6.02
CA ASP B 119 1.17 -4.33 7.04
C ASP B 119 -0.34 -4.41 6.80
N TYR B 120 -0.85 -3.64 5.87
CA TYR B 120 -2.31 -3.68 5.59
C TYR B 120 -2.73 -5.09 5.16
N PHE B 121 -1.81 -5.88 4.67
CA PHE B 121 -2.18 -7.26 4.23
C PHE B 121 -2.64 -8.07 5.44
N LEU B 122 -2.20 -7.71 6.62
CA LEU B 122 -2.62 -8.47 7.83
C LEU B 122 -3.59 -7.64 8.66
N CYS B 123 -3.60 -6.35 8.47
CA CYS B 123 -4.54 -5.48 9.24
C CYS B 123 -5.98 -5.67 8.75
N LEU B 124 -6.15 -6.22 7.57
CA LEU B 124 -7.52 -6.43 7.05
C LEU B 124 -8.12 -7.72 7.62
N PRO B 125 -9.41 -7.84 7.50
CA PRO B 125 -10.11 -9.04 8.01
C PRO B 125 -9.82 -10.25 7.12
N SER B 126 -10.30 -11.41 7.50
CA SER B 126 -10.05 -12.63 6.67
C SER B 126 -10.62 -12.42 5.27
N ASN B 127 -11.85 -12.01 5.19
CA ASN B 127 -12.48 -11.79 3.86
C ASN B 127 -12.03 -10.45 3.28
N THR B 128 -11.08 -10.47 2.39
CA THR B 128 -10.60 -9.19 1.79
C THR B 128 -10.40 -9.35 0.27
N LYS B 129 -10.82 -8.38 -0.49
CA LYS B 129 -10.66 -8.47 -1.96
C LYS B 129 -9.43 -7.68 -2.43
N PHE B 130 -8.66 -8.23 -3.34
CA PHE B 130 -7.46 -7.52 -3.82
C PHE B 130 -7.35 -7.62 -5.34
N VAL B 131 -6.43 -6.89 -5.92
CA VAL B 131 -6.26 -6.96 -7.41
C VAL B 131 -4.77 -6.92 -7.77
N ALA B 132 -4.36 -7.71 -8.72
CA ALA B 132 -2.92 -7.74 -9.12
C ALA B 132 -2.77 -7.35 -10.59
N LEU B 133 -1.93 -6.39 -10.88
CA LEU B 133 -1.72 -5.98 -12.31
C LEU B 133 -0.55 -6.74 -12.91
N ALA B 134 -0.81 -7.55 -13.88
CA ALA B 134 0.28 -8.32 -14.55
C ALA B 134 0.94 -7.45 -15.62
N SER B 135 1.81 -8.02 -16.42
CA SER B 135 2.50 -7.22 -17.48
C SER B 135 1.56 -6.14 -18.02
N ASN B 136 0.29 -6.41 -18.08
CA ASN B 136 -0.68 -5.40 -18.57
C ASN B 136 -0.97 -4.40 -17.44
N GLU B 137 -0.38 -3.24 -17.49
CA GLU B 137 -0.61 -2.22 -16.42
C GLU B 137 -2.08 -1.79 -16.33
N LYS B 138 -2.94 -2.31 -17.15
CA LYS B 138 -4.38 -1.89 -17.08
C LYS B 138 -4.89 -2.04 -15.64
N TRP B 139 -4.75 -1.01 -14.85
CA TRP B 139 -5.22 -1.07 -13.44
C TRP B 139 -6.52 -0.28 -13.27
N ALA B 140 -7.23 -0.49 -12.18
CA ALA B 140 -8.50 0.26 -11.96
C ALA B 140 -8.24 1.51 -11.12
N TYR B 141 -8.54 2.67 -11.64
CA TYR B 141 -8.32 3.92 -10.87
C TYR B 141 -9.67 4.55 -10.47
N ASN B 142 -9.64 5.56 -9.64
CA ASN B 142 -10.92 6.20 -9.23
C ASN B 142 -11.24 7.40 -10.11
N ASN B 143 -12.39 7.43 -10.70
CA ASN B 143 -12.76 8.58 -11.58
C ASN B 143 -14.22 8.97 -11.36
N SER B 144 -14.51 10.25 -11.36
CA SER B 144 -15.92 10.68 -11.15
C SER B 144 -16.71 10.61 -12.47
N ASP B 145 -17.47 9.56 -12.65
CA ASP B 145 -18.25 9.43 -13.91
C ASP B 145 -19.50 10.30 -13.84
N MET A 1 1.18 6.00 19.08
CA MET A 1 0.30 5.02 18.39
C MET A 1 -0.12 3.91 19.36
N LEU A 2 -1.25 3.29 19.11
CA LEU A 2 -1.72 2.20 20.02
C LEU A 2 -0.81 0.99 19.91
N GLN A 3 -1.20 -0.09 20.54
CA GLN A 3 -0.38 -1.33 20.48
C GLN A 3 -0.90 -2.21 19.35
N LYS A 4 -1.40 -1.60 18.31
CA LYS A 4 -1.92 -2.38 17.15
C LYS A 4 -1.61 -1.64 15.84
N PRO A 5 -1.86 -2.32 14.75
CA PRO A 5 -1.60 -1.72 13.42
C PRO A 5 -2.63 -0.63 13.12
N LYS A 6 -2.22 0.46 12.54
CA LYS A 6 -3.17 1.54 12.22
C LYS A 6 -3.27 1.75 10.71
N SER A 7 -4.38 2.23 10.22
CA SER A 7 -4.53 2.44 8.76
C SER A 7 -3.91 3.77 8.34
N VAL A 8 -2.85 3.72 7.57
CA VAL A 8 -2.19 4.98 7.13
C VAL A 8 -1.75 4.87 5.66
N LYS A 9 -2.53 5.40 4.76
CA LYS A 9 -2.14 5.33 3.31
C LYS A 9 -1.11 6.41 2.99
N LEU A 10 -0.48 6.33 1.84
CA LEU A 10 0.54 7.35 1.47
C LEU A 10 0.27 7.88 0.07
N ARG A 11 0.95 8.92 -0.32
CA ARG A 11 0.73 9.49 -1.69
C ARG A 11 2.04 10.05 -2.25
N ALA A 12 2.03 10.44 -3.50
CA ALA A 12 3.27 10.99 -4.13
C ALA A 12 2.91 12.17 -5.04
N LEU A 13 3.89 12.95 -5.43
CA LEU A 13 3.60 14.12 -6.31
C LEU A 13 4.19 13.89 -7.70
N ARG A 14 5.49 13.73 -7.79
CA ARG A 14 6.13 13.50 -9.11
C ARG A 14 5.35 12.45 -9.90
N SER A 15 5.24 11.25 -9.38
CA SER A 15 4.50 10.18 -10.08
C SER A 15 3.15 9.95 -9.42
N PRO A 16 2.15 9.72 -10.22
CA PRO A 16 0.78 9.48 -9.70
C PRO A 16 0.68 8.08 -9.08
N ARG A 17 1.08 7.94 -7.84
CA ARG A 17 1.00 6.60 -7.19
C ARG A 17 0.66 6.77 -5.70
N LYS A 18 0.06 5.77 -5.10
CA LYS A 18 -0.29 5.89 -3.66
C LYS A 18 -0.04 4.55 -2.94
N PHE A 19 0.88 4.53 -2.02
CA PHE A 19 1.18 3.26 -1.28
C PHE A 19 0.38 3.22 0.02
N GLY A 20 -0.26 2.12 0.32
CA GLY A 20 -1.04 2.05 1.58
C GLY A 20 -0.42 0.99 2.51
N VAL A 21 -0.08 1.38 3.71
CA VAL A 21 0.53 0.42 4.67
C VAL A 21 -0.01 0.69 6.08
N ALA A 22 -0.50 -0.33 6.74
CA ALA A 22 -1.04 -0.12 8.12
C ALA A 22 -0.12 -0.75 9.17
N GLY A 23 0.87 -0.04 9.62
CA GLY A 23 1.80 -0.61 10.63
C GLY A 23 1.67 0.16 11.95
N ARG A 24 2.02 -0.46 13.05
CA ARG A 24 1.91 0.24 14.36
C ARG A 24 3.17 1.07 14.63
N SER A 25 4.20 0.84 13.87
CA SER A 25 5.46 1.61 14.07
C SER A 25 5.40 2.94 13.30
N CYS A 26 5.01 3.99 13.95
CA CYS A 26 4.91 5.32 13.27
C CYS A 26 6.12 5.56 12.35
N GLN A 27 7.20 6.07 12.91
CA GLN A 27 8.41 6.34 12.08
C GLN A 27 8.60 5.25 11.03
N GLU A 28 8.74 4.03 11.46
CA GLU A 28 8.92 2.90 10.51
C GLU A 28 7.99 3.08 9.30
N VAL A 29 6.71 3.14 9.52
CA VAL A 29 5.77 3.32 8.38
C VAL A 29 6.28 4.40 7.43
N LEU A 30 6.35 5.62 7.89
CA LEU A 30 6.84 6.72 7.01
C LEU A 30 8.21 6.35 6.44
N ARG A 31 9.18 6.12 7.28
CA ARG A 31 10.53 5.76 6.78
C ARG A 31 10.43 4.71 5.67
N LYS A 32 9.49 3.81 5.78
CA LYS A 32 9.33 2.76 4.73
C LYS A 32 8.75 3.37 3.46
N GLY A 33 7.46 3.55 3.40
CA GLY A 33 6.85 4.13 2.18
C GLY A 33 7.68 5.32 1.69
N CYS A 34 8.13 6.16 2.59
CA CYS A 34 8.95 7.33 2.18
C CYS A 34 10.19 6.87 1.40
N LEU A 35 10.95 5.96 1.95
CA LEU A 35 12.16 5.47 1.25
C LEU A 35 11.77 4.85 -0.10
N ARG A 36 10.60 4.29 -0.20
CA ARG A 36 10.18 3.68 -1.48
C ARG A 36 10.17 4.73 -2.59
N PHE A 37 9.80 5.94 -2.28
CA PHE A 37 9.77 7.01 -3.31
C PHE A 37 11.18 7.53 -3.56
N GLN A 38 12.15 7.06 -2.81
CA GLN A 38 13.55 7.53 -3.01
C GLN A 38 13.64 9.04 -2.77
N LEU A 39 13.44 9.47 -1.56
CA LEU A 39 13.52 10.93 -1.26
C LEU A 39 14.35 11.18 0.01
N PRO A 40 15.42 11.90 -0.16
CA PRO A 40 16.31 12.22 0.99
C PRO A 40 15.64 13.25 1.91
N GLU A 41 16.25 13.53 3.04
CA GLU A 41 15.65 14.52 3.97
C GLU A 41 15.76 15.93 3.40
N ARG A 42 16.91 16.52 3.47
CA ARG A 42 17.08 17.91 2.94
C ARG A 42 16.61 17.97 1.48
N GLY A 43 16.99 17.01 0.68
CA GLY A 43 16.57 17.03 -0.76
C GLY A 43 15.04 16.97 -0.87
N SER A 44 14.42 16.09 -0.12
CA SER A 44 12.93 15.98 -0.20
C SER A 44 12.30 16.15 1.19
N ARG A 45 11.21 16.88 1.26
CA ARG A 45 10.54 17.08 2.57
C ARG A 45 9.14 16.46 2.56
N LEU A 46 8.84 15.63 3.53
CA LEU A 46 7.49 14.99 3.56
C LEU A 46 6.48 15.92 4.27
N CYS A 47 5.32 16.07 3.71
CA CYS A 47 4.30 16.96 4.34
C CYS A 47 2.90 16.36 4.20
N LEU A 48 1.91 17.00 4.79
CA LEU A 48 0.52 16.46 4.69
C LEU A 48 -0.10 16.83 3.34
N TYR A 49 -1.32 16.44 3.12
CA TYR A 49 -1.99 16.76 1.82
C TYR A 49 -2.73 18.11 1.91
N GLU A 50 -3.72 18.20 2.74
CA GLU A 50 -4.48 19.48 2.85
C GLU A 50 -3.53 20.64 3.15
N ASP A 51 -2.90 20.63 4.30
CA ASP A 51 -1.96 21.74 4.64
C ASP A 51 -0.59 21.48 4.02
N GLY A 52 -0.09 20.29 4.15
CA GLY A 52 1.24 19.97 3.56
C GLY A 52 2.30 20.91 4.13
N THR A 53 1.99 21.60 5.20
CA THR A 53 2.98 22.53 5.80
C THR A 53 4.25 21.77 6.26
N GLU A 54 4.19 21.08 7.35
CA GLU A 54 5.40 20.32 7.80
C GLU A 54 4.99 18.97 8.41
N LEU A 55 5.68 17.93 8.05
CA LEU A 55 5.33 16.58 8.59
C LEU A 55 6.60 15.85 9.05
N THR A 56 6.79 15.73 10.33
CA THR A 56 8.02 15.03 10.83
C THR A 56 7.79 13.52 10.87
N GLU A 57 8.66 12.76 10.28
CA GLU A 57 8.50 11.27 10.29
C GLU A 57 8.38 10.77 11.73
N ASP A 58 8.89 11.52 12.67
CA ASP A 58 8.81 11.08 14.10
C ASP A 58 7.37 10.72 14.48
N TYR A 59 6.46 11.65 14.37
CA TYR A 59 5.05 11.35 14.72
C TYR A 59 4.09 11.99 13.72
N PHE A 60 2.81 11.68 13.82
CA PHE A 60 1.83 12.27 12.86
C PHE A 60 1.18 13.52 13.48
N PRO A 61 0.64 14.34 12.62
CA PRO A 61 -0.03 15.58 13.07
C PRO A 61 -1.37 15.29 13.72
N SER A 62 -1.37 14.69 14.88
CA SER A 62 -2.65 14.37 15.57
C SER A 62 -3.63 13.69 14.59
N VAL A 63 -3.12 12.96 13.63
CA VAL A 63 -4.01 12.29 12.66
C VAL A 63 -3.81 10.78 12.71
N PRO A 64 -4.40 10.16 13.70
CA PRO A 64 -4.29 8.70 13.89
C PRO A 64 -5.17 7.95 12.89
N ASP A 65 -6.36 8.44 12.66
CA ASP A 65 -7.27 7.73 11.71
C ASP A 65 -6.54 7.41 10.41
N ASN A 66 -6.07 8.40 9.71
CA ASN A 66 -5.34 8.14 8.43
C ASN A 66 -4.14 9.09 8.29
N ALA A 67 -3.06 8.61 7.76
CA ALA A 67 -1.86 9.49 7.59
C ALA A 67 -1.47 9.54 6.12
N GLU A 68 -2.22 10.25 5.32
CA GLU A 68 -1.89 10.35 3.86
C GLU A 68 -0.91 11.49 3.62
N LEU A 69 0.36 11.21 3.60
CA LEU A 69 1.36 12.28 3.36
C LEU A 69 1.76 12.31 1.89
N VAL A 70 1.83 13.47 1.29
CA VAL A 70 2.22 13.56 -0.14
C VAL A 70 3.71 13.91 -0.26
N LEU A 71 4.50 13.01 -0.79
CA LEU A 71 5.95 13.30 -0.92
C LEU A 71 6.16 14.64 -1.61
N LEU A 72 7.01 15.48 -1.06
CA LEU A 72 7.25 16.81 -1.70
C LEU A 72 8.74 17.16 -1.64
N THR A 73 9.34 17.40 -2.76
CA THR A 73 10.80 17.76 -2.77
C THR A 73 11.03 18.96 -3.69
N LEU A 74 10.77 20.14 -3.20
CA LEU A 74 10.98 21.36 -4.04
C LEU A 74 11.44 22.53 -3.16
N GLY A 75 11.75 23.65 -3.76
CA GLY A 75 12.19 24.82 -2.96
C GLY A 75 11.01 25.38 -2.17
N GLN A 76 9.81 25.01 -2.52
CA GLN A 76 8.62 25.53 -1.79
C GLN A 76 7.88 24.40 -1.07
N ALA A 77 7.11 24.73 -0.08
CA ALA A 77 6.36 23.69 0.67
C ALA A 77 5.02 23.41 -0.02
N TRP A 78 4.37 22.32 0.32
CA TRP A 78 3.07 22.01 -0.34
C TRP A 78 1.92 22.80 0.31
N GLN A 79 0.99 23.25 -0.48
CA GLN A 79 -0.16 24.02 0.08
C GLN A 79 -1.45 23.63 -0.65
N GLY A 80 -1.92 22.43 -0.44
CA GLY A 80 -3.16 21.98 -1.13
C GLY A 80 -4.38 22.52 -0.38
N HIS A 81 -4.69 23.78 -0.57
CA HIS A 81 -5.87 24.36 0.12
C HIS A 81 -7.14 24.10 -0.69
N SER B 57 10.51 -21.29 13.98
CA SER B 57 9.51 -20.47 13.23
C SER B 57 9.73 -20.64 11.72
N GLY B 58 9.45 -21.80 11.19
CA GLY B 58 9.64 -22.03 9.73
C GLY B 58 8.27 -22.17 9.06
N GLU B 59 7.44 -23.03 9.56
CA GLU B 59 6.10 -23.22 8.95
C GLU B 59 5.26 -21.94 9.09
N ILE B 60 4.20 -21.83 8.37
CA ILE B 60 3.34 -20.61 8.46
C ILE B 60 2.43 -20.70 9.68
N ARG B 61 2.52 -19.75 10.58
CA ARG B 61 1.66 -19.79 11.80
C ARG B 61 0.35 -19.03 11.54
N THR B 62 0.40 -17.73 11.54
CA THR B 62 -0.84 -16.94 11.29
C THR B 62 -1.15 -16.89 9.79
N LEU B 63 -1.89 -17.84 9.30
CA LEU B 63 -2.22 -17.83 7.84
C LEU B 63 -3.58 -17.17 7.62
N LYS B 64 -3.66 -16.27 6.67
CA LYS B 64 -4.95 -15.59 6.40
C LYS B 64 -5.40 -15.83 4.96
N PRO B 65 -6.43 -16.61 4.82
CA PRO B 65 -6.97 -16.93 3.47
C PRO B 65 -7.66 -15.71 2.88
N CYS B 66 -7.00 -14.99 2.01
CA CYS B 66 -7.61 -13.78 1.41
C CYS B 66 -8.13 -14.08 0.00
N LEU B 67 -8.79 -13.14 -0.62
CA LEU B 67 -9.31 -13.36 -1.99
C LEU B 67 -8.55 -12.50 -3.00
N LEU B 68 -7.87 -13.12 -3.93
CA LEU B 68 -7.10 -12.33 -4.94
C LEU B 68 -7.86 -12.29 -6.26
N ARG B 69 -7.36 -11.57 -7.22
CA ARG B 69 -8.08 -11.51 -8.53
C ARG B 69 -7.07 -11.50 -9.68
N ARG B 70 -7.53 -11.53 -10.90
CA ARG B 70 -6.61 -11.53 -12.07
C ARG B 70 -6.95 -10.37 -12.99
N ASN B 71 -5.96 -9.71 -13.54
CA ASN B 71 -6.25 -8.55 -14.45
C ASN B 71 -7.08 -9.01 -15.64
N TYR B 72 -6.96 -10.25 -16.03
CA TYR B 72 -7.75 -10.75 -17.19
C TYR B 72 -9.10 -11.30 -16.73
N SER B 73 -9.10 -12.13 -15.72
CA SER B 73 -10.39 -12.70 -15.24
C SER B 73 -11.12 -11.70 -14.34
N ARG B 74 -12.40 -11.51 -14.57
CA ARG B 74 -13.16 -10.55 -13.74
C ARG B 74 -13.77 -11.27 -12.51
N GLU B 75 -13.61 -12.56 -12.44
CA GLU B 75 -14.17 -13.32 -11.28
C GLU B 75 -13.24 -13.18 -10.07
N GLN B 76 -13.73 -13.46 -8.90
CA GLN B 76 -12.87 -13.34 -7.69
C GLN B 76 -12.09 -14.63 -7.46
N HIS B 77 -10.87 -14.52 -6.99
CA HIS B 77 -10.05 -15.74 -6.75
C HIS B 77 -9.82 -15.89 -5.24
N GLY B 78 -9.20 -16.96 -4.83
CA GLY B 78 -8.96 -17.15 -3.36
C GLY B 78 -7.56 -17.74 -3.14
N VAL B 79 -6.82 -17.20 -2.20
CA VAL B 79 -5.45 -17.71 -1.93
C VAL B 79 -5.20 -17.75 -0.42
N ALA B 80 -4.07 -18.27 -0.02
CA ALA B 80 -3.76 -18.33 1.45
C ALA B 80 -2.29 -17.99 1.67
N ALA B 81 -2.01 -16.77 2.07
CA ALA B 81 -0.60 -16.38 2.32
C ALA B 81 -0.51 -15.49 3.57
N SER B 82 0.52 -15.67 4.36
CA SER B 82 0.67 -14.83 5.59
C SER B 82 1.47 -13.57 5.27
N CYS B 83 2.18 -13.56 4.17
CA CYS B 83 2.99 -12.36 3.81
C CYS B 83 2.73 -11.96 2.35
N LEU B 84 3.04 -10.75 1.99
CA LEU B 84 2.82 -10.30 0.59
C LEU B 84 3.62 -11.18 -0.38
N GLU B 85 4.92 -11.17 -0.26
CA GLU B 85 5.75 -11.99 -1.18
C GLU B 85 5.14 -13.39 -1.34
N ASP B 86 4.75 -14.00 -0.26
CA ASP B 86 4.16 -15.36 -0.34
C ASP B 86 2.79 -15.28 -1.04
N LEU B 87 2.06 -14.23 -0.82
CA LEU B 87 0.72 -14.10 -1.46
C LEU B 87 0.87 -14.14 -2.99
N ARG B 88 1.89 -13.49 -3.51
CA ARG B 88 2.08 -13.50 -4.99
C ARG B 88 2.46 -14.90 -5.45
N SER B 89 3.62 -15.35 -5.07
CA SER B 89 4.06 -16.72 -5.50
C SER B 89 2.91 -17.73 -5.32
N LYS B 90 2.26 -17.73 -4.19
CA LYS B 90 1.15 -18.69 -3.96
C LYS B 90 -0.03 -18.34 -4.88
N ALA B 91 -0.47 -17.12 -4.84
CA ALA B 91 -1.62 -16.72 -5.73
C ALA B 91 -1.31 -17.09 -7.18
N CYS B 92 -0.06 -17.27 -7.50
CA CYS B 92 0.30 -17.64 -8.89
C CYS B 92 -0.03 -19.10 -9.17
N ASP B 93 0.39 -19.98 -8.31
CA ASP B 93 0.09 -21.43 -8.52
C ASP B 93 -1.43 -21.66 -8.48
N ILE B 94 -2.14 -20.88 -7.73
CA ILE B 94 -3.62 -21.05 -7.65
C ILE B 94 -4.29 -20.26 -8.77
N LEU B 95 -3.74 -19.13 -9.12
CA LEU B 95 -4.35 -18.31 -10.21
C LEU B 95 -4.18 -19.01 -11.56
N ALA B 96 -3.27 -19.95 -11.63
CA ALA B 96 -3.06 -20.68 -12.91
C ALA B 96 -2.90 -19.69 -14.07
N ILE B 97 -2.03 -18.72 -13.92
CA ILE B 97 -1.84 -17.74 -15.01
C ILE B 97 -0.61 -18.11 -15.84
N ASP B 98 -0.56 -17.70 -17.08
CA ASP B 98 0.61 -18.04 -17.93
C ASP B 98 1.56 -16.83 -18.02
N LYS B 99 1.09 -15.66 -17.70
CA LYS B 99 1.96 -14.46 -17.77
C LYS B 99 2.69 -14.26 -16.44
N SER B 100 2.95 -15.32 -15.74
CA SER B 100 3.65 -15.20 -14.43
C SER B 100 4.97 -14.43 -14.59
N LEU B 101 5.46 -14.35 -15.81
CA LEU B 101 6.75 -13.64 -16.04
C LEU B 101 6.58 -12.11 -15.89
N THR B 102 5.44 -11.65 -15.46
CA THR B 102 5.25 -10.17 -15.30
C THR B 102 5.16 -9.83 -13.81
N PRO B 103 5.59 -8.64 -13.50
CA PRO B 103 5.57 -8.17 -12.08
C PRO B 103 4.13 -7.84 -11.67
N VAL B 104 3.50 -8.71 -10.93
CA VAL B 104 2.10 -8.44 -10.51
C VAL B 104 2.07 -7.63 -9.21
N THR B 105 1.49 -6.46 -9.25
CA THR B 105 1.44 -5.62 -8.02
C THR B 105 0.13 -5.87 -7.28
N LEU B 106 -0.03 -5.33 -6.10
CA LEU B 106 -1.29 -5.56 -5.34
C LEU B 106 -1.95 -4.21 -5.02
N VAL B 107 -3.24 -4.12 -5.23
CA VAL B 107 -3.95 -2.84 -4.94
C VAL B 107 -5.20 -3.10 -4.09
N LEU B 108 -5.87 -2.06 -3.68
CA LEU B 108 -7.09 -2.24 -2.85
C LEU B 108 -8.33 -1.82 -3.65
N ALA B 109 -9.28 -2.71 -3.81
CA ALA B 109 -10.51 -2.36 -4.58
C ALA B 109 -11.21 -1.16 -3.94
N GLU B 110 -11.00 -0.93 -2.68
CA GLU B 110 -11.67 0.22 -2.01
C GLU B 110 -10.87 1.51 -2.25
N ASP B 111 -9.68 1.59 -1.74
CA ASP B 111 -8.85 2.81 -1.94
C ASP B 111 -8.05 2.69 -3.24
N GLY B 112 -7.63 1.52 -3.57
CA GLY B 112 -6.84 1.32 -4.83
C GLY B 112 -5.38 1.71 -4.57
N THR B 113 -4.90 1.54 -3.36
CA THR B 113 -3.49 1.91 -3.07
C THR B 113 -2.63 0.64 -3.01
N ILE B 114 -1.42 0.72 -3.52
CA ILE B 114 -0.54 -0.48 -3.50
C ILE B 114 0.10 -0.64 -2.11
N VAL B 115 0.11 -1.82 -1.59
CA VAL B 115 0.72 -2.04 -0.24
C VAL B 115 2.04 -2.80 -0.38
N ASP B 116 3.14 -2.10 -0.33
CA ASP B 116 4.46 -2.78 -0.46
C ASP B 116 4.85 -3.46 0.85
N ASP B 117 3.97 -3.43 1.82
CA ASP B 117 4.28 -4.07 3.13
C ASP B 117 3.13 -4.97 3.57
N ASP B 118 3.41 -6.01 4.30
CA ASP B 118 2.33 -6.92 4.76
C ASP B 118 1.43 -6.21 5.77
N ASP B 119 1.80 -5.02 6.17
CA ASP B 119 0.97 -4.27 7.15
C ASP B 119 -0.52 -4.43 6.83
N TYR B 120 -1.01 -3.69 5.87
CA TYR B 120 -2.45 -3.80 5.50
C TYR B 120 -2.78 -5.23 5.07
N PHE B 121 -1.81 -5.96 4.58
CA PHE B 121 -2.08 -7.36 4.13
C PHE B 121 -2.55 -8.20 5.31
N LEU B 122 -2.03 -7.97 6.48
CA LEU B 122 -2.46 -8.76 7.67
C LEU B 122 -3.43 -7.94 8.53
N CYS B 123 -3.34 -6.64 8.47
CA CYS B 123 -4.27 -5.80 9.29
C CYS B 123 -5.72 -6.07 8.90
N LEU B 124 -5.95 -6.52 7.69
CA LEU B 124 -7.35 -6.80 7.26
C LEU B 124 -7.81 -8.15 7.80
N PRO B 125 -9.10 -8.37 7.73
CA PRO B 125 -9.68 -9.64 8.21
C PRO B 125 -9.34 -10.79 7.26
N SER B 126 -9.69 -12.00 7.61
CA SER B 126 -9.38 -13.16 6.72
C SER B 126 -10.04 -12.96 5.37
N ASN B 127 -11.31 -12.67 5.37
CA ASN B 127 -12.04 -12.47 4.09
C ASN B 127 -11.77 -11.06 3.54
N THR B 128 -10.88 -10.94 2.59
CA THR B 128 -10.57 -9.61 2.02
C THR B 128 -10.43 -9.70 0.49
N LYS B 129 -10.88 -8.70 -0.22
CA LYS B 129 -10.78 -8.75 -1.71
C LYS B 129 -9.58 -7.92 -2.19
N PHE B 130 -8.84 -8.42 -3.12
CA PHE B 130 -7.65 -7.67 -3.64
C PHE B 130 -7.58 -7.76 -5.17
N VAL B 131 -6.72 -6.98 -5.77
CA VAL B 131 -6.58 -7.01 -7.25
C VAL B 131 -5.11 -6.91 -7.64
N ALA B 132 -4.67 -7.67 -8.61
CA ALA B 132 -3.24 -7.61 -9.03
C ALA B 132 -3.13 -7.26 -10.51
N LEU B 133 -2.18 -6.44 -10.88
CA LEU B 133 -2.02 -6.07 -12.31
C LEU B 133 -0.93 -6.92 -12.97
N ALA B 134 -1.29 -7.61 -14.01
CA ALA B 134 -0.29 -8.45 -14.72
C ALA B 134 0.41 -7.59 -15.78
N SER B 135 1.22 -8.20 -16.62
CA SER B 135 1.93 -7.41 -17.67
C SER B 135 1.03 -6.28 -18.18
N ASN B 136 -0.26 -6.49 -18.18
CA ASN B 136 -1.20 -5.43 -18.64
C ASN B 136 -1.47 -4.45 -17.49
N GLU B 137 -0.88 -3.28 -17.55
CA GLU B 137 -1.08 -2.28 -16.47
C GLU B 137 -2.55 -1.86 -16.32
N LYS B 138 -3.45 -2.38 -17.11
CA LYS B 138 -4.88 -1.96 -16.98
C LYS B 138 -5.35 -2.14 -15.53
N TRP B 139 -5.33 -1.09 -14.77
CA TRP B 139 -5.78 -1.18 -13.34
C TRP B 139 -6.97 -0.25 -13.10
N ALA B 140 -7.73 -0.51 -12.06
CA ALA B 140 -8.91 0.36 -11.77
C ALA B 140 -8.54 1.47 -10.79
N TYR B 141 -8.58 2.70 -11.22
CA TYR B 141 -8.22 3.82 -10.30
C TYR B 141 -9.43 4.74 -10.09
N ASN B 142 -9.85 4.90 -8.87
CA ASN B 142 -11.02 5.79 -8.60
C ASN B 142 -10.58 7.26 -8.61
N ASN B 143 -11.39 8.12 -9.16
CA ASN B 143 -11.01 9.57 -9.21
C ASN B 143 -12.04 10.40 -8.43
N SER B 144 -11.63 11.52 -7.91
CA SER B 144 -12.57 12.39 -7.14
C SER B 144 -12.83 13.69 -7.89
N ASP B 145 -14.00 14.25 -7.74
CA ASP B 145 -14.31 15.52 -8.45
C ASP B 145 -13.37 16.64 -7.97
N MET A 1 6.50 -7.96 11.58
CA MET A 1 5.07 -7.93 11.16
C MET A 1 4.15 -7.91 12.38
N LEU A 2 4.06 -6.80 13.06
CA LEU A 2 3.17 -6.72 14.25
C LEU A 2 1.79 -7.25 13.88
N GLN A 3 0.86 -7.22 14.80
CA GLN A 3 -0.50 -7.70 14.48
C GLN A 3 -1.54 -6.67 14.90
N LYS A 4 -1.19 -5.42 14.82
CA LYS A 4 -2.16 -4.35 15.22
C LYS A 4 -1.55 -2.98 14.91
N PRO A 5 -1.25 -2.77 13.66
CA PRO A 5 -0.65 -1.50 13.21
C PRO A 5 -1.72 -0.44 12.97
N LYS A 6 -1.30 0.76 12.65
CA LYS A 6 -2.28 1.85 12.37
C LYS A 6 -2.46 2.00 10.86
N SER A 7 -3.50 2.67 10.43
CA SER A 7 -3.71 2.84 8.97
C SER A 7 -3.06 4.12 8.47
N VAL A 8 -2.13 4.01 7.55
CA VAL A 8 -1.47 5.24 7.03
C VAL A 8 -1.25 5.11 5.52
N LYS A 9 -2.19 5.58 4.74
CA LYS A 9 -2.06 5.48 3.26
C LYS A 9 -1.15 6.61 2.74
N LEU A 10 0.08 6.30 2.40
CA LEU A 10 1.00 7.35 1.90
C LEU A 10 0.61 7.79 0.49
N ARG A 11 1.18 8.87 0.03
CA ARG A 11 0.87 9.38 -1.34
C ARG A 11 2.11 10.01 -1.96
N ALA A 12 2.04 10.37 -3.22
CA ALA A 12 3.21 11.01 -3.88
C ALA A 12 2.74 12.12 -4.81
N LEU A 13 3.62 13.01 -5.20
CA LEU A 13 3.20 14.12 -6.11
C LEU A 13 3.78 13.90 -7.51
N ARG A 14 5.08 13.80 -7.63
CA ARG A 14 5.70 13.59 -8.96
C ARG A 14 4.93 12.52 -9.74
N SER A 15 4.86 11.33 -9.22
CA SER A 15 4.12 10.24 -9.93
C SER A 15 2.77 9.99 -9.26
N PRO A 16 1.78 9.76 -10.07
CA PRO A 16 0.42 9.50 -9.54
C PRO A 16 0.35 8.10 -8.91
N ARG A 17 0.76 7.98 -7.68
CA ARG A 17 0.74 6.64 -7.01
C ARG A 17 0.44 6.82 -5.52
N LYS A 18 -0.14 5.84 -4.90
CA LYS A 18 -0.44 5.95 -3.45
C LYS A 18 -0.16 4.62 -2.74
N PHE A 19 0.83 4.58 -1.90
CA PHE A 19 1.16 3.32 -1.18
C PHE A 19 0.41 3.25 0.14
N GLY A 20 -0.28 2.18 0.39
CA GLY A 20 -1.01 2.07 1.67
C GLY A 20 -0.37 0.98 2.53
N VAL A 21 0.25 1.39 3.61
CA VAL A 21 0.90 0.41 4.52
C VAL A 21 0.51 0.74 5.97
N ALA A 22 0.02 -0.23 6.69
CA ALA A 22 -0.41 0.04 8.11
C ALA A 22 0.67 -0.41 9.10
N GLY A 23 1.47 0.49 9.58
CA GLY A 23 2.54 0.10 10.54
C GLY A 23 2.30 0.79 11.90
N ARG A 24 2.61 0.12 12.96
CA ARG A 24 2.42 0.73 14.32
C ARG A 24 3.55 1.72 14.61
N SER A 25 4.69 1.49 14.04
CA SER A 25 5.85 2.39 14.27
C SER A 25 5.78 3.58 13.30
N CYS A 26 5.33 4.72 13.77
CA CYS A 26 5.21 5.92 12.89
C CYS A 26 6.50 6.13 12.08
N GLN A 27 7.51 6.71 12.69
CA GLN A 27 8.79 6.96 11.95
C GLN A 27 9.09 5.79 11.02
N GLU A 28 9.03 4.60 11.53
CA GLU A 28 9.28 3.39 10.68
C GLU A 28 8.46 3.45 9.40
N VAL A 29 7.16 3.37 9.52
CA VAL A 29 6.30 3.41 8.30
C VAL A 29 6.77 4.51 7.36
N LEU A 30 6.87 5.71 7.85
CA LEU A 30 7.34 6.83 6.98
C LEU A 30 8.67 6.46 6.31
N ARG A 31 9.63 6.06 7.08
CA ARG A 31 10.95 5.68 6.49
C ARG A 31 10.73 4.70 5.33
N LYS A 32 9.84 3.76 5.50
CA LYS A 32 9.59 2.78 4.41
C LYS A 32 8.96 3.47 3.20
N GLY A 33 7.69 3.78 3.26
CA GLY A 33 7.03 4.46 2.11
C GLY A 33 7.89 5.62 1.62
N CYS A 34 8.41 6.41 2.51
CA CYS A 34 9.27 7.56 2.09
C CYS A 34 10.48 7.07 1.30
N LEU A 35 11.19 6.10 1.83
CA LEU A 35 12.38 5.57 1.11
C LEU A 35 11.98 4.98 -0.24
N ARG A 36 10.81 4.39 -0.33
CA ARG A 36 10.37 3.80 -1.62
C ARG A 36 10.33 4.88 -2.71
N PHE A 37 9.99 6.09 -2.34
CA PHE A 37 9.92 7.18 -3.34
C PHE A 37 11.34 7.70 -3.64
N GLN A 38 12.31 7.25 -2.91
CA GLN A 38 13.71 7.71 -3.16
C GLN A 38 13.78 9.24 -3.10
N LEU A 39 13.41 9.82 -2.00
CA LEU A 39 13.47 11.30 -1.87
C LEU A 39 14.40 11.70 -0.73
N PRO A 40 15.32 12.59 -1.04
CA PRO A 40 16.29 13.06 -0.02
C PRO A 40 15.60 14.01 0.97
N GLU A 41 16.30 14.44 1.98
CA GLU A 41 15.69 15.35 2.98
C GLU A 41 15.66 16.78 2.45
N ARG A 42 16.78 17.46 2.49
CA ARG A 42 16.82 18.86 1.99
C ARG A 42 16.20 18.95 0.59
N GLY A 43 16.54 18.03 -0.27
CA GLY A 43 15.99 18.07 -1.67
C GLY A 43 14.48 17.79 -1.65
N SER A 44 14.07 16.79 -0.93
CA SER A 44 12.61 16.48 -0.88
C SER A 44 12.10 16.56 0.56
N ARG A 45 10.94 17.11 0.74
CA ARG A 45 10.38 17.22 2.12
C ARG A 45 9.05 16.46 2.23
N LEU A 46 8.83 15.80 3.33
CA LEU A 46 7.55 15.06 3.50
C LEU A 46 6.52 15.95 4.18
N CYS A 47 5.31 15.98 3.67
CA CYS A 47 4.27 16.84 4.29
C CYS A 47 2.91 16.15 4.24
N LEU A 48 1.91 16.73 4.84
CA LEU A 48 0.56 16.10 4.81
C LEU A 48 -0.14 16.37 3.48
N TYR A 49 -1.32 15.85 3.28
CA TYR A 49 -2.03 16.09 2.00
C TYR A 49 -2.77 17.43 2.04
N GLU A 50 -3.71 17.57 2.92
CA GLU A 50 -4.47 18.85 3.02
C GLU A 50 -3.53 20.00 3.40
N ASP A 51 -2.96 19.93 4.57
CA ASP A 51 -2.02 21.00 5.00
C ASP A 51 -0.75 20.99 4.14
N GLY A 52 -0.13 19.85 4.01
CA GLY A 52 1.11 19.76 3.18
C GLY A 52 2.13 20.79 3.68
N THR A 53 1.96 21.29 4.86
CA THR A 53 2.92 22.31 5.39
C THR A 53 4.23 21.65 5.86
N GLU A 54 4.24 21.01 7.00
CA GLU A 54 5.50 20.35 7.46
C GLU A 54 5.18 19.00 8.13
N LEU A 55 5.93 17.99 7.84
CA LEU A 55 5.69 16.65 8.46
C LEU A 55 7.00 15.98 8.82
N THR A 56 7.35 15.96 10.08
CA THR A 56 8.62 15.31 10.49
C THR A 56 8.45 13.80 10.55
N GLU A 57 9.14 13.08 9.72
CA GLU A 57 9.00 11.59 9.72
C GLU A 57 8.99 11.07 11.15
N ASP A 58 9.59 11.79 12.07
CA ASP A 58 9.63 11.34 13.49
C ASP A 58 8.26 10.80 13.92
N TYR A 59 7.29 11.66 14.06
CA TYR A 59 5.93 11.19 14.49
C TYR A 59 4.84 11.83 13.62
N PHE A 60 3.62 11.38 13.75
CA PHE A 60 2.52 11.96 12.94
C PHE A 60 1.96 13.21 13.63
N PRO A 61 1.36 14.06 12.84
CA PRO A 61 0.78 15.32 13.39
C PRO A 61 -0.51 15.01 14.16
N SER A 62 -0.40 14.37 15.29
CA SER A 62 -1.61 14.04 16.10
C SER A 62 -2.66 13.34 15.23
N VAL A 63 -2.24 12.68 14.18
CA VAL A 63 -3.23 11.97 13.31
C VAL A 63 -2.88 10.48 13.21
N PRO A 64 -3.25 9.76 14.25
CA PRO A 64 -2.97 8.30 14.29
C PRO A 64 -3.98 7.56 13.41
N ASP A 65 -5.22 7.95 13.42
CA ASP A 65 -6.24 7.26 12.58
C ASP A 65 -5.66 7.04 11.18
N ASN A 66 -5.33 8.11 10.50
CA ASN A 66 -4.75 7.97 9.14
C ASN A 66 -3.62 8.98 8.93
N ALA A 67 -2.58 8.56 8.27
CA ALA A 67 -1.45 9.49 8.00
C ALA A 67 -1.21 9.56 6.49
N GLU A 68 -2.05 10.27 5.78
CA GLU A 68 -1.90 10.38 4.31
C GLU A 68 -0.80 11.40 3.98
N LEU A 69 0.43 11.01 4.06
CA LEU A 69 1.54 11.97 3.76
C LEU A 69 1.80 12.03 2.25
N VAL A 70 1.89 13.21 1.71
CA VAL A 70 2.15 13.35 0.25
C VAL A 70 3.57 13.86 0.03
N LEU A 71 4.45 13.02 -0.47
CA LEU A 71 5.85 13.47 -0.69
C LEU A 71 5.86 14.87 -1.30
N LEU A 72 6.60 15.77 -0.71
CA LEU A 72 6.65 17.17 -1.24
C LEU A 72 8.09 17.59 -1.54
N THR A 73 8.50 17.53 -2.78
CA THR A 73 9.89 17.92 -3.13
C THR A 73 9.87 18.93 -4.28
N LEU A 74 9.59 20.17 -3.99
CA LEU A 74 9.57 21.20 -5.07
C LEU A 74 10.05 22.55 -4.52
N GLY A 75 10.30 23.49 -5.39
CA GLY A 75 10.78 24.83 -4.92
C GLY A 75 9.74 25.42 -3.96
N GLN A 76 8.53 24.94 -4.00
CA GLN A 76 7.47 25.47 -3.10
C GLN A 76 6.88 24.33 -2.25
N ALA A 77 6.28 24.65 -1.14
CA ALA A 77 5.69 23.60 -0.27
C ALA A 77 4.31 23.18 -0.79
N TRP A 78 3.80 22.08 -0.32
CA TRP A 78 2.45 21.62 -0.78
C TRP A 78 1.35 22.39 -0.05
N GLN A 79 0.31 22.77 -0.76
CA GLN A 79 -0.78 23.53 -0.11
C GLN A 79 -2.15 23.09 -0.66
N GLY A 80 -2.51 21.87 -0.44
CA GLY A 80 -3.82 21.38 -0.96
C GLY A 80 -4.91 21.65 0.08
N HIS A 81 -5.65 22.71 -0.09
CA HIS A 81 -6.72 23.04 0.89
C HIS A 81 -7.48 24.29 0.44
N SER B 57 -7.48 -11.48 23.57
CA SER B 57 -6.40 -12.26 22.91
C SER B 57 -6.87 -12.77 21.56
N GLY B 58 -7.34 -11.91 20.72
CA GLY B 58 -7.84 -12.36 19.39
C GLY B 58 -6.77 -12.06 18.32
N GLU B 59 -5.52 -12.27 18.63
CA GLU B 59 -4.45 -12.01 17.63
C GLU B 59 -4.52 -13.01 16.48
N ILE B 60 -3.85 -12.73 15.40
CA ILE B 60 -3.87 -13.68 14.24
C ILE B 60 -2.82 -14.77 14.44
N ARG B 61 -3.25 -15.99 14.58
CA ARG B 61 -2.29 -17.11 14.77
C ARG B 61 -2.16 -17.91 13.48
N THR B 62 -3.25 -18.36 12.93
CA THR B 62 -3.20 -19.14 11.67
C THR B 62 -3.03 -18.21 10.47
N LEU B 63 -2.98 -18.75 9.27
CA LEU B 63 -2.80 -17.89 8.07
C LEU B 63 -4.15 -17.26 7.69
N LYS B 64 -4.12 -16.11 7.09
CA LYS B 64 -5.39 -15.44 6.69
C LYS B 64 -5.65 -15.65 5.19
N PRO B 65 -6.66 -16.41 4.90
CA PRO B 65 -7.01 -16.70 3.49
C PRO B 65 -7.66 -15.47 2.84
N CYS B 66 -7.03 -14.91 1.85
CA CYS B 66 -7.60 -13.72 1.17
C CYS B 66 -8.08 -14.09 -0.24
N LEU B 67 -8.70 -13.16 -0.92
CA LEU B 67 -9.19 -13.46 -2.30
C LEU B 67 -8.46 -12.59 -3.33
N LEU B 68 -7.69 -13.19 -4.18
CA LEU B 68 -6.95 -12.40 -5.21
C LEU B 68 -7.70 -12.45 -6.56
N ARG B 69 -7.58 -11.42 -7.35
CA ARG B 69 -8.29 -11.43 -8.67
C ARG B 69 -7.29 -11.30 -9.81
N ARG B 70 -7.71 -11.58 -11.02
CA ARG B 70 -6.77 -11.48 -12.18
C ARG B 70 -7.10 -10.26 -13.04
N ASN B 71 -6.12 -9.67 -13.65
CA ASN B 71 -6.38 -8.47 -14.50
C ASN B 71 -6.97 -8.90 -15.85
N TYR B 72 -6.41 -9.91 -16.45
CA TYR B 72 -6.95 -10.38 -17.76
C TYR B 72 -8.38 -10.89 -17.60
N SER B 73 -8.61 -11.72 -16.62
CA SER B 73 -9.98 -12.25 -16.38
C SER B 73 -10.66 -11.46 -15.24
N ARG B 74 -11.93 -11.23 -15.35
CA ARG B 74 -12.64 -10.46 -14.28
C ARG B 74 -13.08 -11.40 -13.14
N GLU B 75 -12.68 -12.64 -13.22
CA GLU B 75 -13.08 -13.60 -12.15
C GLU B 75 -12.19 -13.44 -10.91
N GLN B 76 -12.78 -13.50 -9.74
CA GLN B 76 -11.96 -13.35 -8.50
C GLN B 76 -11.36 -14.69 -8.09
N HIS B 77 -10.39 -14.69 -7.22
CA HIS B 77 -9.77 -15.99 -6.81
C HIS B 77 -9.69 -16.06 -5.27
N GLY B 78 -9.26 -17.17 -4.75
CA GLY B 78 -9.15 -17.30 -3.27
C GLY B 78 -7.81 -17.97 -2.93
N VAL B 79 -6.91 -17.23 -2.32
CA VAL B 79 -5.58 -17.82 -1.97
C VAL B 79 -5.38 -17.81 -0.45
N ALA B 80 -4.35 -18.45 0.03
CA ALA B 80 -4.11 -18.48 1.50
C ALA B 80 -2.64 -18.20 1.79
N ALA B 81 -2.30 -17.00 2.17
CA ALA B 81 -0.89 -16.67 2.48
C ALA B 81 -0.81 -15.83 3.76
N SER B 82 0.24 -15.99 4.53
CA SER B 82 0.37 -15.21 5.79
C SER B 82 1.02 -13.86 5.50
N CYS B 83 1.77 -13.77 4.43
CA CYS B 83 2.43 -12.47 4.10
C CYS B 83 2.28 -12.17 2.60
N LEU B 84 2.41 -10.93 2.22
CA LEU B 84 2.27 -10.58 0.79
C LEU B 84 3.03 -11.57 -0.09
N GLU B 85 4.33 -11.63 0.06
CA GLU B 85 5.13 -12.59 -0.76
C GLU B 85 4.42 -13.93 -0.85
N ASP B 86 4.07 -14.51 0.27
CA ASP B 86 3.37 -15.82 0.25
C ASP B 86 2.08 -15.72 -0.58
N LEU B 87 1.34 -14.66 -0.41
CA LEU B 87 0.08 -14.50 -1.19
C LEU B 87 0.40 -14.38 -2.69
N ARG B 88 1.51 -13.78 -3.02
CA ARG B 88 1.89 -13.63 -4.46
C ARG B 88 2.21 -15.01 -5.04
N SER B 89 3.29 -15.60 -4.59
CA SER B 89 3.67 -16.94 -5.12
C SER B 89 2.43 -17.85 -5.18
N LYS B 90 1.73 -17.97 -4.09
CA LYS B 90 0.51 -18.84 -4.08
C LYS B 90 -0.53 -18.30 -5.06
N ALA B 91 -0.59 -17.00 -5.21
CA ALA B 91 -1.57 -16.40 -6.15
C ALA B 91 -1.13 -16.62 -7.60
N CYS B 92 0.15 -16.78 -7.83
CA CYS B 92 0.64 -16.98 -9.22
C CYS B 92 0.37 -18.42 -9.66
N ASP B 93 0.69 -19.39 -8.84
CA ASP B 93 0.46 -20.80 -9.23
C ASP B 93 -1.05 -21.14 -9.16
N ILE B 94 -1.75 -20.59 -8.20
CA ILE B 94 -3.20 -20.89 -8.10
C ILE B 94 -3.94 -20.21 -9.27
N LEU B 95 -3.44 -19.09 -9.71
CA LEU B 95 -4.08 -18.38 -10.83
C LEU B 95 -3.79 -19.12 -12.15
N ALA B 96 -2.78 -19.93 -12.15
CA ALA B 96 -2.43 -20.70 -13.39
C ALA B 96 -2.07 -19.76 -14.53
N ILE B 97 -1.33 -18.72 -14.24
CA ILE B 97 -0.95 -17.76 -15.32
C ILE B 97 0.40 -18.16 -15.92
N ASP B 98 0.64 -17.78 -17.15
CA ASP B 98 1.94 -18.13 -17.80
C ASP B 98 2.82 -16.89 -17.91
N LYS B 99 2.24 -15.73 -17.71
CA LYS B 99 3.05 -14.48 -17.81
C LYS B 99 3.62 -14.13 -16.43
N SER B 100 3.88 -15.12 -15.63
CA SER B 100 4.42 -14.86 -14.26
C SER B 100 5.69 -14.02 -14.33
N LEU B 101 6.37 -14.02 -15.44
CA LEU B 101 7.62 -13.24 -15.54
C LEU B 101 7.35 -11.75 -15.37
N THR B 102 6.10 -11.35 -15.39
CA THR B 102 5.79 -9.91 -15.22
C THR B 102 5.62 -9.57 -13.74
N PRO B 103 6.13 -8.43 -13.36
CA PRO B 103 6.05 -7.98 -11.95
C PRO B 103 4.60 -7.62 -11.59
N VAL B 104 3.91 -8.52 -10.94
CA VAL B 104 2.50 -8.25 -10.56
C VAL B 104 2.45 -7.51 -9.22
N THR B 105 1.61 -6.51 -9.12
CA THR B 105 1.52 -5.75 -7.84
C THR B 105 0.15 -6.01 -7.19
N LEU B 106 -0.01 -5.62 -5.96
CA LEU B 106 -1.32 -5.85 -5.27
C LEU B 106 -1.99 -4.52 -4.91
N VAL B 107 -3.16 -4.28 -5.45
CA VAL B 107 -3.87 -3.01 -5.14
C VAL B 107 -5.14 -3.30 -4.34
N LEU B 108 -5.83 -2.28 -3.91
CA LEU B 108 -7.07 -2.49 -3.12
C LEU B 108 -8.29 -1.94 -3.88
N ALA B 109 -9.25 -2.76 -4.16
CA ALA B 109 -10.45 -2.28 -4.90
C ALA B 109 -11.07 -1.07 -4.22
N GLU B 110 -11.38 -1.17 -2.95
CA GLU B 110 -11.99 -0.03 -2.23
C GLU B 110 -11.10 1.22 -2.31
N ASP B 111 -9.92 1.16 -1.75
CA ASP B 111 -9.01 2.35 -1.78
C ASP B 111 -8.20 2.38 -3.08
N GLY B 112 -7.55 1.29 -3.40
CA GLY B 112 -6.73 1.24 -4.65
C GLY B 112 -5.31 1.69 -4.36
N THR B 113 -4.86 1.51 -3.16
CA THR B 113 -3.46 1.93 -2.82
C THR B 113 -2.57 0.69 -2.83
N ILE B 114 -1.38 0.79 -3.34
CA ILE B 114 -0.50 -0.41 -3.36
C ILE B 114 0.11 -0.62 -1.98
N VAL B 115 0.09 -1.83 -1.50
CA VAL B 115 0.66 -2.09 -0.15
C VAL B 115 1.93 -2.92 -0.28
N ASP B 116 3.07 -2.28 -0.22
CA ASP B 116 4.36 -3.02 -0.34
C ASP B 116 4.69 -3.71 0.99
N ASP B 117 3.80 -3.64 1.94
CA ASP B 117 4.06 -4.27 3.26
C ASP B 117 2.87 -5.13 3.70
N ASP B 118 3.12 -6.22 4.37
CA ASP B 118 2.00 -7.08 4.84
C ASP B 118 1.13 -6.32 5.84
N ASP B 119 1.59 -5.17 6.27
CA ASP B 119 0.81 -4.36 7.25
C ASP B 119 -0.68 -4.40 6.94
N TYR B 120 -1.13 -3.59 6.02
CA TYR B 120 -2.56 -3.56 5.65
C TYR B 120 -3.04 -4.95 5.23
N PHE B 121 -2.18 -5.75 4.66
CA PHE B 121 -2.62 -7.11 4.24
C PHE B 121 -3.06 -7.93 5.46
N LEU B 122 -2.40 -7.75 6.57
CA LEU B 122 -2.78 -8.52 7.79
C LEU B 122 -3.81 -7.73 8.61
N CYS B 123 -3.73 -6.44 8.60
CA CYS B 123 -4.71 -5.63 9.38
C CYS B 123 -6.13 -5.89 8.87
N LEU B 124 -6.27 -6.42 7.69
CA LEU B 124 -7.63 -6.69 7.15
C LEU B 124 -8.15 -8.03 7.67
N PRO B 125 -9.43 -8.24 7.51
CA PRO B 125 -10.07 -9.49 7.97
C PRO B 125 -9.72 -10.65 7.04
N SER B 126 -10.14 -11.84 7.38
CA SER B 126 -9.83 -13.01 6.51
C SER B 126 -10.46 -12.83 5.14
N ASN B 127 -11.73 -12.53 5.11
CA ASN B 127 -12.42 -12.33 3.80
C ASN B 127 -12.11 -10.94 3.24
N THR B 128 -11.19 -10.84 2.32
CA THR B 128 -10.85 -9.51 1.75
C THR B 128 -10.63 -9.64 0.24
N LYS B 129 -11.01 -8.66 -0.52
CA LYS B 129 -10.83 -8.72 -2.00
C LYS B 129 -9.61 -7.93 -2.45
N PHE B 130 -8.83 -8.48 -3.35
CA PHE B 130 -7.62 -7.76 -3.84
C PHE B 130 -7.56 -7.80 -5.37
N VAL B 131 -6.67 -7.05 -5.96
CA VAL B 131 -6.56 -7.05 -7.45
C VAL B 131 -5.07 -6.99 -7.84
N ALA B 132 -4.65 -7.83 -8.75
CA ALA B 132 -3.22 -7.82 -9.17
C ALA B 132 -3.08 -7.35 -10.62
N LEU B 133 -2.09 -6.53 -10.89
CA LEU B 133 -1.89 -6.05 -12.29
C LEU B 133 -0.70 -6.78 -12.92
N ALA B 134 -0.96 -7.53 -13.94
CA ALA B 134 0.13 -8.27 -14.63
C ALA B 134 0.73 -7.38 -15.72
N SER B 135 1.59 -7.92 -16.55
CA SER B 135 2.22 -7.12 -17.64
C SER B 135 1.28 -6.00 -18.09
N ASN B 136 0.00 -6.26 -18.14
CA ASN B 136 -0.96 -5.21 -18.56
C ASN B 136 -1.23 -4.26 -17.38
N GLU B 137 -0.64 -3.10 -17.40
CA GLU B 137 -0.84 -2.12 -16.30
C GLU B 137 -2.32 -1.69 -16.20
N LYS B 138 -3.17 -2.20 -17.03
CA LYS B 138 -4.61 -1.79 -16.98
C LYS B 138 -5.15 -1.96 -15.57
N TRP B 139 -5.02 -0.93 -14.77
CA TRP B 139 -5.51 -0.98 -13.37
C TRP B 139 -6.78 -0.12 -13.24
N ALA B 140 -7.58 -0.36 -12.24
CA ALA B 140 -8.82 0.45 -12.08
C ALA B 140 -8.55 1.65 -11.16
N TYR B 141 -8.55 2.83 -11.71
CA TYR B 141 -8.30 4.04 -10.88
C TYR B 141 -9.62 4.72 -10.53
N ASN B 142 -9.76 5.21 -9.33
CA ASN B 142 -11.03 5.88 -8.93
C ASN B 142 -10.85 7.40 -8.97
N ASN B 143 -11.89 8.12 -9.28
CA ASN B 143 -11.79 9.60 -9.34
C ASN B 143 -12.25 10.22 -8.02
N SER B 144 -11.62 11.28 -7.60
CA SER B 144 -12.03 11.92 -6.31
C SER B 144 -12.67 13.29 -6.57
N ASP B 145 -13.86 13.50 -6.07
CA ASP B 145 -14.55 14.81 -6.29
C ASP B 145 -13.87 15.91 -5.48
N MET A 1 3.02 -0.42 22.16
CA MET A 1 3.69 -1.73 21.91
C MET A 1 2.65 -2.81 21.65
N LEU A 2 1.39 -2.47 21.74
CA LEU A 2 0.32 -3.48 21.51
C LEU A 2 0.46 -4.12 20.14
N GLN A 3 -0.48 -4.93 19.77
CA GLN A 3 -0.43 -5.59 18.43
C GLN A 3 -1.46 -4.94 17.50
N LYS A 4 -1.69 -3.68 17.67
CA LYS A 4 -2.67 -2.97 16.81
C LYS A 4 -2.01 -1.78 16.12
N PRO A 5 -1.64 -1.99 14.89
CA PRO A 5 -0.98 -0.94 14.09
C PRO A 5 -1.99 0.13 13.68
N LYS A 6 -1.52 1.24 13.17
CA LYS A 6 -2.46 2.33 12.75
C LYS A 6 -2.61 2.34 11.23
N SER A 7 -3.78 2.62 10.74
CA SER A 7 -3.99 2.66 9.27
C SER A 7 -3.51 3.99 8.68
N VAL A 8 -2.54 3.96 7.81
CA VAL A 8 -2.03 5.24 7.22
C VAL A 8 -1.73 5.07 5.73
N LYS A 9 -2.49 5.70 4.88
CA LYS A 9 -2.25 5.58 3.42
C LYS A 9 -1.32 6.71 2.96
N LEU A 10 -0.19 6.37 2.38
CA LEU A 10 0.76 7.44 1.93
C LEU A 10 0.44 7.86 0.50
N ARG A 11 1.04 8.93 0.05
CA ARG A 11 0.78 9.41 -1.34
C ARG A 11 2.06 10.03 -1.93
N ALA A 12 2.09 10.19 -3.22
CA ALA A 12 3.29 10.80 -3.87
C ALA A 12 2.85 11.91 -4.83
N LEU A 13 3.75 12.78 -5.22
CA LEU A 13 3.36 13.87 -6.16
C LEU A 13 3.95 13.62 -7.55
N ARG A 14 5.24 13.52 -7.66
CA ARG A 14 5.87 13.28 -8.99
C ARG A 14 5.09 12.22 -9.76
N SER A 15 4.99 11.04 -9.22
CA SER A 15 4.24 9.96 -9.92
C SER A 15 2.89 9.73 -9.22
N PRO A 16 1.87 9.56 -10.02
CA PRO A 16 0.52 9.34 -9.47
C PRO A 16 0.40 7.94 -8.85
N ARG A 17 0.82 7.79 -7.62
CA ARG A 17 0.74 6.47 -6.96
C ARG A 17 0.44 6.65 -5.47
N LYS A 18 -0.14 5.67 -4.84
CA LYS A 18 -0.45 5.80 -3.38
C LYS A 18 -0.18 4.48 -2.66
N PHE A 19 0.79 4.46 -1.78
CA PHE A 19 1.11 3.22 -1.03
C PHE A 19 0.38 3.22 0.32
N GLY A 20 -0.42 2.22 0.58
CA GLY A 20 -1.15 2.18 1.88
C GLY A 20 -0.47 1.17 2.81
N VAL A 21 -0.10 1.60 3.98
CA VAL A 21 0.56 0.67 4.94
C VAL A 21 0.07 0.94 6.36
N ALA A 22 -0.15 -0.08 7.14
CA ALA A 22 -0.64 0.13 8.54
C ALA A 22 0.45 -0.30 9.54
N GLY A 23 1.41 0.55 9.77
CA GLY A 23 2.49 0.20 10.74
C GLY A 23 2.21 0.87 12.09
N ARG A 24 2.48 0.19 13.17
CA ARG A 24 2.24 0.79 14.51
C ARG A 24 3.31 1.83 14.82
N SER A 25 4.49 1.67 14.28
CA SER A 25 5.58 2.65 14.55
C SER A 25 5.53 3.79 13.53
N CYS A 26 5.29 4.99 14.00
CA CYS A 26 5.20 6.17 13.08
C CYS A 26 6.46 6.27 12.22
N GLN A 27 7.53 6.81 12.76
CA GLN A 27 8.79 6.96 11.95
C GLN A 27 9.00 5.71 11.09
N GLU A 28 8.69 4.57 11.62
CA GLU A 28 8.86 3.31 10.84
C GLU A 28 8.01 3.34 9.58
N VAL A 29 6.71 3.39 9.73
CA VAL A 29 5.82 3.41 8.53
C VAL A 29 6.36 4.38 7.46
N LEU A 30 6.67 5.59 7.85
CA LEU A 30 7.21 6.57 6.86
C LEU A 30 8.57 6.11 6.35
N ARG A 31 9.47 5.77 7.24
CA ARG A 31 10.82 5.33 6.79
C ARG A 31 10.70 4.33 5.64
N LYS A 32 9.64 3.55 5.62
CA LYS A 32 9.47 2.56 4.52
C LYS A 32 8.90 3.25 3.27
N GLY A 33 7.63 3.57 3.29
CA GLY A 33 7.02 4.24 2.10
C GLY A 33 7.95 5.37 1.64
N CYS A 34 8.42 6.18 2.54
CA CYS A 34 9.32 7.30 2.15
C CYS A 34 10.52 6.79 1.36
N LEU A 35 11.22 5.82 1.90
CA LEU A 35 12.41 5.27 1.18
C LEU A 35 12.00 4.73 -0.20
N ARG A 36 10.83 4.14 -0.29
CA ARG A 36 10.38 3.60 -1.60
C ARG A 36 10.28 4.72 -2.63
N PHE A 37 10.00 5.92 -2.19
CA PHE A 37 9.87 7.06 -3.13
C PHE A 37 11.26 7.57 -3.54
N GLN A 38 12.29 7.04 -2.95
CA GLN A 38 13.66 7.50 -3.31
C GLN A 38 13.76 9.02 -3.18
N LEU A 39 13.50 9.53 -2.00
CA LEU A 39 13.56 11.01 -1.80
C LEU A 39 14.62 11.35 -0.75
N PRO A 40 15.48 12.28 -1.10
CA PRO A 40 16.55 12.71 -0.17
C PRO A 40 15.96 13.56 0.97
N GLU A 41 16.77 13.91 1.93
CA GLU A 41 16.26 14.74 3.06
C GLU A 41 15.98 16.17 2.60
N ARG A 42 17.01 16.95 2.41
CA ARG A 42 16.82 18.36 1.96
C ARG A 42 16.26 18.38 0.54
N GLY A 43 16.79 17.58 -0.34
CA GLY A 43 16.29 17.57 -1.74
C GLY A 43 14.78 17.32 -1.75
N SER A 44 14.33 16.39 -0.97
CA SER A 44 12.86 16.11 -0.92
C SER A 44 12.36 16.16 0.52
N ARG A 45 11.25 16.81 0.75
CA ARG A 45 10.71 16.91 2.13
C ARG A 45 9.31 16.26 2.19
N LEU A 46 8.97 15.67 3.30
CA LEU A 46 7.63 15.03 3.42
C LEU A 46 6.63 16.00 4.05
N CYS A 47 5.46 16.11 3.50
CA CYS A 47 4.44 17.04 4.08
C CYS A 47 3.04 16.42 3.98
N LEU A 48 2.06 17.09 4.53
CA LEU A 48 0.67 16.54 4.48
C LEU A 48 0.04 16.81 3.11
N TYR A 49 -1.18 16.39 2.92
CA TYR A 49 -1.86 16.61 1.60
C TYR A 49 -2.54 17.97 1.57
N GLU A 50 -3.54 18.17 2.38
CA GLU A 50 -4.24 19.49 2.40
C GLU A 50 -3.27 20.61 2.77
N ASP A 51 -2.78 20.59 3.97
CA ASP A 51 -1.82 21.63 4.41
C ASP A 51 -0.47 21.42 3.71
N GLY A 52 0.03 20.22 3.71
CA GLY A 52 1.34 19.94 3.07
C GLY A 52 2.39 20.91 3.60
N THR A 53 2.15 21.50 4.74
CA THR A 53 3.14 22.46 5.29
C THR A 53 4.40 21.73 5.79
N GLU A 54 4.34 21.07 6.92
CA GLU A 54 5.55 20.35 7.42
C GLU A 54 5.16 19.00 8.03
N LEU A 55 5.95 17.98 7.81
CA LEU A 55 5.62 16.65 8.39
C LEU A 55 6.90 15.96 8.90
N THR A 56 7.07 15.89 10.19
CA THR A 56 8.29 15.22 10.74
C THR A 56 8.07 13.71 10.84
N GLU A 57 8.96 12.94 10.28
CA GLU A 57 8.81 11.46 10.34
C GLU A 57 8.64 11.01 11.79
N ASP A 58 9.13 11.78 12.73
CA ASP A 58 9.00 11.39 14.16
C ASP A 58 7.58 10.90 14.45
N TYR A 59 6.62 11.78 14.40
CA TYR A 59 5.21 11.37 14.68
C TYR A 59 4.26 12.04 13.69
N PHE A 60 3.01 11.65 13.68
CA PHE A 60 2.04 12.28 12.75
C PHE A 60 1.48 13.57 13.35
N PRO A 61 0.98 14.43 12.50
CA PRO A 61 0.41 15.72 12.95
C PRO A 61 -0.95 15.49 13.63
N SER A 62 -0.94 15.10 14.87
CA SER A 62 -2.23 14.88 15.58
C SER A 62 -3.23 14.14 14.69
N VAL A 63 -2.76 13.37 13.75
CA VAL A 63 -3.70 12.64 12.84
C VAL A 63 -3.44 11.12 12.95
N PRO A 64 -3.97 10.55 13.99
CA PRO A 64 -3.79 9.10 14.24
C PRO A 64 -4.67 8.25 13.31
N ASP A 65 -5.94 8.58 13.23
CA ASP A 65 -6.84 7.78 12.35
C ASP A 65 -6.16 7.44 11.02
N ASN A 66 -5.81 8.43 10.25
CA ASN A 66 -5.13 8.16 8.95
C ASN A 66 -4.04 9.20 8.68
N ALA A 67 -2.92 8.78 8.17
CA ALA A 67 -1.83 9.75 7.87
C ALA A 67 -1.64 9.86 6.36
N GLU A 68 -2.48 10.60 5.70
CA GLU A 68 -2.36 10.76 4.23
C GLU A 68 -1.28 11.79 3.89
N LEU A 69 -0.04 11.40 3.95
CA LEU A 69 1.06 12.36 3.64
C LEU A 69 1.44 12.27 2.16
N VAL A 70 1.71 13.39 1.54
CA VAL A 70 2.10 13.37 0.10
C VAL A 70 3.56 13.82 -0.05
N LEU A 71 4.41 12.95 -0.50
CA LEU A 71 5.85 13.34 -0.66
C LEU A 71 5.94 14.71 -1.31
N LEU A 72 6.74 15.59 -0.76
CA LEU A 72 6.86 16.96 -1.34
C LEU A 72 8.33 17.31 -1.61
N THR A 73 8.70 17.39 -2.86
CA THR A 73 10.11 17.75 -3.19
C THR A 73 10.15 18.73 -4.37
N LEU A 74 9.91 19.98 -4.11
CA LEU A 74 9.93 20.98 -5.21
C LEU A 74 10.47 22.33 -4.70
N GLY A 75 10.64 23.29 -5.57
CA GLY A 75 11.15 24.62 -5.11
C GLY A 75 10.18 25.22 -4.10
N GLN A 76 8.98 24.69 -4.04
CA GLN A 76 7.98 25.23 -3.09
C GLN A 76 7.27 24.08 -2.35
N ALA A 77 6.70 24.36 -1.21
CA ALA A 77 5.99 23.28 -0.46
C ALA A 77 4.61 23.03 -1.07
N TRP A 78 3.99 21.94 -0.72
CA TRP A 78 2.64 21.64 -1.29
C TRP A 78 1.56 22.42 -0.54
N GLN A 79 0.62 23.00 -1.26
CA GLN A 79 -0.46 23.77 -0.59
C GLN A 79 -1.80 23.50 -1.29
N GLY A 80 -2.30 22.30 -1.20
CA GLY A 80 -3.59 21.98 -1.86
C GLY A 80 -4.74 22.21 -0.88
N HIS A 81 -5.31 23.39 -0.89
CA HIS A 81 -6.43 23.68 0.04
C HIS A 81 -7.76 23.20 -0.55
N SER B 57 0.65 -33.23 10.08
CA SER B 57 0.43 -31.90 10.72
C SER B 57 1.50 -30.91 10.27
N GLY B 58 1.45 -30.48 9.04
CA GLY B 58 2.45 -29.51 8.55
C GLY B 58 1.76 -28.22 8.11
N GLU B 59 0.51 -28.07 8.42
CA GLU B 59 -0.23 -26.83 8.02
C GLU B 59 0.43 -25.60 8.67
N ILE B 60 0.09 -24.44 8.20
CA ILE B 60 0.70 -23.20 8.78
C ILE B 60 -0.05 -22.79 10.05
N ARG B 61 0.55 -21.97 10.87
CA ARG B 61 -0.12 -21.53 12.13
C ARG B 61 -0.93 -20.26 11.86
N THR B 62 -0.28 -19.19 11.50
CA THR B 62 -1.01 -17.92 11.23
C THR B 62 -1.22 -17.75 9.73
N LEU B 63 -2.17 -18.44 9.16
CA LEU B 63 -2.43 -18.31 7.70
C LEU B 63 -3.72 -17.54 7.44
N LYS B 64 -3.69 -16.56 6.58
CA LYS B 64 -4.92 -15.78 6.30
C LYS B 64 -5.34 -15.98 4.84
N PRO B 65 -6.40 -16.74 4.67
CA PRO B 65 -6.92 -17.04 3.32
C PRO B 65 -7.59 -15.80 2.72
N CYS B 66 -6.91 -15.11 1.85
CA CYS B 66 -7.51 -13.88 1.24
C CYS B 66 -7.97 -14.18 -0.19
N LEU B 67 -8.59 -13.22 -0.84
CA LEU B 67 -9.06 -13.46 -2.23
C LEU B 67 -8.32 -12.55 -3.20
N LEU B 68 -7.77 -13.10 -4.25
CA LEU B 68 -7.03 -12.27 -5.24
C LEU B 68 -7.78 -12.27 -6.58
N ARG B 69 -7.31 -11.53 -7.53
CA ARG B 69 -8.00 -11.51 -8.86
C ARG B 69 -6.98 -11.43 -10.00
N ARG B 70 -7.44 -11.55 -11.22
CA ARG B 70 -6.51 -11.47 -12.38
C ARG B 70 -6.96 -10.38 -13.34
N ASN B 71 -6.05 -9.59 -13.84
CA ASN B 71 -6.44 -8.50 -14.78
C ASN B 71 -7.11 -9.07 -16.03
N TYR B 72 -6.72 -10.24 -16.44
CA TYR B 72 -7.35 -10.85 -17.65
C TYR B 72 -8.69 -11.51 -17.31
N SER B 73 -8.82 -12.00 -16.10
CA SER B 73 -10.11 -12.65 -15.72
C SER B 73 -10.96 -11.69 -14.87
N ARG B 74 -12.23 -11.62 -15.14
CA ARG B 74 -13.12 -10.71 -14.36
C ARG B 74 -13.68 -11.44 -13.14
N GLU B 75 -13.48 -12.72 -13.05
CA GLU B 75 -14.01 -13.49 -11.88
C GLU B 75 -13.09 -13.30 -10.66
N GLN B 76 -13.59 -13.55 -9.49
CA GLN B 76 -12.73 -13.38 -8.27
C GLN B 76 -11.94 -14.66 -8.00
N HIS B 77 -10.73 -14.53 -7.52
CA HIS B 77 -9.90 -15.73 -7.23
C HIS B 77 -9.72 -15.89 -5.72
N GLY B 78 -9.12 -16.95 -5.28
CA GLY B 78 -8.92 -17.15 -3.82
C GLY B 78 -7.53 -17.75 -3.57
N VAL B 79 -6.83 -17.23 -2.60
CA VAL B 79 -5.47 -17.78 -2.30
C VAL B 79 -5.25 -17.84 -0.79
N ALA B 80 -4.19 -18.45 -0.36
CA ALA B 80 -3.93 -18.56 1.11
C ALA B 80 -2.47 -18.21 1.43
N ALA B 81 -2.22 -17.02 1.89
CA ALA B 81 -0.82 -16.63 2.21
C ALA B 81 -0.80 -15.80 3.50
N SER B 82 0.25 -15.90 4.26
CA SER B 82 0.33 -15.12 5.54
C SER B 82 0.99 -13.76 5.28
N CYS B 83 1.77 -13.65 4.25
CA CYS B 83 2.44 -12.35 3.95
C CYS B 83 2.22 -11.95 2.49
N LEU B 84 2.49 -10.72 2.15
CA LEU B 84 2.29 -10.28 0.74
C LEU B 84 3.12 -11.16 -0.21
N GLU B 85 4.41 -11.10 -0.10
CA GLU B 85 5.27 -11.93 -1.00
C GLU B 85 4.71 -13.36 -1.08
N ASP B 86 4.25 -13.89 0.01
CA ASP B 86 3.69 -15.27 0.00
C ASP B 86 2.40 -15.30 -0.82
N LEU B 87 1.55 -14.32 -0.65
CA LEU B 87 0.28 -14.28 -1.43
C LEU B 87 0.59 -14.19 -2.93
N ARG B 88 1.58 -13.41 -3.28
CA ARG B 88 1.94 -13.26 -4.72
C ARG B 88 2.32 -14.63 -5.29
N SER B 89 3.41 -15.18 -4.84
CA SER B 89 3.83 -16.52 -5.35
C SER B 89 2.66 -17.50 -5.31
N LYS B 90 2.07 -17.68 -4.17
CA LYS B 90 0.92 -18.63 -4.06
C LYS B 90 -0.18 -18.23 -5.06
N ALA B 91 -0.34 -16.96 -5.30
CA ALA B 91 -1.39 -16.52 -6.26
C ALA B 91 -0.92 -16.74 -7.70
N CYS B 92 0.35 -16.94 -7.89
CA CYS B 92 0.86 -17.16 -9.27
C CYS B 92 0.61 -18.61 -9.70
N ASP B 93 0.90 -19.56 -8.84
CA ASP B 93 0.67 -20.98 -9.21
C ASP B 93 -0.83 -21.29 -9.20
N ILE B 94 -1.53 -20.87 -8.19
CA ILE B 94 -3.00 -21.14 -8.14
C ILE B 94 -3.69 -20.41 -9.29
N LEU B 95 -3.26 -19.23 -9.60
CA LEU B 95 -3.90 -18.47 -10.70
C LEU B 95 -3.54 -19.11 -12.05
N ALA B 96 -2.46 -19.84 -12.09
CA ALA B 96 -2.05 -20.49 -13.36
C ALA B 96 -1.94 -19.46 -14.49
N ILE B 97 -0.98 -18.58 -14.42
CA ILE B 97 -0.82 -17.56 -15.49
C ILE B 97 0.49 -17.79 -16.25
N ASP B 98 0.55 -17.36 -17.48
CA ASP B 98 1.80 -17.56 -18.28
C ASP B 98 2.64 -16.28 -18.27
N LYS B 99 2.02 -15.16 -17.99
CA LYS B 99 2.78 -13.88 -17.96
C LYS B 99 3.36 -13.63 -16.57
N SER B 100 3.63 -14.67 -15.84
CA SER B 100 4.19 -14.49 -14.46
C SER B 100 5.46 -13.64 -14.53
N LEU B 101 6.08 -13.55 -15.68
CA LEU B 101 7.32 -12.75 -15.82
C LEU B 101 7.02 -11.25 -15.71
N THR B 102 5.79 -10.88 -15.51
CA THR B 102 5.46 -9.43 -15.40
C THR B 102 5.38 -9.02 -13.93
N PRO B 103 5.77 -7.80 -13.67
CA PRO B 103 5.74 -7.28 -12.29
C PRO B 103 4.29 -7.03 -11.85
N VAL B 104 3.73 -7.95 -11.11
CA VAL B 104 2.32 -7.78 -10.66
C VAL B 104 2.27 -7.04 -9.32
N THR B 105 1.45 -6.03 -9.22
CA THR B 105 1.35 -5.27 -7.94
C THR B 105 0.03 -5.61 -7.24
N LEU B 106 -0.17 -5.13 -6.05
CA LEU B 106 -1.44 -5.44 -5.32
C LEU B 106 -2.16 -4.14 -4.96
N VAL B 107 -3.37 -3.98 -5.42
CA VAL B 107 -4.13 -2.75 -5.10
C VAL B 107 -5.37 -3.10 -4.26
N LEU B 108 -6.08 -2.11 -3.80
CA LEU B 108 -7.30 -2.38 -2.98
C LEU B 108 -8.56 -1.94 -3.73
N ALA B 109 -9.50 -2.82 -3.92
CA ALA B 109 -10.74 -2.44 -4.63
C ALA B 109 -11.45 -1.31 -3.87
N GLU B 110 -11.17 -1.16 -2.60
CA GLU B 110 -11.83 -0.08 -1.81
C GLU B 110 -11.00 1.20 -1.86
N ASP B 111 -9.79 1.16 -1.36
CA ASP B 111 -8.94 2.38 -1.38
C ASP B 111 -8.12 2.44 -2.67
N GLY B 112 -7.84 1.29 -3.24
CA GLY B 112 -7.05 1.26 -4.50
C GLY B 112 -5.60 1.70 -4.23
N THR B 113 -5.11 1.45 -3.05
CA THR B 113 -3.70 1.84 -2.75
C THR B 113 -2.84 0.59 -2.62
N ILE B 114 -1.65 0.62 -3.15
CA ILE B 114 -0.78 -0.59 -3.07
C ILE B 114 -0.12 -0.66 -1.70
N VAL B 115 -0.11 -1.83 -1.11
CA VAL B 115 0.52 -1.99 0.24
C VAL B 115 1.82 -2.77 0.12
N ASP B 116 2.94 -2.09 0.13
CA ASP B 116 4.25 -2.80 0.02
C ASP B 116 4.64 -3.41 1.37
N ASP B 117 3.76 -3.33 2.34
CA ASP B 117 4.08 -3.91 3.68
C ASP B 117 2.96 -4.84 4.13
N ASP B 118 3.29 -5.91 4.79
CA ASP B 118 2.23 -6.86 5.26
C ASP B 118 1.33 -6.18 6.28
N ASP B 119 1.72 -5.02 6.74
CA ASP B 119 0.89 -4.28 7.75
C ASP B 119 -0.59 -4.39 7.37
N TYR B 120 -1.04 -3.60 6.45
CA TYR B 120 -2.47 -3.66 6.04
C TYR B 120 -2.85 -5.07 5.59
N PHE B 121 -1.99 -5.72 4.84
CA PHE B 121 -2.32 -7.10 4.38
C PHE B 121 -2.72 -7.97 5.57
N LEU B 122 -2.12 -7.74 6.71
CA LEU B 122 -2.46 -8.56 7.91
C LEU B 122 -3.49 -7.82 8.76
N CYS B 123 -3.57 -6.53 8.65
CA CYS B 123 -4.56 -5.76 9.46
C CYS B 123 -5.98 -6.06 8.99
N LEU B 124 -6.11 -6.57 7.79
CA LEU B 124 -7.47 -6.87 7.26
C LEU B 124 -7.94 -8.24 7.79
N PRO B 125 -9.21 -8.48 7.65
CA PRO B 125 -9.80 -9.76 8.11
C PRO B 125 -9.39 -10.91 7.19
N SER B 126 -9.72 -12.11 7.55
CA SER B 126 -9.35 -13.27 6.69
C SER B 126 -9.99 -13.12 5.31
N ASN B 127 -11.25 -12.86 5.28
CA ASN B 127 -11.96 -12.68 3.97
C ASN B 127 -11.71 -11.29 3.41
N THR B 128 -10.80 -11.17 2.47
CA THR B 128 -10.51 -9.83 1.88
C THR B 128 -10.33 -9.96 0.37
N LYS B 129 -10.78 -8.98 -0.38
CA LYS B 129 -10.63 -9.06 -1.87
C LYS B 129 -9.48 -8.18 -2.34
N PHE B 130 -8.68 -8.68 -3.25
CA PHE B 130 -7.54 -7.88 -3.77
C PHE B 130 -7.45 -8.00 -5.29
N VAL B 131 -6.63 -7.19 -5.91
CA VAL B 131 -6.50 -7.25 -7.40
C VAL B 131 -5.03 -7.09 -7.80
N ALA B 132 -4.57 -7.87 -8.73
CA ALA B 132 -3.14 -7.76 -9.16
C ALA B 132 -3.06 -7.31 -10.63
N LEU B 133 -2.18 -6.39 -10.92
CA LEU B 133 -2.05 -5.91 -12.32
C LEU B 133 -0.88 -6.61 -13.02
N ALA B 134 -1.18 -7.38 -14.03
CA ALA B 134 -0.11 -8.08 -14.77
C ALA B 134 0.48 -7.14 -15.82
N SER B 135 1.33 -7.64 -16.68
CA SER B 135 1.94 -6.77 -17.73
C SER B 135 0.94 -5.69 -18.18
N ASN B 136 -0.32 -6.01 -18.17
CA ASN B 136 -1.35 -5.01 -18.56
C ASN B 136 -1.61 -4.06 -17.37
N GLU B 137 -0.96 -2.93 -17.35
CA GLU B 137 -1.13 -1.96 -16.23
C GLU B 137 -2.58 -1.46 -16.11
N LYS B 138 -3.47 -1.89 -16.96
CA LYS B 138 -4.88 -1.40 -16.86
C LYS B 138 -5.42 -1.61 -15.43
N TRP B 139 -5.22 -0.65 -14.58
CA TRP B 139 -5.69 -0.77 -13.17
C TRP B 139 -6.95 0.10 -12.98
N ALA B 140 -7.71 -0.16 -11.95
CA ALA B 140 -8.95 0.65 -11.71
C ALA B 140 -8.65 1.81 -10.76
N TYR B 141 -8.83 3.02 -11.22
CA TYR B 141 -8.57 4.20 -10.35
C TYR B 141 -9.88 4.87 -9.96
N ASN B 142 -10.23 4.84 -8.71
CA ASN B 142 -11.51 5.47 -8.26
C ASN B 142 -11.23 6.82 -7.60
N ASN B 143 -11.64 7.90 -8.20
CA ASN B 143 -11.40 9.24 -7.60
C ASN B 143 -12.69 10.05 -7.57
N SER B 144 -12.67 11.20 -6.94
CA SER B 144 -13.90 12.03 -6.88
C SER B 144 -14.03 12.89 -8.15
N ASP B 145 -14.75 12.42 -9.13
CA ASP B 145 -14.92 13.20 -10.38
C ASP B 145 -15.78 14.44 -10.11
N MET A 1 4.65 -5.87 9.44
CA MET A 1 5.66 -6.54 10.32
C MET A 1 5.06 -6.77 11.72
N LEU A 2 4.74 -5.70 12.40
CA LEU A 2 4.16 -5.85 13.77
C LEU A 2 2.81 -6.55 13.70
N GLN A 3 2.12 -6.64 14.81
CA GLN A 3 0.80 -7.31 14.81
C GLN A 3 -0.28 -6.36 15.33
N LYS A 4 -0.11 -5.09 15.10
CA LYS A 4 -1.13 -4.10 15.57
C LYS A 4 -0.77 -2.69 15.09
N PRO A 5 -0.66 -2.54 13.80
CA PRO A 5 -0.32 -1.23 13.21
C PRO A 5 -1.58 -0.39 12.98
N LYS A 6 -1.40 0.83 12.56
CA LYS A 6 -2.58 1.71 12.30
C LYS A 6 -2.78 1.87 10.79
N SER A 7 -3.96 2.23 10.37
CA SER A 7 -4.20 2.40 8.91
C SER A 7 -3.65 3.75 8.44
N VAL A 8 -2.65 3.72 7.58
CA VAL A 8 -2.08 5.01 7.09
C VAL A 8 -1.73 4.91 5.60
N LYS A 9 -2.61 5.40 4.75
CA LYS A 9 -2.33 5.34 3.28
C LYS A 9 -1.39 6.49 2.89
N LEU A 10 -0.28 6.18 2.28
CA LEU A 10 0.66 7.28 1.88
C LEU A 10 0.31 7.80 0.49
N ARG A 11 0.92 8.89 0.08
CA ARG A 11 0.63 9.45 -1.26
C ARG A 11 1.89 10.10 -1.85
N ALA A 12 1.89 10.37 -3.13
CA ALA A 12 3.08 11.00 -3.77
C ALA A 12 2.62 12.16 -4.66
N LEU A 13 3.53 13.01 -5.07
CA LEU A 13 3.13 14.15 -5.94
C LEU A 13 3.74 14.00 -7.34
N ARG A 14 5.04 13.96 -7.43
CA ARG A 14 5.69 13.82 -8.76
C ARG A 14 4.95 12.79 -9.61
N SER A 15 4.87 11.57 -9.15
CA SER A 15 4.15 10.52 -9.93
C SER A 15 2.80 10.22 -9.28
N PRO A 16 1.80 10.06 -10.11
CA PRO A 16 0.43 9.77 -9.61
C PRO A 16 0.37 8.34 -9.05
N ARG A 17 0.77 8.17 -7.82
CA ARG A 17 0.72 6.81 -7.20
C ARG A 17 0.38 6.93 -5.72
N LYS A 18 -0.17 5.90 -5.14
CA LYS A 18 -0.53 5.97 -3.69
C LYS A 18 -0.18 4.65 -3.00
N PHE A 19 0.79 4.67 -2.12
CA PHE A 19 1.18 3.42 -1.41
C PHE A 19 0.45 3.33 -0.07
N GLY A 20 -0.31 2.29 0.14
CA GLY A 20 -1.05 2.16 1.43
C GLY A 20 -0.36 1.12 2.31
N VAL A 21 0.08 1.52 3.47
CA VAL A 21 0.75 0.55 4.39
C VAL A 21 0.32 0.81 5.84
N ALA A 22 -0.07 -0.23 6.53
CA ALA A 22 -0.52 -0.04 7.94
C ALA A 22 0.61 -0.44 8.91
N GLY A 23 1.41 0.49 9.33
CA GLY A 23 2.52 0.16 10.28
C GLY A 23 2.18 0.70 11.67
N ARG A 24 2.70 0.09 12.69
CA ARG A 24 2.42 0.57 14.07
C ARG A 24 3.46 1.62 14.49
N SER A 25 4.62 1.58 13.90
CA SER A 25 5.67 2.58 14.27
C SER A 25 5.64 3.76 13.31
N CYS A 26 5.41 4.93 13.84
CA CYS A 26 5.35 6.16 12.99
C CYS A 26 6.61 6.30 12.14
N GLN A 27 7.67 6.80 12.71
CA GLN A 27 8.93 6.97 11.93
C GLN A 27 9.14 5.77 11.01
N GLU A 28 8.82 4.60 11.48
CA GLU A 28 8.98 3.37 10.64
C GLU A 28 8.12 3.48 9.38
N VAL A 29 6.85 3.69 9.53
CA VAL A 29 5.95 3.79 8.34
C VAL A 29 6.57 4.74 7.31
N LEU A 30 7.08 5.86 7.73
CA LEU A 30 7.68 6.82 6.77
C LEU A 30 8.95 6.22 6.16
N ARG A 31 9.87 5.79 6.98
CA ARG A 31 11.12 5.19 6.44
C ARG A 31 10.81 4.26 5.27
N LYS A 32 9.92 3.32 5.46
CA LYS A 32 9.57 2.39 4.35
C LYS A 32 9.07 3.17 3.13
N GLY A 33 7.84 3.61 3.16
CA GLY A 33 7.28 4.36 2.01
C GLY A 33 8.26 5.45 1.57
N CYS A 34 8.64 6.32 2.45
CA CYS A 34 9.59 7.41 2.08
C CYS A 34 10.74 6.84 1.25
N LEU A 35 11.38 5.80 1.72
CA LEU A 35 12.50 5.21 0.95
C LEU A 35 12.01 4.73 -0.43
N ARG A 36 10.81 4.23 -0.48
CA ARG A 36 10.26 3.76 -1.79
C ARG A 36 10.17 4.93 -2.77
N PHE A 37 10.00 6.12 -2.25
CA PHE A 37 9.90 7.32 -3.12
C PHE A 37 11.30 7.85 -3.45
N GLN A 38 12.31 7.32 -2.82
CA GLN A 38 13.69 7.81 -3.08
C GLN A 38 13.75 9.33 -2.92
N LEU A 39 13.34 9.83 -1.78
CA LEU A 39 13.37 11.30 -1.56
C LEU A 39 14.23 11.63 -0.33
N PRO A 40 15.26 12.41 -0.56
CA PRO A 40 16.17 12.81 0.54
C PRO A 40 15.48 13.84 1.45
N GLU A 41 16.08 14.17 2.55
CA GLU A 41 15.47 15.16 3.47
C GLU A 41 15.57 16.57 2.88
N ARG A 42 16.71 17.17 2.96
CA ARG A 42 16.88 18.54 2.39
C ARG A 42 16.32 18.59 0.96
N GLY A 43 16.63 17.61 0.17
CA GLY A 43 16.13 17.60 -1.24
C GLY A 43 14.60 17.44 -1.26
N SER A 44 14.08 16.53 -0.49
CA SER A 44 12.60 16.34 -0.47
C SER A 44 12.06 16.37 0.96
N ARG A 45 10.90 16.92 1.16
CA ARG A 45 10.32 16.99 2.53
C ARG A 45 8.93 16.34 2.55
N LEU A 46 8.69 15.46 3.48
CA LEU A 46 7.36 14.80 3.56
C LEU A 46 6.36 15.70 4.27
N CYS A 47 5.17 15.84 3.73
CA CYS A 47 4.15 16.70 4.39
C CYS A 47 2.76 16.09 4.25
N LEU A 48 1.77 16.69 4.85
CA LEU A 48 0.38 16.14 4.76
C LEU A 48 -0.26 16.52 3.42
N TYR A 49 -1.47 16.10 3.20
CA TYR A 49 -2.16 16.43 1.91
C TYR A 49 -2.94 17.74 2.04
N GLU A 50 -3.96 17.76 2.86
CA GLU A 50 -4.77 19.01 3.01
C GLU A 50 -3.86 20.21 3.26
N ASP A 51 -3.17 20.24 4.37
CA ASP A 51 -2.27 21.38 4.65
C ASP A 51 -0.90 21.14 4.04
N GLY A 52 -0.35 19.97 4.23
CA GLY A 52 1.00 19.66 3.66
C GLY A 52 2.02 20.66 4.21
N THR A 53 1.67 21.37 5.25
CA THR A 53 2.63 22.36 5.82
C THR A 53 3.93 21.67 6.29
N GLU A 54 3.91 20.98 7.40
CA GLU A 54 5.16 20.31 7.86
C GLU A 54 4.82 18.95 8.47
N LEU A 55 5.64 17.95 8.21
CA LEU A 55 5.37 16.60 8.79
C LEU A 55 6.69 15.97 9.23
N THR A 56 6.84 15.68 10.50
CA THR A 56 8.10 15.05 10.98
C THR A 56 7.94 13.54 11.07
N GLU A 57 8.79 12.80 10.39
CA GLU A 57 8.68 11.32 10.44
C GLU A 57 8.50 10.84 11.88
N ASP A 58 8.97 11.60 12.83
CA ASP A 58 8.83 11.19 14.26
C ASP A 58 7.39 10.72 14.54
N TYR A 59 6.46 11.63 14.52
CA TYR A 59 5.04 11.23 14.80
C TYR A 59 4.10 11.94 13.82
N PHE A 60 2.85 11.57 13.81
CA PHE A 60 1.89 12.22 12.88
C PHE A 60 1.21 13.40 13.57
N PRO A 61 0.61 14.25 12.77
CA PRO A 61 -0.08 15.44 13.31
C PRO A 61 -1.39 15.05 14.00
N SER A 62 -1.31 14.43 15.14
CA SER A 62 -2.53 14.03 15.87
C SER A 62 -3.50 13.28 14.93
N VAL A 63 -2.98 12.70 13.88
CA VAL A 63 -3.86 11.96 12.92
C VAL A 63 -3.50 10.47 12.93
N PRO A 64 -3.98 9.79 13.93
CA PRO A 64 -3.71 8.34 14.07
C PRO A 64 -4.62 7.52 13.15
N ASP A 65 -5.87 7.89 13.08
CA ASP A 65 -6.82 7.11 12.21
C ASP A 65 -6.20 6.87 10.83
N ASN A 66 -5.91 7.92 10.11
CA ASN A 66 -5.30 7.73 8.75
C ASN A 66 -4.24 8.79 8.49
N ALA A 67 -3.02 8.37 8.26
CA ALA A 67 -1.94 9.35 7.99
C ALA A 67 -1.75 9.51 6.48
N GLU A 68 -2.57 10.32 5.86
CA GLU A 68 -2.45 10.52 4.39
C GLU A 68 -1.36 11.55 4.09
N LEU A 69 -0.12 11.14 4.10
CA LEU A 69 0.99 12.08 3.83
C LEU A 69 1.37 12.05 2.34
N VAL A 70 1.55 13.20 1.74
CA VAL A 70 1.93 13.24 0.31
C VAL A 70 3.38 13.73 0.16
N LEU A 71 4.24 12.93 -0.40
CA LEU A 71 5.65 13.36 -0.55
C LEU A 71 5.71 14.77 -1.14
N LEU A 72 6.49 15.64 -0.56
CA LEU A 72 6.57 17.03 -1.09
C LEU A 72 8.03 17.42 -1.34
N THR A 73 8.39 17.63 -2.57
CA THR A 73 9.80 18.03 -2.88
C THR A 73 9.83 19.02 -4.04
N LEU A 74 9.58 20.28 -3.75
CA LEU A 74 9.59 21.30 -4.83
C LEU A 74 10.12 22.63 -4.28
N GLY A 75 10.33 23.60 -5.13
CA GLY A 75 10.84 24.92 -4.66
C GLY A 75 9.86 25.49 -3.62
N GLN A 76 8.65 24.99 -3.61
CA GLN A 76 7.64 25.49 -2.63
C GLN A 76 6.96 24.30 -1.95
N ALA A 77 6.38 24.52 -0.79
CA ALA A 77 5.70 23.41 -0.07
C ALA A 77 4.32 23.16 -0.66
N TRP A 78 3.73 22.03 -0.33
CA TRP A 78 2.37 21.71 -0.87
C TRP A 78 1.30 22.44 -0.06
N GLN A 79 0.27 22.92 -0.71
CA GLN A 79 -0.80 23.64 0.04
C GLN A 79 -2.17 23.33 -0.58
N GLY A 80 -2.70 22.15 -0.33
CA GLY A 80 -4.02 21.79 -0.90
C GLY A 80 -5.13 22.37 -0.02
N HIS A 81 -5.10 23.66 0.22
CA HIS A 81 -6.15 24.28 1.07
C HIS A 81 -5.84 25.77 1.30
N SER B 57 -7.31 -14.58 20.99
CA SER B 57 -6.35 -14.62 19.84
C SER B 57 -6.02 -13.20 19.39
N GLY B 58 -5.11 -12.55 20.05
CA GLY B 58 -4.74 -11.16 19.66
C GLY B 58 -3.67 -11.21 18.57
N GLU B 59 -2.76 -12.14 18.64
CA GLU B 59 -1.69 -12.22 17.61
C GLU B 59 -2.15 -13.11 16.46
N ILE B 60 -1.50 -13.01 15.33
CA ILE B 60 -1.89 -13.85 14.17
C ILE B 60 -1.16 -15.20 14.23
N ARG B 61 -1.88 -16.25 14.53
CA ARG B 61 -1.23 -17.60 14.60
C ARG B 61 -1.47 -18.37 13.31
N THR B 62 -2.71 -18.55 12.93
CA THR B 62 -3.00 -19.29 11.68
C THR B 62 -2.83 -18.38 10.46
N LEU B 63 -2.87 -18.94 9.27
CA LEU B 63 -2.69 -18.12 8.05
C LEU B 63 -4.01 -17.41 7.70
N LYS B 64 -3.93 -16.22 7.16
CA LYS B 64 -5.18 -15.48 6.79
C LYS B 64 -5.48 -15.67 5.30
N PRO B 65 -6.52 -16.43 5.03
CA PRO B 65 -6.92 -16.69 3.63
C PRO B 65 -7.57 -15.44 3.03
N CYS B 66 -6.93 -14.83 2.06
CA CYS B 66 -7.50 -13.61 1.44
C CYS B 66 -7.98 -13.92 0.02
N LEU B 67 -8.61 -12.97 -0.63
CA LEU B 67 -9.10 -13.21 -2.01
C LEU B 67 -8.36 -12.31 -3.01
N LEU B 68 -7.88 -12.86 -4.09
CA LEU B 68 -7.15 -12.04 -5.09
C LEU B 68 -7.84 -12.15 -6.46
N ARG B 69 -7.37 -11.43 -7.44
CA ARG B 69 -8.02 -11.50 -8.78
C ARG B 69 -6.98 -11.44 -9.89
N ARG B 70 -7.39 -11.59 -11.11
CA ARG B 70 -6.43 -11.53 -12.25
C ARG B 70 -6.77 -10.35 -13.16
N ASN B 71 -5.82 -9.88 -13.93
CA ASN B 71 -6.10 -8.72 -14.83
C ASN B 71 -6.89 -9.20 -16.05
N TYR B 72 -6.76 -10.44 -16.42
CA TYR B 72 -7.50 -10.95 -17.60
C TYR B 72 -8.86 -11.51 -17.17
N SER B 73 -8.91 -12.20 -16.07
CA SER B 73 -10.21 -12.76 -15.61
C SER B 73 -10.99 -11.73 -14.80
N ARG B 74 -12.25 -11.57 -15.07
CA ARG B 74 -13.06 -10.57 -14.32
C ARG B 74 -13.68 -11.22 -13.08
N GLU B 75 -13.55 -12.51 -12.95
CA GLU B 75 -14.12 -13.21 -11.76
C GLU B 75 -13.17 -13.06 -10.57
N GLN B 76 -13.67 -13.22 -9.37
CA GLN B 76 -12.79 -13.08 -8.17
C GLN B 76 -12.08 -14.39 -7.88
N HIS B 77 -10.85 -14.32 -7.42
CA HIS B 77 -10.09 -15.56 -7.11
C HIS B 77 -9.87 -15.66 -5.61
N GLY B 78 -9.30 -16.75 -5.14
CA GLY B 78 -9.07 -16.89 -3.68
C GLY B 78 -7.71 -17.54 -3.42
N VAL B 79 -6.97 -17.03 -2.47
CA VAL B 79 -5.63 -17.62 -2.17
C VAL B 79 -5.41 -17.67 -0.65
N ALA B 80 -4.33 -18.26 -0.22
CA ALA B 80 -4.07 -18.34 1.24
C ALA B 80 -2.58 -18.10 1.54
N ALA B 81 -2.24 -16.92 2.01
CA ALA B 81 -0.81 -16.64 2.31
C ALA B 81 -0.71 -15.82 3.60
N SER B 82 0.39 -15.93 4.30
CA SER B 82 0.55 -15.17 5.58
C SER B 82 1.19 -13.80 5.30
N CYS B 83 1.99 -13.71 4.26
CA CYS B 83 2.65 -12.41 3.95
C CYS B 83 2.54 -12.11 2.45
N LEU B 84 2.73 -10.86 2.08
CA LEU B 84 2.63 -10.49 0.65
C LEU B 84 3.48 -11.43 -0.21
N GLU B 85 4.75 -11.50 0.04
CA GLU B 85 5.63 -12.40 -0.76
C GLU B 85 4.98 -13.78 -0.91
N ASP B 86 4.47 -14.33 0.15
CA ASP B 86 3.83 -15.67 0.06
C ASP B 86 2.55 -15.61 -0.78
N LEU B 87 1.74 -14.60 -0.59
CA LEU B 87 0.49 -14.49 -1.37
C LEU B 87 0.80 -14.46 -2.88
N ARG B 88 1.89 -13.85 -3.25
CA ARG B 88 2.25 -13.80 -4.70
C ARG B 88 2.57 -15.20 -5.22
N SER B 89 3.67 -15.76 -4.79
CA SER B 89 4.05 -17.12 -5.26
C SER B 89 2.87 -18.07 -5.12
N LYS B 90 2.19 -18.06 -4.02
CA LYS B 90 1.03 -18.96 -3.84
C LYS B 90 -0.10 -18.58 -4.80
N ALA B 91 -0.42 -17.33 -4.89
CA ALA B 91 -1.50 -16.89 -5.83
C ALA B 91 -1.23 -17.44 -7.23
N CYS B 92 -0.01 -17.78 -7.51
CA CYS B 92 0.32 -18.33 -8.86
C CYS B 92 -0.15 -19.79 -8.97
N ASP B 93 0.18 -20.61 -8.01
CA ASP B 93 -0.25 -22.03 -8.07
C ASP B 93 -1.78 -22.11 -8.10
N ILE B 94 -2.46 -21.17 -7.49
CA ILE B 94 -3.94 -21.20 -7.49
C ILE B 94 -4.48 -20.48 -8.73
N LEU B 95 -3.85 -19.41 -9.13
CA LEU B 95 -4.33 -18.67 -10.33
C LEU B 95 -4.02 -19.48 -11.59
N ALA B 96 -2.98 -20.27 -11.57
CA ALA B 96 -2.62 -21.08 -12.76
C ALA B 96 -2.44 -20.18 -13.98
N ILE B 97 -1.56 -19.22 -13.88
CA ILE B 97 -1.32 -18.31 -15.04
C ILE B 97 0.00 -18.66 -15.72
N ASP B 98 0.12 -18.34 -16.99
CA ASP B 98 1.39 -18.65 -17.71
C ASP B 98 2.26 -17.40 -17.81
N LYS B 99 1.67 -16.25 -17.68
CA LYS B 99 2.47 -14.99 -17.76
C LYS B 99 2.98 -14.61 -16.36
N SER B 100 3.22 -15.58 -15.53
CA SER B 100 3.72 -15.28 -14.15
C SER B 100 5.05 -14.51 -14.22
N LEU B 101 5.66 -14.46 -15.38
CA LEU B 101 6.95 -13.73 -15.50
C LEU B 101 6.76 -12.21 -15.43
N THR B 102 5.56 -11.76 -15.18
CA THR B 102 5.31 -10.29 -15.10
C THR B 102 5.20 -9.85 -13.63
N PRO B 103 5.63 -8.65 -13.38
CA PRO B 103 5.58 -8.10 -12.00
C PRO B 103 4.14 -7.76 -11.62
N VAL B 104 3.49 -8.60 -10.89
CA VAL B 104 2.08 -8.32 -10.49
C VAL B 104 2.05 -7.41 -9.25
N THR B 105 1.30 -6.34 -9.31
CA THR B 105 1.22 -5.42 -8.14
C THR B 105 -0.16 -5.53 -7.49
N LEU B 106 -0.22 -5.65 -6.19
CA LEU B 106 -1.55 -5.77 -5.52
C LEU B 106 -2.09 -4.38 -5.16
N VAL B 107 -3.37 -4.18 -5.28
CA VAL B 107 -3.96 -2.85 -4.96
C VAL B 107 -5.30 -3.03 -4.22
N LEU B 108 -5.88 -1.96 -3.77
CA LEU B 108 -7.17 -2.07 -3.04
C LEU B 108 -8.34 -1.70 -3.96
N ALA B 109 -9.28 -2.59 -4.14
CA ALA B 109 -10.44 -2.29 -5.03
C ALA B 109 -11.17 -1.05 -4.52
N GLU B 110 -11.04 -0.74 -3.26
CA GLU B 110 -11.74 0.45 -2.71
C GLU B 110 -10.86 1.70 -2.84
N ASP B 111 -9.75 1.73 -2.16
CA ASP B 111 -8.85 2.92 -2.25
C ASP B 111 -7.96 2.82 -3.49
N GLY B 112 -7.65 1.62 -3.91
CA GLY B 112 -6.79 1.44 -5.11
C GLY B 112 -5.35 1.83 -4.78
N THR B 113 -4.98 1.77 -3.52
CA THR B 113 -3.58 2.14 -3.16
C THR B 113 -2.72 0.88 -3.11
N ILE B 114 -1.54 0.94 -3.67
CA ILE B 114 -0.66 -0.27 -3.66
C ILE B 114 0.03 -0.41 -2.31
N VAL B 115 0.11 -1.62 -1.80
CA VAL B 115 0.77 -1.83 -0.48
C VAL B 115 2.06 -2.63 -0.67
N ASP B 116 3.19 -1.98 -0.64
CA ASP B 116 4.48 -2.72 -0.82
C ASP B 116 4.90 -3.39 0.49
N ASP B 117 4.05 -3.37 1.48
CA ASP B 117 4.40 -4.00 2.78
C ASP B 117 3.26 -4.88 3.28
N ASP B 118 3.56 -5.92 4.00
CA ASP B 118 2.48 -6.82 4.51
C ASP B 118 1.64 -6.08 5.56
N ASP B 119 2.05 -4.89 5.92
CA ASP B 119 1.30 -4.11 6.94
C ASP B 119 -0.22 -4.26 6.71
N TYR B 120 -0.76 -3.52 5.79
CA TYR B 120 -2.21 -3.62 5.52
C TYR B 120 -2.60 -5.04 5.10
N PHE B 121 -1.67 -5.77 4.54
CA PHE B 121 -1.98 -7.17 4.11
C PHE B 121 -2.41 -8.01 5.32
N LEU B 122 -1.99 -7.63 6.50
CA LEU B 122 -2.38 -8.40 7.71
C LEU B 122 -3.35 -7.59 8.57
N CYS B 123 -3.33 -6.29 8.44
CA CYS B 123 -4.25 -5.45 9.25
C CYS B 123 -5.71 -5.68 8.82
N LEU B 124 -5.90 -6.20 7.63
CA LEU B 124 -7.30 -6.44 7.15
C LEU B 124 -7.82 -7.78 7.70
N PRO B 125 -9.10 -7.96 7.61
CA PRO B 125 -9.74 -9.20 8.10
C PRO B 125 -9.39 -10.37 7.18
N SER B 126 -9.80 -11.56 7.53
CA SER B 126 -9.48 -12.74 6.68
C SER B 126 -10.09 -12.56 5.29
N ASN B 127 -11.34 -12.25 5.24
CA ASN B 127 -12.01 -12.05 3.92
C ASN B 127 -11.70 -10.65 3.37
N THR B 128 -10.80 -10.54 2.44
CA THR B 128 -10.45 -9.20 1.87
C THR B 128 -10.33 -9.30 0.35
N LYS B 129 -10.79 -8.32 -0.36
CA LYS B 129 -10.70 -8.35 -1.84
C LYS B 129 -9.46 -7.58 -2.33
N PHE B 130 -8.72 -8.16 -3.25
CA PHE B 130 -7.51 -7.47 -3.76
C PHE B 130 -7.43 -7.61 -5.28
N VAL B 131 -6.52 -6.90 -5.90
CA VAL B 131 -6.39 -7.00 -7.38
C VAL B 131 -4.91 -6.99 -7.78
N ALA B 132 -4.54 -7.80 -8.74
CA ALA B 132 -3.11 -7.83 -9.17
C ALA B 132 -2.99 -7.52 -10.67
N LEU B 133 -2.18 -6.57 -11.02
CA LEU B 133 -2.03 -6.21 -12.46
C LEU B 133 -0.88 -6.99 -13.08
N ALA B 134 -1.16 -7.77 -14.08
CA ALA B 134 -0.10 -8.57 -14.75
C ALA B 134 0.57 -7.70 -15.83
N SER B 135 1.43 -8.27 -16.62
CA SER B 135 2.13 -7.49 -17.69
C SER B 135 1.19 -6.40 -18.24
N ASN B 136 -0.08 -6.68 -18.27
CA ASN B 136 -1.04 -5.66 -18.78
C ASN B 136 -1.38 -4.68 -17.65
N GLU B 137 -0.80 -3.50 -17.69
CA GLU B 137 -1.06 -2.49 -16.63
C GLU B 137 -2.55 -2.07 -16.57
N LYS B 138 -3.39 -2.64 -17.39
CA LYS B 138 -4.83 -2.24 -17.36
C LYS B 138 -5.37 -2.35 -15.93
N TRP B 139 -5.30 -1.27 -15.19
CA TRP B 139 -5.79 -1.29 -13.78
C TRP B 139 -7.00 -0.35 -13.63
N ALA B 140 -7.72 -0.47 -12.54
CA ALA B 140 -8.91 0.41 -12.34
C ALA B 140 -8.52 1.63 -11.50
N TYR B 141 -8.56 2.80 -12.07
CA TYR B 141 -8.20 4.02 -11.30
C TYR B 141 -9.47 4.75 -10.86
N ASN B 142 -9.35 5.70 -9.96
CA ASN B 142 -10.56 6.44 -9.50
C ASN B 142 -10.76 7.72 -10.31
N ASN B 143 -11.95 8.26 -10.30
CA ASN B 143 -12.21 9.50 -11.07
C ASN B 143 -12.96 10.51 -10.17
N SER B 144 -12.24 11.31 -9.44
CA SER B 144 -12.91 12.31 -8.56
C SER B 144 -13.12 13.62 -9.31
N ASP B 145 -14.23 13.77 -9.97
CA ASP B 145 -14.48 15.03 -10.72
C ASP B 145 -15.97 15.15 -11.07
N MET A 1 5.64 -2.65 12.96
CA MET A 1 5.52 -3.93 12.22
C MET A 1 4.79 -4.97 13.08
N LEU A 2 4.32 -4.58 14.23
CA LEU A 2 3.59 -5.54 15.11
C LEU A 2 2.45 -6.20 14.36
N GLN A 3 1.65 -6.96 15.06
CA GLN A 3 0.50 -7.63 14.41
C GLN A 3 -0.78 -6.83 14.66
N LYS A 4 -0.65 -5.54 14.76
CA LYS A 4 -1.85 -4.69 14.99
C LYS A 4 -1.50 -3.22 14.78
N PRO A 5 -1.04 -2.92 13.59
CA PRO A 5 -0.66 -1.53 13.26
C PRO A 5 -1.91 -0.69 12.95
N LYS A 6 -1.73 0.59 12.72
CA LYS A 6 -2.91 1.45 12.41
C LYS A 6 -3.00 1.66 10.90
N SER A 7 -4.14 2.10 10.42
CA SER A 7 -4.29 2.32 8.96
C SER A 7 -3.66 3.66 8.55
N VAL A 8 -2.63 3.62 7.75
CA VAL A 8 -1.98 4.90 7.33
C VAL A 8 -1.57 4.81 5.85
N LYS A 9 -2.37 5.34 4.97
CA LYS A 9 -2.04 5.30 3.52
C LYS A 9 -1.05 6.43 3.19
N LEU A 10 -0.37 6.35 2.08
CA LEU A 10 0.60 7.43 1.73
C LEU A 10 0.32 7.96 0.32
N ARG A 11 0.93 9.04 -0.05
CA ARG A 11 0.69 9.61 -1.41
C ARG A 11 1.99 10.24 -1.96
N ALA A 12 2.01 10.53 -3.23
CA ALA A 12 3.23 11.15 -3.84
C ALA A 12 2.81 12.36 -4.70
N LEU A 13 3.75 13.19 -5.07
CA LEU A 13 3.38 14.37 -5.90
C LEU A 13 3.98 14.23 -7.31
N ARG A 14 5.28 14.15 -7.41
CA ARG A 14 5.91 14.02 -8.76
C ARG A 14 5.18 12.95 -9.58
N SER A 15 5.15 11.74 -9.10
CA SER A 15 4.44 10.66 -9.85
C SER A 15 3.10 10.37 -9.18
N PRO A 16 2.08 10.24 -10.00
CA PRO A 16 0.72 9.96 -9.48
C PRO A 16 0.64 8.52 -8.95
N ARG A 17 1.04 8.32 -7.73
CA ARG A 17 0.99 6.95 -7.14
C ARG A 17 0.66 7.03 -5.65
N LYS A 18 -0.01 6.05 -5.12
CA LYS A 18 -0.36 6.09 -3.67
C LYS A 18 -0.07 4.72 -3.01
N PHE A 19 0.88 4.68 -2.12
CA PHE A 19 1.20 3.41 -1.44
C PHE A 19 0.50 3.35 -0.07
N GLY A 20 -0.30 2.34 0.15
CA GLY A 20 -1.01 2.24 1.46
C GLY A 20 -0.33 1.19 2.34
N VAL A 21 0.07 1.58 3.53
CA VAL A 21 0.73 0.62 4.46
C VAL A 21 0.25 0.86 5.89
N ALA A 22 -0.08 -0.19 6.61
CA ALA A 22 -0.56 -0.01 8.00
C ALA A 22 0.53 -0.40 9.01
N GLY A 23 1.36 0.53 9.38
CA GLY A 23 2.44 0.20 10.35
C GLY A 23 2.13 0.85 11.70
N ARG A 24 2.44 0.17 12.77
CA ARG A 24 2.16 0.74 14.13
C ARG A 24 3.22 1.77 14.50
N SER A 25 4.41 1.62 14.00
CA SER A 25 5.49 2.59 14.33
C SER A 25 5.47 3.77 13.34
N CYS A 26 5.29 4.96 13.85
CA CYS A 26 5.22 6.17 12.96
C CYS A 26 6.52 6.32 12.15
N GLN A 27 7.55 6.84 12.76
CA GLN A 27 8.84 7.02 12.02
C GLN A 27 9.10 5.82 11.13
N GLU A 28 8.78 4.65 11.61
CA GLU A 28 8.98 3.41 10.81
C GLU A 28 8.18 3.48 9.51
N VAL A 29 6.88 3.51 9.60
CA VAL A 29 6.03 3.59 8.38
C VAL A 29 6.58 4.65 7.43
N LEU A 30 6.63 5.88 7.86
CA LEU A 30 7.14 6.96 6.98
C LEU A 30 8.49 6.57 6.38
N ARG A 31 9.39 6.06 7.19
CA ARG A 31 10.72 5.65 6.66
C ARG A 31 10.54 4.72 5.46
N LYS A 32 9.80 3.66 5.62
CA LYS A 32 9.58 2.72 4.48
C LYS A 32 8.95 3.48 3.30
N GLY A 33 7.72 3.86 3.42
CA GLY A 33 7.05 4.58 2.30
C GLY A 33 8.00 5.65 1.74
N CYS A 34 8.44 6.56 2.57
CA CYS A 34 9.37 7.63 2.08
C CYS A 34 10.54 7.02 1.32
N LEU A 35 11.14 5.99 1.86
CA LEU A 35 12.31 5.35 1.17
C LEU A 35 11.88 4.85 -0.22
N ARG A 36 10.70 4.30 -0.32
CA ARG A 36 10.24 3.79 -1.64
C ARG A 36 10.20 4.95 -2.64
N PHE A 37 9.98 6.14 -2.17
CA PHE A 37 9.94 7.32 -3.07
C PHE A 37 11.36 7.78 -3.40
N GLN A 38 12.34 7.21 -2.76
CA GLN A 38 13.75 7.63 -3.03
C GLN A 38 13.89 9.14 -2.86
N LEU A 39 13.47 9.66 -1.74
CA LEU A 39 13.57 11.13 -1.52
C LEU A 39 14.57 11.44 -0.39
N PRO A 40 15.48 12.33 -0.67
CA PRO A 40 16.49 12.73 0.34
C PRO A 40 15.85 13.62 1.40
N GLU A 41 16.59 13.98 2.41
CA GLU A 41 16.03 14.85 3.49
C GLU A 41 15.90 16.29 2.99
N ARG A 42 16.98 17.02 2.99
CA ARG A 42 16.92 18.43 2.53
C ARG A 42 16.37 18.50 1.09
N GLY A 43 16.85 17.65 0.23
CA GLY A 43 16.36 17.67 -1.18
C GLY A 43 14.85 17.43 -1.20
N SER A 44 14.37 16.48 -0.46
CA SER A 44 12.89 16.21 -0.46
C SER A 44 12.37 16.19 0.98
N ARG A 45 11.26 16.84 1.22
CA ARG A 45 10.69 16.86 2.59
C ARG A 45 9.30 16.23 2.59
N LEU A 46 8.96 15.51 3.62
CA LEU A 46 7.62 14.87 3.69
C LEU A 46 6.63 15.81 4.36
N CYS A 47 5.44 15.94 3.83
CA CYS A 47 4.43 16.85 4.45
C CYS A 47 3.03 16.25 4.33
N LEU A 48 2.05 16.89 4.91
CA LEU A 48 0.66 16.34 4.83
C LEU A 48 0.02 16.69 3.49
N TYR A 49 -1.20 16.24 3.27
CA TYR A 49 -1.87 16.54 1.97
C TYR A 49 -2.68 17.84 2.08
N GLU A 50 -3.67 17.87 2.94
CA GLU A 50 -4.50 19.10 3.09
C GLU A 50 -3.60 20.32 3.31
N ASP A 51 -2.89 20.37 4.40
CA ASP A 51 -2.00 21.54 4.65
C ASP A 51 -0.62 21.29 4.04
N GLY A 52 -0.09 20.12 4.22
CA GLY A 52 1.26 19.80 3.65
C GLY A 52 2.28 20.81 4.18
N THR A 53 1.95 21.51 5.23
CA THR A 53 2.91 22.50 5.79
C THR A 53 4.19 21.81 6.26
N GLU A 54 4.18 21.13 7.38
CA GLU A 54 5.41 20.44 7.86
C GLU A 54 5.06 19.09 8.47
N LEU A 55 5.84 18.09 8.19
CA LEU A 55 5.56 16.73 8.76
C LEU A 55 6.88 16.06 9.19
N THR A 56 7.07 15.89 10.47
CA THR A 56 8.33 15.23 10.93
C THR A 56 8.17 13.71 10.94
N GLU A 57 9.01 13.01 10.24
CA GLU A 57 8.90 11.53 10.21
C GLU A 57 8.86 10.97 11.63
N ASP A 58 9.46 11.66 12.56
CA ASP A 58 9.46 11.16 13.97
C ASP A 58 8.07 10.65 14.37
N TYR A 59 7.09 11.52 14.38
CA TYR A 59 5.71 11.10 14.76
C TYR A 59 4.68 11.77 13.86
N PHE A 60 3.45 11.34 13.92
CA PHE A 60 2.39 11.95 13.07
C PHE A 60 1.88 13.24 13.71
N PRO A 61 1.30 14.09 12.90
CA PRO A 61 0.76 15.37 13.38
C PRO A 61 -0.56 15.16 14.12
N SER A 62 -0.51 14.61 15.30
CA SER A 62 -1.77 14.37 16.06
C SER A 62 -2.80 13.64 15.20
N VAL A 63 -2.36 12.96 14.17
CA VAL A 63 -3.33 12.24 13.30
C VAL A 63 -3.00 10.74 13.29
N PRO A 64 -3.42 10.08 14.33
CA PRO A 64 -3.18 8.63 14.48
C PRO A 64 -4.10 7.82 13.56
N ASP A 65 -5.37 8.15 13.54
CA ASP A 65 -6.32 7.38 12.67
C ASP A 65 -5.69 7.09 11.32
N ASN A 66 -5.35 8.11 10.57
CA ASN A 66 -4.72 7.88 9.25
C ASN A 66 -3.62 8.91 9.00
N ALA A 67 -2.54 8.51 8.38
CA ALA A 67 -1.44 9.48 8.10
C ALA A 67 -1.18 9.56 6.60
N GLU A 68 -2.04 10.23 5.88
CA GLU A 68 -1.84 10.34 4.40
C GLU A 68 -0.85 11.47 4.08
N LEU A 69 0.42 11.19 4.17
CA LEU A 69 1.43 12.25 3.86
C LEU A 69 1.76 12.26 2.37
N VAL A 70 1.87 13.42 1.79
CA VAL A 70 2.21 13.50 0.34
C VAL A 70 3.66 13.93 0.15
N LEU A 71 4.49 13.06 -0.36
CA LEU A 71 5.92 13.43 -0.55
C LEU A 71 6.02 14.83 -1.16
N LEU A 72 6.87 15.67 -0.62
CA LEU A 72 7.00 17.05 -1.18
C LEU A 72 8.47 17.44 -1.30
N THR A 73 8.92 17.70 -2.50
CA THR A 73 10.34 18.11 -2.70
C THR A 73 10.45 19.12 -3.83
N LEU A 74 10.18 20.36 -3.55
CA LEU A 74 10.26 21.40 -4.62
C LEU A 74 10.74 22.72 -3.99
N GLY A 75 11.26 23.61 -4.79
CA GLY A 75 11.73 24.92 -4.24
C GLY A 75 10.75 25.45 -3.19
N GLN A 76 9.50 25.05 -3.27
CA GLN A 76 8.50 25.54 -2.28
C GLN A 76 7.75 24.36 -1.66
N ALA A 77 7.17 24.54 -0.51
CA ALA A 77 6.43 23.44 0.14
C ALA A 77 5.03 23.30 -0.47
N TRP A 78 4.37 22.21 -0.22
CA TRP A 78 3.00 22.01 -0.80
C TRP A 78 1.95 22.73 0.05
N GLN A 79 0.94 23.26 -0.57
CA GLN A 79 -0.13 23.97 0.19
C GLN A 79 -1.50 23.63 -0.40
N GLY A 80 -2.00 22.47 -0.14
CA GLY A 80 -3.34 22.07 -0.69
C GLY A 80 -4.45 22.63 0.20
N HIS A 81 -4.49 23.92 0.39
CA HIS A 81 -5.55 24.52 1.23
C HIS A 81 -5.39 26.04 1.28
N SER B 57 6.92 -19.42 18.31
CA SER B 57 6.08 -18.82 17.24
C SER B 57 6.94 -18.37 16.06
N GLY B 58 7.59 -19.30 15.41
CA GLY B 58 8.45 -18.93 14.25
C GLY B 58 7.73 -19.27 12.95
N GLU B 59 7.29 -20.49 12.80
CA GLU B 59 6.59 -20.88 11.55
C GLU B 59 5.27 -20.12 11.43
N ILE B 60 4.69 -20.08 10.26
CA ILE B 60 3.41 -19.36 10.08
C ILE B 60 2.24 -20.24 10.53
N ARG B 61 1.74 -20.02 11.72
CA ARG B 61 0.60 -20.84 12.22
C ARG B 61 -0.72 -20.19 11.83
N THR B 62 -0.95 -18.99 12.28
CA THR B 62 -2.23 -18.30 11.94
C THR B 62 -2.15 -17.71 10.53
N LEU B 63 -2.79 -18.34 9.58
CA LEU B 63 -2.76 -17.82 8.18
C LEU B 63 -4.05 -17.07 7.87
N LYS B 64 -3.98 -16.05 7.06
CA LYS B 64 -5.20 -15.27 6.71
C LYS B 64 -5.55 -15.48 5.24
N PRO B 65 -6.60 -16.22 5.01
CA PRO B 65 -7.05 -16.50 3.62
C PRO B 65 -7.65 -15.25 2.99
N CYS B 66 -7.01 -14.71 1.98
CA CYS B 66 -7.54 -13.49 1.32
C CYS B 66 -8.05 -13.84 -0.09
N LEU B 67 -8.64 -12.89 -0.76
CA LEU B 67 -9.16 -13.15 -2.14
C LEU B 67 -8.41 -12.31 -3.17
N LEU B 68 -7.92 -12.92 -4.21
CA LEU B 68 -7.19 -12.15 -5.26
C LEU B 68 -7.92 -12.25 -6.59
N ARG B 69 -7.46 -11.55 -7.59
CA ARG B 69 -8.14 -11.60 -8.92
C ARG B 69 -7.11 -11.56 -10.05
N ARG B 70 -7.49 -11.94 -11.23
CA ARG B 70 -6.54 -11.91 -12.38
C ARG B 70 -6.92 -10.78 -13.34
N ASN B 71 -5.94 -10.13 -13.92
CA ASN B 71 -6.25 -9.01 -14.86
C ASN B 71 -6.96 -9.54 -16.11
N TYR B 72 -6.70 -10.76 -16.48
CA TYR B 72 -7.36 -11.34 -17.68
C TYR B 72 -8.73 -11.91 -17.31
N SER B 73 -8.82 -12.62 -16.22
CA SER B 73 -10.13 -13.20 -15.81
C SER B 73 -10.91 -12.19 -14.97
N ARG B 74 -12.14 -11.95 -15.32
CA ARG B 74 -12.96 -10.97 -14.53
C ARG B 74 -13.59 -11.67 -13.33
N GLU B 75 -13.38 -12.96 -13.20
CA GLU B 75 -13.97 -13.69 -12.04
C GLU B 75 -13.13 -13.46 -10.79
N GLN B 76 -13.66 -13.76 -9.64
CA GLN B 76 -12.88 -13.55 -8.39
C GLN B 76 -12.06 -14.80 -8.05
N HIS B 77 -10.89 -14.61 -7.51
CA HIS B 77 -10.02 -15.76 -7.16
C HIS B 77 -9.81 -15.80 -5.65
N GLY B 78 -9.26 -16.87 -5.14
CA GLY B 78 -9.05 -16.96 -3.66
C GLY B 78 -7.70 -17.61 -3.38
N VAL B 79 -6.95 -17.06 -2.46
CA VAL B 79 -5.62 -17.64 -2.12
C VAL B 79 -5.43 -17.68 -0.61
N ALA B 80 -4.38 -18.31 -0.14
CA ALA B 80 -4.15 -18.37 1.33
C ALA B 80 -2.67 -18.12 1.64
N ALA B 81 -2.34 -16.91 2.04
CA ALA B 81 -0.92 -16.59 2.36
C ALA B 81 -0.87 -15.69 3.60
N SER B 82 0.22 -15.73 4.32
CA SER B 82 0.33 -14.87 5.53
C SER B 82 0.91 -13.50 5.17
N CYS B 83 2.00 -13.48 4.45
CA CYS B 83 2.59 -12.18 4.05
C CYS B 83 2.38 -11.92 2.56
N LEU B 84 2.78 -10.77 2.08
CA LEU B 84 2.59 -10.45 0.64
C LEU B 84 3.40 -11.43 -0.22
N GLU B 85 4.69 -11.47 -0.04
CA GLU B 85 5.53 -12.41 -0.84
C GLU B 85 4.84 -13.77 -0.94
N ASP B 86 4.29 -14.24 0.14
CA ASP B 86 3.61 -15.56 0.11
C ASP B 86 2.30 -15.46 -0.69
N LEU B 87 1.60 -14.37 -0.56
CA LEU B 87 0.34 -14.21 -1.33
C LEU B 87 0.62 -14.33 -2.83
N ARG B 88 1.65 -13.68 -3.29
CA ARG B 88 2.00 -13.75 -4.74
C ARG B 88 2.38 -15.19 -5.11
N SER B 89 3.47 -15.65 -4.59
CA SER B 89 3.90 -17.05 -4.90
C SER B 89 2.72 -18.01 -4.88
N LYS B 90 2.00 -18.06 -3.78
CA LYS B 90 0.84 -18.98 -3.70
C LYS B 90 -0.24 -18.58 -4.71
N ALA B 91 -0.33 -17.31 -5.02
CA ALA B 91 -1.37 -16.85 -6.00
C ALA B 91 -0.95 -17.21 -7.42
N CYS B 92 0.31 -17.47 -7.65
CA CYS B 92 0.77 -17.82 -9.02
C CYS B 92 0.35 -19.25 -9.37
N ASP B 93 0.58 -20.19 -8.48
CA ASP B 93 0.21 -21.59 -8.76
C ASP B 93 -1.32 -21.76 -8.77
N ILE B 94 -1.99 -21.12 -7.84
CA ILE B 94 -3.48 -21.23 -7.79
C ILE B 94 -4.11 -20.49 -8.96
N LEU B 95 -3.62 -19.32 -9.27
CA LEU B 95 -4.20 -18.55 -10.41
C LEU B 95 -4.03 -19.32 -11.72
N ALA B 96 -3.04 -20.16 -11.79
CA ALA B 96 -2.82 -20.96 -13.04
C ALA B 96 -2.62 -20.02 -14.23
N ILE B 97 -1.74 -19.07 -14.12
CA ILE B 97 -1.50 -18.13 -15.25
C ILE B 97 -0.21 -18.51 -15.99
N ASP B 98 -0.11 -18.17 -17.24
CA ASP B 98 1.14 -18.50 -18.01
C ASP B 98 2.05 -17.28 -18.09
N LYS B 99 1.51 -16.11 -17.91
CA LYS B 99 2.34 -14.88 -17.97
C LYS B 99 2.90 -14.55 -16.58
N SER B 100 3.11 -15.55 -15.77
CA SER B 100 3.65 -15.30 -14.40
C SER B 100 4.98 -14.55 -14.48
N LEU B 101 5.59 -14.53 -15.63
CA LEU B 101 6.90 -13.82 -15.79
C LEU B 101 6.74 -12.30 -15.73
N THR B 102 5.55 -11.82 -15.48
CA THR B 102 5.36 -10.34 -15.40
C THR B 102 5.26 -9.88 -13.95
N PRO B 103 5.66 -8.66 -13.72
CA PRO B 103 5.63 -8.08 -12.35
C PRO B 103 4.19 -7.75 -11.95
N VAL B 104 3.58 -8.58 -11.16
CA VAL B 104 2.18 -8.31 -10.74
C VAL B 104 2.15 -7.45 -9.48
N THR B 105 1.40 -6.38 -9.50
CA THR B 105 1.33 -5.48 -8.31
C THR B 105 0.00 -5.68 -7.58
N LEU B 106 -0.08 -5.31 -6.34
CA LEU B 106 -1.35 -5.48 -5.58
C LEU B 106 -1.99 -4.11 -5.32
N VAL B 107 -3.29 -4.03 -5.42
CA VAL B 107 -3.97 -2.73 -5.17
C VAL B 107 -5.25 -2.94 -4.37
N LEU B 108 -5.88 -1.89 -3.94
CA LEU B 108 -7.13 -2.04 -3.15
C LEU B 108 -8.35 -1.65 -4.00
N ALA B 109 -9.27 -2.56 -4.19
CA ALA B 109 -10.47 -2.24 -5.01
C ALA B 109 -11.21 -1.04 -4.41
N GLU B 110 -10.99 -0.76 -3.15
CA GLU B 110 -11.68 0.39 -2.51
C GLU B 110 -10.84 1.66 -2.66
N ASP B 111 -9.67 1.70 -2.05
CA ASP B 111 -8.81 2.91 -2.16
C ASP B 111 -7.96 2.82 -3.43
N GLY B 112 -7.62 1.64 -3.84
CA GLY B 112 -6.80 1.47 -5.08
C GLY B 112 -5.34 1.85 -4.79
N THR B 113 -4.94 1.83 -3.56
CA THR B 113 -3.53 2.18 -3.24
C THR B 113 -2.70 0.89 -3.13
N ILE B 114 -1.52 0.87 -3.70
CA ILE B 114 -0.70 -0.36 -3.61
C ILE B 114 -0.02 -0.45 -2.25
N VAL B 115 0.15 -1.64 -1.75
CA VAL B 115 0.81 -1.81 -0.42
C VAL B 115 2.15 -2.53 -0.58
N ASP B 116 3.23 -1.81 -0.50
CA ASP B 116 4.57 -2.45 -0.66
C ASP B 116 4.98 -3.15 0.63
N ASP B 117 4.10 -3.22 1.60
CA ASP B 117 4.44 -3.89 2.88
C ASP B 117 3.27 -4.77 3.34
N ASP B 118 3.57 -5.85 4.01
CA ASP B 118 2.48 -6.75 4.48
C ASP B 118 1.63 -6.06 5.56
N ASP B 119 2.05 -4.89 5.98
CA ASP B 119 1.29 -4.16 7.02
C ASP B 119 -0.22 -4.28 6.79
N TYR B 120 -0.75 -3.56 5.83
CA TYR B 120 -2.21 -3.64 5.55
C TYR B 120 -2.60 -5.05 5.13
N PHE B 121 -1.72 -5.78 4.51
CA PHE B 121 -2.08 -7.17 4.08
C PHE B 121 -2.51 -8.01 5.28
N LEU B 122 -2.04 -7.68 6.45
CA LEU B 122 -2.43 -8.46 7.66
C LEU B 122 -3.40 -7.66 8.53
N CYS B 123 -3.42 -6.36 8.36
CA CYS B 123 -4.35 -5.53 9.19
C CYS B 123 -5.79 -5.76 8.75
N LEU B 124 -6.00 -6.24 7.55
CA LEU B 124 -7.38 -6.48 7.07
C LEU B 124 -7.91 -7.81 7.62
N PRO B 125 -9.19 -7.99 7.52
CA PRO B 125 -9.84 -9.24 8.00
C PRO B 125 -9.49 -10.41 7.09
N SER B 126 -9.91 -11.59 7.43
CA SER B 126 -9.59 -12.77 6.58
C SER B 126 -10.18 -12.56 5.18
N ASN B 127 -11.43 -12.22 5.11
CA ASN B 127 -12.08 -11.99 3.80
C ASN B 127 -11.73 -10.60 3.26
N THR B 128 -10.78 -10.52 2.37
CA THR B 128 -10.40 -9.19 1.81
C THR B 128 -10.27 -9.28 0.28
N LYS B 129 -10.80 -8.33 -0.43
CA LYS B 129 -10.72 -8.37 -1.92
C LYS B 129 -9.49 -7.61 -2.42
N PHE B 130 -8.79 -8.18 -3.37
CA PHE B 130 -7.58 -7.49 -3.91
C PHE B 130 -7.54 -7.65 -5.44
N VAL B 131 -6.66 -6.95 -6.09
CA VAL B 131 -6.56 -7.05 -7.58
C VAL B 131 -5.09 -7.03 -8.00
N ALA B 132 -4.71 -7.91 -8.87
CA ALA B 132 -3.28 -7.94 -9.32
C ALA B 132 -3.17 -7.54 -10.79
N LEU B 133 -2.21 -6.71 -11.11
CA LEU B 133 -2.03 -6.28 -12.53
C LEU B 133 -0.89 -7.05 -13.18
N ALA B 134 -1.19 -7.88 -14.13
CA ALA B 134 -0.14 -8.66 -14.83
C ALA B 134 0.55 -7.76 -15.87
N SER B 135 1.40 -8.32 -16.68
CA SER B 135 2.10 -7.51 -17.72
C SER B 135 1.17 -6.42 -18.25
N ASN B 136 -0.11 -6.69 -18.29
CA ASN B 136 -1.09 -5.67 -18.76
C ASN B 136 -1.37 -4.68 -17.62
N GLU B 137 -0.75 -3.53 -17.66
CA GLU B 137 -0.97 -2.51 -16.59
C GLU B 137 -2.44 -2.05 -16.51
N LYS B 138 -3.30 -2.54 -17.36
CA LYS B 138 -4.72 -2.08 -17.32
C LYS B 138 -5.29 -2.26 -15.89
N TRP B 139 -5.18 -1.24 -15.08
CA TRP B 139 -5.71 -1.32 -13.69
C TRP B 139 -6.94 -0.43 -13.54
N ALA B 140 -7.71 -0.63 -12.50
CA ALA B 140 -8.94 0.20 -12.30
C ALA B 140 -8.62 1.39 -11.39
N TYR B 141 -8.68 2.59 -11.92
CA TYR B 141 -8.39 3.79 -11.08
C TYR B 141 -9.68 4.55 -10.79
N ASN B 142 -9.99 4.78 -9.54
CA ASN B 142 -11.24 5.51 -9.20
C ASN B 142 -10.94 6.95 -8.80
N ASN B 143 -11.78 7.87 -9.17
CA ASN B 143 -11.54 9.30 -8.81
C ASN B 143 -12.80 9.91 -8.19
N SER B 144 -12.66 11.03 -7.53
CA SER B 144 -13.86 11.66 -6.89
C SER B 144 -14.63 12.51 -7.92
N ASP B 145 -15.76 12.04 -8.35
CA ASP B 145 -16.56 12.81 -9.34
C ASP B 145 -17.09 14.10 -8.71
N MET A 1 2.83 -7.71 10.51
CA MET A 1 3.32 -6.92 11.67
C MET A 1 2.55 -7.31 12.93
N LEU A 2 2.29 -6.36 13.80
CA LEU A 2 1.55 -6.66 15.05
C LEU A 2 0.09 -6.96 14.75
N GLN A 3 -0.71 -7.10 15.77
CA GLN A 3 -2.15 -7.39 15.56
C GLN A 3 -2.97 -6.12 15.83
N LYS A 4 -2.41 -4.98 15.55
CA LYS A 4 -3.17 -3.71 15.77
C LYS A 4 -2.33 -2.52 15.28
N PRO A 5 -1.99 -2.56 14.02
CA PRO A 5 -1.18 -1.47 13.42
C PRO A 5 -2.07 -0.26 13.09
N LYS A 6 -1.48 0.81 12.64
CA LYS A 6 -2.29 2.02 12.31
C LYS A 6 -2.47 2.11 10.79
N SER A 7 -3.66 2.39 10.34
CA SER A 7 -3.91 2.50 8.88
C SER A 7 -3.45 3.87 8.36
N VAL A 8 -2.48 3.89 7.49
CA VAL A 8 -2.00 5.20 6.95
C VAL A 8 -1.68 5.08 5.45
N LYS A 9 -2.50 5.66 4.61
CA LYS A 9 -2.25 5.59 3.15
C LYS A 9 -1.27 6.69 2.73
N LEU A 10 -0.12 6.31 2.21
CA LEU A 10 0.87 7.35 1.79
C LEU A 10 0.53 7.89 0.40
N ARG A 11 1.18 8.94 0.00
CA ARG A 11 0.90 9.53 -1.35
C ARG A 11 2.20 10.09 -1.96
N ALA A 12 2.14 10.50 -3.21
CA ALA A 12 3.36 11.05 -3.86
C ALA A 12 2.98 12.24 -4.75
N LEU A 13 3.94 13.02 -5.17
CA LEU A 13 3.62 14.18 -6.05
C LEU A 13 4.29 14.02 -7.42
N ARG A 14 5.59 13.87 -7.45
CA ARG A 14 6.29 13.70 -8.75
C ARG A 14 5.52 12.71 -9.63
N SER A 15 5.36 11.50 -9.18
CA SER A 15 4.62 10.48 -9.98
C SER A 15 3.23 10.25 -9.37
N PRO A 16 2.27 10.03 -10.23
CA PRO A 16 0.89 9.80 -9.76
C PRO A 16 0.76 8.40 -9.15
N ARG A 17 1.11 8.25 -7.90
CA ARG A 17 1.00 6.91 -7.26
C ARG A 17 0.63 7.07 -5.77
N LYS A 18 0.01 6.08 -5.20
CA LYS A 18 -0.37 6.18 -3.76
C LYS A 18 -0.13 4.83 -3.07
N PHE A 19 0.82 4.79 -2.16
CA PHE A 19 1.10 3.51 -1.44
C PHE A 19 0.31 3.47 -0.14
N GLY A 20 -0.33 2.37 0.15
CA GLY A 20 -1.11 2.28 1.41
C GLY A 20 -0.48 1.22 2.32
N VAL A 21 -0.08 1.61 3.50
CA VAL A 21 0.53 0.63 4.44
C VAL A 21 0.05 0.91 5.87
N ALA A 22 -0.30 -0.11 6.61
CA ALA A 22 -0.77 0.11 8.01
C ALA A 22 0.21 -0.48 9.00
N GLY A 23 1.18 0.29 9.43
CA GLY A 23 2.17 -0.24 10.41
C GLY A 23 2.00 0.48 11.75
N ARG A 24 2.10 -0.24 12.83
CA ARG A 24 1.94 0.39 14.16
C ARG A 24 3.10 1.36 14.44
N SER A 25 4.25 1.07 13.88
CA SER A 25 5.42 1.96 14.10
C SER A 25 5.33 3.20 13.18
N CYS A 26 4.94 4.32 13.72
CA CYS A 26 4.80 5.55 12.90
C CYS A 26 6.07 5.82 12.09
N GLN A 27 7.06 6.45 12.71
CA GLN A 27 8.32 6.75 11.97
C GLN A 27 8.69 5.60 11.04
N GLU A 28 8.69 4.40 11.56
CA GLU A 28 9.01 3.21 10.71
C GLU A 28 8.20 3.26 9.42
N VAL A 29 6.90 3.22 9.52
CA VAL A 29 6.04 3.27 8.31
C VAL A 29 6.56 4.34 7.34
N LEU A 30 6.69 5.56 7.80
CA LEU A 30 7.18 6.64 6.91
C LEU A 30 8.53 6.24 6.32
N ARG A 31 9.49 5.95 7.14
CA ARG A 31 10.83 5.55 6.62
C ARG A 31 10.67 4.56 5.47
N LYS A 32 9.82 3.58 5.63
CA LYS A 32 9.61 2.59 4.55
C LYS A 32 9.06 3.27 3.29
N GLY A 33 7.77 3.46 3.23
CA GLY A 33 7.17 4.12 2.03
C GLY A 33 8.04 5.31 1.61
N CYS A 34 8.32 6.20 2.52
CA CYS A 34 9.16 7.38 2.17
C CYS A 34 10.39 6.95 1.38
N LEU A 35 11.15 6.01 1.89
CA LEU A 35 12.36 5.55 1.16
C LEU A 35 11.97 4.94 -0.19
N ARG A 36 10.78 4.40 -0.30
CA ARG A 36 10.36 3.79 -1.59
C ARG A 36 10.35 4.85 -2.69
N PHE A 37 10.01 6.07 -2.36
CA PHE A 37 9.98 7.14 -3.38
C PHE A 37 11.39 7.72 -3.58
N GLN A 38 12.33 7.28 -2.80
CA GLN A 38 13.72 7.80 -2.93
C GLN A 38 13.73 9.33 -2.72
N LEU A 39 13.48 9.76 -1.52
CA LEU A 39 13.47 11.22 -1.23
C LEU A 39 14.27 11.51 0.04
N PRO A 40 15.37 12.20 -0.13
CA PRO A 40 16.24 12.56 1.01
C PRO A 40 15.58 13.63 1.89
N GLU A 41 16.17 13.95 3.01
CA GLU A 41 15.58 14.98 3.90
C GLU A 41 15.78 16.38 3.30
N ARG A 42 16.96 16.92 3.43
CA ARG A 42 17.21 18.28 2.86
C ARG A 42 16.77 18.32 1.39
N GLY A 43 17.09 17.31 0.63
CA GLY A 43 16.69 17.29 -0.80
C GLY A 43 15.17 17.21 -0.93
N SER A 44 14.54 16.35 -0.17
CA SER A 44 13.05 16.23 -0.27
C SER A 44 12.41 16.35 1.11
N ARG A 45 11.29 16.99 1.20
CA ARG A 45 10.61 17.14 2.52
C ARG A 45 9.25 16.45 2.50
N LEU A 46 8.93 15.71 3.53
CA LEU A 46 7.61 15.02 3.57
C LEU A 46 6.58 15.91 4.29
N CYS A 47 5.39 16.03 3.74
CA CYS A 47 4.35 16.87 4.39
C CYS A 47 2.97 16.20 4.28
N LEU A 48 1.98 16.78 4.88
CA LEU A 48 0.61 16.17 4.81
C LEU A 48 -0.06 16.51 3.47
N TYR A 49 -1.26 16.03 3.27
CA TYR A 49 -1.97 16.31 1.99
C TYR A 49 -2.80 17.59 2.11
N GLU A 50 -3.79 17.60 2.96
CA GLU A 50 -4.63 18.82 3.12
C GLU A 50 -3.76 20.05 3.37
N ASP A 51 -3.09 20.09 4.49
CA ASP A 51 -2.22 21.26 4.79
C ASP A 51 -0.85 21.10 4.13
N GLY A 52 -0.26 19.94 4.25
CA GLY A 52 1.07 19.70 3.63
C GLY A 52 2.08 20.71 4.19
N THR A 53 1.75 21.38 5.26
CA THR A 53 2.70 22.38 5.83
C THR A 53 4.01 21.69 6.29
N GLU A 54 4.00 21.01 7.40
CA GLU A 54 5.25 20.34 7.86
C GLU A 54 4.93 18.97 8.46
N LEU A 55 5.72 17.97 8.14
CA LEU A 55 5.46 16.62 8.70
C LEU A 55 6.78 15.94 9.07
N THR A 56 6.99 15.70 10.34
CA THR A 56 8.26 15.05 10.76
C THR A 56 8.09 13.53 10.82
N GLU A 57 8.95 12.80 10.19
CA GLU A 57 8.84 11.31 10.21
C GLU A 57 8.69 10.82 11.65
N ASP A 58 9.16 11.58 12.60
CA ASP A 58 9.04 11.15 14.02
C ASP A 58 7.65 10.59 14.29
N TYR A 59 6.66 11.43 14.32
CA TYR A 59 5.27 10.94 14.58
C TYR A 59 4.27 11.67 13.68
N PHE A 60 3.04 11.22 13.65
CA PHE A 60 2.02 11.88 12.78
C PHE A 60 1.43 13.09 13.51
N PRO A 61 0.87 13.99 12.74
CA PRO A 61 0.25 15.20 13.31
C PRO A 61 -1.09 14.88 13.96
N SER A 62 -1.07 14.37 15.17
CA SER A 62 -2.34 14.03 15.86
C SER A 62 -3.32 13.36 14.90
N VAL A 63 -2.83 12.61 13.96
CA VAL A 63 -3.74 11.93 13.00
C VAL A 63 -3.40 10.44 12.90
N PRO A 64 -3.86 9.70 13.88
CA PRO A 64 -3.60 8.24 13.93
C PRO A 64 -4.51 7.50 12.94
N ASP A 65 -5.79 7.78 12.95
CA ASP A 65 -6.72 7.07 12.03
C ASP A 65 -6.09 6.91 10.64
N ASN A 66 -5.76 8.00 10.00
CA ASN A 66 -5.14 7.90 8.64
C ASN A 66 -4.04 8.95 8.50
N ALA A 67 -3.04 8.68 7.72
CA ALA A 67 -1.94 9.66 7.52
C ALA A 67 -1.62 9.79 6.04
N GLU A 68 -2.31 10.65 5.34
CA GLU A 68 -2.04 10.82 3.89
C GLU A 68 -0.87 11.79 3.68
N LEU A 69 0.33 11.31 3.83
CA LEU A 69 1.51 12.20 3.64
C LEU A 69 1.90 12.26 2.17
N VAL A 70 1.90 13.44 1.60
CA VAL A 70 2.28 13.56 0.16
C VAL A 70 3.75 13.96 0.05
N LEU A 71 4.54 13.16 -0.63
CA LEU A 71 5.98 13.51 -0.76
C LEU A 71 6.14 14.84 -1.50
N LEU A 72 6.90 15.74 -0.96
CA LEU A 72 7.08 17.06 -1.63
C LEU A 72 8.54 17.51 -1.54
N THR A 73 9.20 17.64 -2.65
CA THR A 73 10.63 18.08 -2.62
C THR A 73 10.83 19.29 -3.53
N LEU A 74 10.49 20.46 -3.07
CA LEU A 74 10.67 21.68 -3.90
C LEU A 74 11.04 22.87 -3.01
N GLY A 75 11.35 23.99 -3.59
CA GLY A 75 11.71 25.18 -2.78
C GLY A 75 10.48 25.71 -2.06
N GLN A 76 9.31 25.27 -2.47
CA GLN A 76 8.06 25.75 -1.80
C GLN A 76 7.39 24.61 -1.05
N ALA A 77 6.56 24.92 -0.09
CA ALA A 77 5.87 23.86 0.70
C ALA A 77 4.57 23.45 -0.01
N TRP A 78 4.00 22.34 0.38
CA TRP A 78 2.74 21.88 -0.27
C TRP A 78 1.54 22.65 0.29
N GLN A 79 0.66 23.09 -0.57
CA GLN A 79 -0.53 23.85 -0.08
C GLN A 79 -1.78 23.42 -0.86
N GLY A 80 -2.22 22.21 -0.66
CA GLY A 80 -3.43 21.73 -1.39
C GLY A 80 -4.49 21.28 -0.38
N HIS A 81 -5.32 22.17 0.08
CA HIS A 81 -6.36 21.79 1.07
C HIS A 81 -7.34 20.79 0.46
N SER B 57 -8.53 -13.82 23.23
CA SER B 57 -7.32 -14.31 22.52
C SER B 57 -7.62 -14.50 21.03
N GLY B 58 -7.82 -13.43 20.31
CA GLY B 58 -8.12 -13.55 18.85
C GLY B 58 -6.89 -13.11 18.05
N GLU B 59 -5.72 -13.29 18.58
CA GLU B 59 -4.48 -12.88 17.85
C GLU B 59 -4.36 -13.67 16.54
N ILE B 60 -3.56 -13.19 15.63
CA ILE B 60 -3.39 -13.92 14.33
C ILE B 60 -2.43 -15.10 14.51
N ARG B 61 -2.95 -16.27 14.77
CA ARG B 61 -2.06 -17.45 14.96
C ARG B 61 -1.92 -18.21 13.64
N THR B 62 -3.01 -18.64 13.07
CA THR B 62 -2.94 -19.39 11.78
C THR B 62 -2.77 -18.42 10.61
N LEU B 63 -2.71 -18.92 9.40
CA LEU B 63 -2.54 -18.03 8.22
C LEU B 63 -3.88 -17.40 7.84
N LYS B 64 -3.87 -16.14 7.47
CA LYS B 64 -5.14 -15.47 7.08
C LYS B 64 -5.35 -15.57 5.56
N PRO B 65 -6.30 -16.38 5.19
CA PRO B 65 -6.62 -16.58 3.76
C PRO B 65 -7.35 -15.36 3.19
N CYS B 66 -6.89 -14.84 2.08
CA CYS B 66 -7.56 -13.65 1.48
C CYS B 66 -8.03 -13.97 0.06
N LEU B 67 -8.72 -13.06 -0.57
CA LEU B 67 -9.20 -13.31 -1.96
C LEU B 67 -8.53 -12.34 -2.93
N LEU B 68 -7.92 -12.87 -3.96
CA LEU B 68 -7.23 -12.00 -4.96
C LEU B 68 -7.96 -12.07 -6.30
N ARG B 69 -7.55 -11.30 -7.26
CA ARG B 69 -8.22 -11.34 -8.59
C ARG B 69 -7.20 -11.21 -9.72
N ARG B 70 -7.60 -11.54 -10.92
CA ARG B 70 -6.66 -11.44 -12.07
C ARG B 70 -6.99 -10.19 -12.91
N ASN B 71 -6.07 -9.74 -13.71
CA ASN B 71 -6.33 -8.53 -14.54
C ASN B 71 -7.11 -8.91 -15.80
N TYR B 72 -6.95 -10.12 -16.26
CA TYR B 72 -7.68 -10.55 -17.49
C TYR B 72 -9.07 -11.09 -17.13
N SER B 73 -9.16 -11.92 -16.15
CA SER B 73 -10.49 -12.47 -15.75
C SER B 73 -11.17 -11.56 -14.73
N ARG B 74 -12.44 -11.31 -14.90
CA ARG B 74 -13.15 -10.42 -13.93
C ARG B 74 -13.74 -11.25 -12.79
N GLU B 75 -13.45 -12.53 -12.75
CA GLU B 75 -13.99 -13.38 -11.65
C GLU B 75 -13.14 -13.19 -10.38
N GLN B 76 -13.65 -13.57 -9.25
CA GLN B 76 -12.86 -13.41 -7.99
C GLN B 76 -12.01 -14.66 -7.74
N HIS B 77 -10.83 -14.48 -7.21
CA HIS B 77 -9.95 -15.64 -6.94
C HIS B 77 -9.70 -15.75 -5.44
N GLY B 78 -9.20 -16.88 -4.98
CA GLY B 78 -8.96 -17.03 -3.52
C GLY B 78 -7.59 -17.69 -3.30
N VAL B 79 -6.87 -17.24 -2.31
CA VAL B 79 -5.52 -17.83 -2.04
C VAL B 79 -5.32 -17.95 -0.53
N ALA B 80 -4.25 -18.58 -0.11
CA ALA B 80 -3.99 -18.73 1.34
C ALA B 80 -2.52 -18.41 1.66
N ALA B 81 -2.24 -17.23 2.13
CA ALA B 81 -0.83 -16.87 2.46
C ALA B 81 -0.78 -16.05 3.75
N SER B 82 0.34 -16.04 4.42
CA SER B 82 0.45 -15.27 5.69
C SER B 82 0.93 -13.85 5.40
N CYS B 83 1.74 -13.67 4.40
CA CYS B 83 2.24 -12.30 4.06
C CYS B 83 2.15 -12.05 2.56
N LEU B 84 2.45 -10.86 2.12
CA LEU B 84 2.38 -10.54 0.67
C LEU B 84 3.18 -11.57 -0.13
N GLU B 85 4.46 -11.61 0.06
CA GLU B 85 5.31 -12.59 -0.70
C GLU B 85 4.61 -13.95 -0.75
N ASP B 86 4.30 -14.52 0.38
CA ASP B 86 3.63 -15.85 0.40
C ASP B 86 2.36 -15.82 -0.45
N LEU B 87 1.66 -14.70 -0.46
CA LEU B 87 0.42 -14.61 -1.27
C LEU B 87 0.76 -14.56 -2.76
N ARG B 88 1.87 -13.96 -3.10
CA ARG B 88 2.25 -13.88 -4.54
C ARG B 88 2.55 -15.28 -5.08
N SER B 89 3.62 -15.88 -4.65
CA SER B 89 3.97 -17.24 -5.12
C SER B 89 2.73 -18.15 -5.10
N LYS B 90 2.03 -18.17 -3.99
CA LYS B 90 0.82 -19.03 -3.90
C LYS B 90 -0.23 -18.57 -4.90
N ALA B 91 -0.47 -17.29 -4.99
CA ALA B 91 -1.49 -16.78 -5.95
C ALA B 91 -1.04 -17.04 -7.40
N CYS B 92 0.23 -17.28 -7.60
CA CYS B 92 0.73 -17.53 -8.98
C CYS B 92 0.39 -18.94 -9.43
N ASP B 93 0.79 -19.94 -8.68
CA ASP B 93 0.49 -21.34 -9.06
C ASP B 93 -1.03 -21.59 -9.03
N ILE B 94 -1.71 -21.06 -8.06
CA ILE B 94 -3.18 -21.28 -7.98
C ILE B 94 -3.89 -20.55 -9.13
N LEU B 95 -3.50 -19.35 -9.42
CA LEU B 95 -4.14 -18.59 -10.54
C LEU B 95 -3.91 -19.33 -11.87
N ALA B 96 -2.99 -20.24 -11.89
CA ALA B 96 -2.72 -21.01 -13.15
C ALA B 96 -2.50 -20.04 -14.32
N ILE B 97 -1.72 -19.01 -14.11
CA ILE B 97 -1.47 -18.03 -15.21
C ILE B 97 -0.17 -18.38 -15.93
N ASP B 98 -0.03 -17.97 -17.16
CA ASP B 98 1.22 -18.29 -17.92
C ASP B 98 2.10 -17.03 -18.02
N LYS B 99 1.53 -15.89 -17.75
CA LYS B 99 2.34 -14.63 -17.82
C LYS B 99 2.98 -14.34 -16.47
N SER B 100 3.28 -15.36 -15.71
CA SER B 100 3.91 -15.15 -14.38
C SER B 100 5.22 -14.36 -14.51
N LEU B 101 5.73 -14.26 -15.71
CA LEU B 101 7.01 -13.52 -15.91
C LEU B 101 6.81 -12.00 -15.75
N THR B 102 5.62 -11.57 -15.39
CA THR B 102 5.39 -10.11 -15.21
C THR B 102 5.24 -9.77 -13.73
N PRO B 103 5.69 -8.60 -13.37
CA PRO B 103 5.61 -8.14 -11.96
C PRO B 103 4.16 -7.83 -11.59
N VAL B 104 3.55 -8.67 -10.80
CA VAL B 104 2.13 -8.42 -10.39
C VAL B 104 2.09 -7.53 -9.14
N THR B 105 1.47 -6.39 -9.24
CA THR B 105 1.40 -5.48 -8.04
C THR B 105 0.08 -5.71 -7.30
N LEU B 106 -0.04 -5.14 -6.12
CA LEU B 106 -1.31 -5.32 -5.35
C LEU B 106 -2.00 -3.97 -5.14
N VAL B 107 -3.30 -3.93 -5.29
CA VAL B 107 -4.03 -2.65 -5.10
C VAL B 107 -5.31 -2.89 -4.29
N LEU B 108 -6.02 -1.85 -3.96
CA LEU B 108 -7.27 -2.01 -3.17
C LEU B 108 -8.49 -1.60 -4.02
N ALA B 109 -9.43 -2.49 -4.18
CA ALA B 109 -10.64 -2.14 -4.98
C ALA B 109 -11.37 -0.94 -4.36
N GLU B 110 -11.13 -0.69 -3.10
CA GLU B 110 -11.80 0.47 -2.43
C GLU B 110 -10.96 1.73 -2.60
N ASP B 111 -9.78 1.76 -2.03
CA ASP B 111 -8.92 2.97 -2.16
C ASP B 111 -8.06 2.86 -3.42
N GLY B 112 -7.73 1.68 -3.83
CA GLY B 112 -6.90 1.50 -5.05
C GLY B 112 -5.46 1.93 -4.77
N THR B 113 -5.01 1.81 -3.54
CA THR B 113 -3.61 2.21 -3.24
C THR B 113 -2.73 0.96 -3.21
N ILE B 114 -1.54 1.06 -3.72
CA ILE B 114 -0.64 -0.13 -3.74
C ILE B 114 0.00 -0.32 -2.35
N VAL B 115 -0.05 -1.52 -1.84
CA VAL B 115 0.56 -1.77 -0.50
C VAL B 115 1.83 -2.60 -0.66
N ASP B 116 2.97 -1.95 -0.62
CA ASP B 116 4.25 -2.70 -0.77
C ASP B 116 4.63 -3.38 0.56
N ASP B 117 3.75 -3.35 1.52
CA ASP B 117 4.06 -3.99 2.83
C ASP B 117 2.89 -4.87 3.28
N ASP B 118 3.18 -5.94 3.99
CA ASP B 118 2.09 -6.84 4.46
C ASP B 118 1.25 -6.13 5.52
N ASP B 119 1.65 -4.96 5.93
CA ASP B 119 0.88 -4.22 6.97
C ASP B 119 -0.62 -4.31 6.68
N TYR B 120 -1.12 -3.51 5.77
CA TYR B 120 -2.56 -3.56 5.44
C TYR B 120 -2.97 -4.96 5.00
N PHE B 121 -2.09 -5.67 4.35
CA PHE B 121 -2.42 -7.05 3.89
C PHE B 121 -2.80 -7.93 5.09
N LEU B 122 -2.28 -7.63 6.24
CA LEU B 122 -2.61 -8.44 7.45
C LEU B 122 -3.57 -7.67 8.36
N CYS B 123 -3.55 -6.38 8.30
CA CYS B 123 -4.47 -5.57 9.16
C CYS B 123 -5.92 -5.83 8.76
N LEU B 124 -6.15 -6.27 7.55
CA LEU B 124 -7.54 -6.55 7.10
C LEU B 124 -8.01 -7.91 7.62
N PRO B 125 -9.29 -8.13 7.55
CA PRO B 125 -9.87 -9.41 8.03
C PRO B 125 -9.51 -10.54 7.07
N SER B 126 -9.87 -11.75 7.41
CA SER B 126 -9.56 -12.91 6.52
C SER B 126 -10.21 -12.70 5.16
N ASN B 127 -11.48 -12.40 5.16
CA ASN B 127 -12.20 -12.19 3.87
C ASN B 127 -11.91 -10.79 3.33
N THR B 128 -11.02 -10.68 2.39
CA THR B 128 -10.70 -9.33 1.82
C THR B 128 -10.54 -9.45 0.30
N LYS B 129 -10.96 -8.44 -0.42
CA LYS B 129 -10.84 -8.49 -1.91
C LYS B 129 -9.62 -7.70 -2.38
N PHE B 130 -8.87 -8.22 -3.31
CA PHE B 130 -7.67 -7.50 -3.81
C PHE B 130 -7.57 -7.63 -5.33
N VAL B 131 -6.68 -6.90 -5.94
CA VAL B 131 -6.53 -6.99 -7.43
C VAL B 131 -5.05 -6.95 -7.81
N ALA B 132 -4.66 -7.74 -8.78
CA ALA B 132 -3.22 -7.75 -9.20
C ALA B 132 -3.09 -7.36 -10.68
N LEU B 133 -2.15 -6.50 -10.98
CA LEU B 133 -1.96 -6.09 -12.40
C LEU B 133 -0.85 -6.90 -13.05
N ALA B 134 -1.20 -7.71 -14.00
CA ALA B 134 -0.19 -8.54 -14.71
C ALA B 134 0.50 -7.67 -15.77
N SER B 135 1.32 -8.27 -16.60
CA SER B 135 2.03 -7.48 -17.65
C SER B 135 1.13 -6.35 -18.17
N ASN B 136 -0.16 -6.57 -18.17
CA ASN B 136 -1.10 -5.51 -18.63
C ASN B 136 -1.33 -4.50 -17.50
N GLU B 137 -0.65 -3.38 -17.55
CA GLU B 137 -0.80 -2.35 -16.49
C GLU B 137 -2.23 -1.80 -16.39
N LYS B 138 -3.15 -2.28 -17.19
CA LYS B 138 -4.55 -1.75 -17.13
C LYS B 138 -5.05 -1.82 -15.68
N TRP B 139 -4.87 -0.76 -14.94
CA TRP B 139 -5.31 -0.75 -13.52
C TRP B 139 -6.56 0.15 -13.35
N ALA B 140 -7.34 -0.09 -12.33
CA ALA B 140 -8.56 0.73 -12.12
C ALA B 140 -8.25 1.89 -11.15
N TYR B 141 -8.30 3.11 -11.62
CA TYR B 141 -8.01 4.27 -10.73
C TYR B 141 -9.29 5.05 -10.45
N ASN B 142 -9.75 5.02 -9.22
CA ASN B 142 -10.99 5.76 -8.88
C ASN B 142 -10.65 7.11 -8.23
N ASN B 143 -11.61 7.99 -8.12
CA ASN B 143 -11.33 9.32 -7.49
C ASN B 143 -12.13 9.47 -6.20
N SER B 144 -11.45 9.59 -5.09
CA SER B 144 -12.17 9.74 -3.79
C SER B 144 -12.52 11.21 -3.57
N ASP B 145 -13.74 11.58 -3.86
CA ASP B 145 -14.15 13.00 -3.65
C ASP B 145 -14.11 13.36 -2.16
N MET A 1 7.82 -6.34 11.03
CA MET A 1 6.71 -5.40 11.37
C MET A 1 6.00 -5.84 12.65
N LEU A 2 5.27 -4.97 13.27
CA LEU A 2 4.54 -5.36 14.52
C LEU A 2 3.29 -6.17 14.17
N GLN A 3 2.49 -6.47 15.15
CA GLN A 3 1.25 -7.25 14.88
C GLN A 3 0.01 -6.44 15.29
N LYS A 4 0.08 -5.15 15.15
CA LYS A 4 -1.08 -4.30 15.51
C LYS A 4 -0.81 -2.83 15.16
N PRO A 5 -0.55 -2.60 13.91
CA PRO A 5 -0.27 -1.23 13.43
C PRO A 5 -1.58 -0.48 13.16
N LYS A 6 -1.48 0.79 12.81
CA LYS A 6 -2.70 1.58 12.52
C LYS A 6 -2.88 1.72 11.01
N SER A 7 -4.04 2.10 10.57
CA SER A 7 -4.27 2.28 9.11
C SER A 7 -3.70 3.62 8.64
N VAL A 8 -2.65 3.59 7.85
CA VAL A 8 -2.05 4.85 7.36
C VAL A 8 -1.62 4.72 5.90
N LYS A 9 -2.42 5.22 4.99
CA LYS A 9 -2.06 5.13 3.54
C LYS A 9 -1.03 6.21 3.19
N LEU A 10 -0.47 6.17 2.01
CA LEU A 10 0.53 7.21 1.62
C LEU A 10 0.23 7.73 0.22
N ARG A 11 0.85 8.83 -0.14
CA ARG A 11 0.62 9.41 -1.49
C ARG A 11 1.90 10.06 -2.02
N ALA A 12 1.97 10.28 -3.31
CA ALA A 12 3.17 10.92 -3.91
C ALA A 12 2.75 12.10 -4.80
N LEU A 13 3.66 12.96 -5.16
CA LEU A 13 3.29 14.13 -6.01
C LEU A 13 3.91 13.99 -7.40
N ARG A 14 5.21 13.92 -7.49
CA ARG A 14 5.86 13.79 -8.83
C ARG A 14 5.11 12.76 -9.68
N SER A 15 5.04 11.54 -9.23
CA SER A 15 4.32 10.50 -10.02
C SER A 15 2.97 10.19 -9.35
N PRO A 16 1.99 9.93 -10.16
CA PRO A 16 0.64 9.62 -9.64
C PRO A 16 0.61 8.21 -9.02
N ARG A 17 1.02 8.10 -7.80
CA ARG A 17 1.02 6.76 -7.13
C ARG A 17 0.70 6.91 -5.65
N LYS A 18 0.10 5.91 -5.05
CA LYS A 18 -0.23 6.01 -3.61
C LYS A 18 0.02 4.67 -2.91
N PHE A 19 0.95 4.61 -2.01
CA PHE A 19 1.24 3.34 -1.30
C PHE A 19 0.46 3.28 0.01
N GLY A 20 -0.21 2.19 0.27
CA GLY A 20 -0.99 2.09 1.54
C GLY A 20 -0.34 1.04 2.45
N VAL A 21 0.08 1.45 3.62
CA VAL A 21 0.71 0.47 4.56
C VAL A 21 0.27 0.76 6.00
N ALA A 22 -0.08 -0.26 6.74
CA ALA A 22 -0.52 -0.06 8.15
C ALA A 22 0.61 -0.37 9.13
N GLY A 23 1.40 0.62 9.47
CA GLY A 23 2.53 0.38 10.42
C GLY A 23 2.21 1.03 11.77
N ARG A 24 2.72 0.47 12.83
CA ARG A 24 2.45 1.07 14.18
C ARG A 24 3.48 2.15 14.50
N SER A 25 4.65 2.05 13.93
CA SER A 25 5.70 3.07 14.21
C SER A 25 5.65 4.19 13.17
N CYS A 26 5.49 5.42 13.62
CA CYS A 26 5.41 6.56 12.67
C CYS A 26 6.67 6.64 11.80
N GLN A 27 7.75 7.14 12.34
CA GLN A 27 9.01 7.25 11.55
C GLN A 27 9.19 6.00 10.70
N GLU A 28 8.86 4.87 11.24
CA GLU A 28 8.98 3.59 10.48
C GLU A 28 8.08 3.63 9.24
N VAL A 29 6.79 3.72 9.44
CA VAL A 29 5.87 3.76 8.27
C VAL A 29 6.39 4.72 7.20
N LEU A 30 6.61 5.96 7.56
CA LEU A 30 7.13 6.94 6.56
C LEU A 30 8.45 6.44 5.98
N ARG A 31 9.41 6.13 6.80
CA ARG A 31 10.72 5.64 6.29
C ARG A 31 10.50 4.61 5.18
N LYS A 32 9.76 3.56 5.47
CA LYS A 32 9.51 2.51 4.44
C LYS A 32 8.97 3.13 3.16
N GLY A 33 7.68 3.40 3.11
CA GLY A 33 7.08 4.01 1.88
C GLY A 33 8.00 5.11 1.36
N CYS A 34 8.34 6.06 2.19
CA CYS A 34 9.23 7.18 1.73
C CYS A 34 10.45 6.62 1.00
N LEU A 35 11.05 5.58 1.51
CA LEU A 35 12.25 5.00 0.84
C LEU A 35 11.88 4.51 -0.56
N ARG A 36 10.69 3.99 -0.73
CA ARG A 36 10.28 3.50 -2.07
C ARG A 36 10.20 4.67 -3.06
N PHE A 37 9.78 5.82 -2.60
CA PHE A 37 9.69 6.99 -3.49
C PHE A 37 11.08 7.57 -3.77
N GLN A 38 12.08 7.08 -3.10
CA GLN A 38 13.46 7.58 -3.33
C GLN A 38 13.51 9.10 -3.12
N LEU A 39 13.36 9.55 -1.90
CA LEU A 39 13.39 11.01 -1.64
C LEU A 39 14.41 11.34 -0.54
N PRO A 40 15.29 12.26 -0.85
CA PRO A 40 16.33 12.66 0.12
C PRO A 40 15.70 13.50 1.25
N GLU A 41 16.47 13.83 2.25
CA GLU A 41 15.92 14.65 3.37
C GLU A 41 15.68 16.08 2.91
N ARG A 42 16.72 16.86 2.83
CA ARG A 42 16.56 18.28 2.40
C ARG A 42 15.99 18.33 0.97
N GLY A 43 16.53 17.56 0.08
CA GLY A 43 16.03 17.57 -1.33
C GLY A 43 14.53 17.26 -1.35
N SER A 44 14.09 16.35 -0.53
CA SER A 44 12.64 16.00 -0.50
C SER A 44 12.11 16.02 0.94
N ARG A 45 11.03 16.71 1.18
CA ARG A 45 10.47 16.75 2.56
C ARG A 45 9.07 16.14 2.58
N LEU A 46 8.72 15.45 3.63
CA LEU A 46 7.37 14.83 3.70
C LEU A 46 6.39 15.79 4.37
N CYS A 47 5.22 15.94 3.83
CA CYS A 47 4.21 16.87 4.43
C CYS A 47 2.82 16.24 4.42
N LEU A 48 1.84 16.89 4.98
CA LEU A 48 0.47 16.32 5.02
C LEU A 48 -0.23 16.51 3.67
N TYR A 49 -1.45 16.06 3.56
CA TYR A 49 -2.20 16.21 2.27
C TYR A 49 -2.99 17.51 2.25
N GLU A 50 -3.97 17.63 3.11
CA GLU A 50 -4.78 18.88 3.13
C GLU A 50 -3.90 20.11 3.36
N ASP A 51 -3.28 20.20 4.50
CA ASP A 51 -2.41 21.37 4.78
C ASP A 51 -1.05 21.16 4.11
N GLY A 52 -0.47 20.00 4.26
CA GLY A 52 0.85 19.73 3.64
C GLY A 52 1.88 20.73 4.18
N THR A 53 1.56 21.42 5.23
CA THR A 53 2.53 22.41 5.79
C THR A 53 3.82 21.71 6.24
N GLU A 54 3.80 21.03 7.35
CA GLU A 54 5.03 20.32 7.82
C GLU A 54 4.68 18.96 8.40
N LEU A 55 5.48 17.96 8.11
CA LEU A 55 5.18 16.60 8.65
C LEU A 55 6.48 15.91 9.08
N THR A 56 6.69 15.74 10.36
CA THR A 56 7.94 15.07 10.83
C THR A 56 7.77 13.55 10.81
N GLU A 57 8.83 12.83 10.58
CA GLU A 57 8.74 11.35 10.55
C GLU A 57 8.61 10.79 11.97
N ASP A 58 9.06 11.53 12.94
CA ASP A 58 8.97 11.06 14.35
C ASP A 58 7.56 10.55 14.65
N TYR A 59 6.59 11.42 14.58
CA TYR A 59 5.18 10.99 14.86
C TYR A 59 4.21 11.68 13.89
N PHE A 60 2.97 11.28 13.92
CA PHE A 60 1.97 11.91 12.99
C PHE A 60 1.35 13.15 13.65
N PRO A 61 0.82 14.01 12.83
CA PRO A 61 0.19 15.25 13.34
C PRO A 61 -1.16 14.96 13.98
N SER A 62 -1.17 14.34 15.13
CA SER A 62 -2.45 14.04 15.82
C SER A 62 -3.40 13.29 14.87
N VAL A 63 -2.88 12.68 13.84
CA VAL A 63 -3.76 11.94 12.90
C VAL A 63 -3.37 10.46 12.86
N PRO A 64 -3.81 9.75 13.86
CA PRO A 64 -3.51 8.30 13.96
C PRO A 64 -4.44 7.49 13.04
N ASP A 65 -5.70 7.84 13.00
CA ASP A 65 -6.65 7.08 12.14
C ASP A 65 -6.04 6.82 10.75
N ASN A 66 -5.73 7.85 10.03
CA ASN A 66 -5.13 7.67 8.68
C ASN A 66 -4.05 8.71 8.42
N ALA A 67 -2.80 8.30 8.41
CA ALA A 67 -1.71 9.27 8.16
C ALA A 67 -1.38 9.30 6.66
N GLU A 68 -2.22 9.93 5.87
CA GLU A 68 -1.96 10.00 4.40
C GLU A 68 -1.03 11.18 4.09
N LEU A 69 0.24 10.93 3.99
CA LEU A 69 1.18 12.04 3.69
C LEU A 69 1.54 12.06 2.21
N VAL A 70 1.64 13.23 1.63
CA VAL A 70 2.00 13.32 0.18
C VAL A 70 3.45 13.76 0.04
N LEU A 71 4.31 12.89 -0.44
CA LEU A 71 5.74 13.27 -0.58
C LEU A 71 5.84 14.69 -1.16
N LEU A 72 6.64 15.52 -0.56
CA LEU A 72 6.77 16.92 -1.06
C LEU A 72 8.23 17.27 -1.33
N THR A 73 8.60 17.48 -2.56
CA THR A 73 10.01 17.83 -2.88
C THR A 73 10.05 18.84 -4.03
N LEU A 74 9.83 20.09 -3.73
CA LEU A 74 9.87 21.12 -4.79
C LEU A 74 10.41 22.44 -4.23
N GLY A 75 10.68 23.40 -5.08
CA GLY A 75 11.21 24.70 -4.58
C GLY A 75 10.23 25.28 -3.55
N GLN A 76 9.00 24.83 -3.58
CA GLN A 76 8.00 25.34 -2.60
C GLN A 76 7.32 24.17 -1.87
N ALA A 77 6.75 24.43 -0.73
CA ALA A 77 6.07 23.34 0.03
C ALA A 77 4.68 23.08 -0.56
N TRP A 78 4.07 21.98 -0.23
CA TRP A 78 2.71 21.70 -0.78
C TRP A 78 1.64 22.41 0.02
N GLN A 79 0.60 22.87 -0.65
CA GLN A 79 -0.49 23.59 0.07
C GLN A 79 -1.84 23.22 -0.55
N GLY A 80 -2.23 21.98 -0.45
CA GLY A 80 -3.54 21.56 -1.05
C GLY A 80 -4.69 21.97 -0.12
N HIS A 81 -5.02 23.22 -0.10
CA HIS A 81 -6.13 23.68 0.79
C HIS A 81 -7.47 23.15 0.27
N SER B 57 -7.09 -10.10 22.54
CA SER B 57 -5.85 -10.58 21.86
C SER B 57 -6.13 -10.87 20.39
N GLY B 58 -5.96 -9.89 19.54
CA GLY B 58 -6.22 -10.11 18.09
C GLY B 58 -4.89 -10.16 17.34
N GLU B 59 -3.84 -10.60 17.98
CA GLU B 59 -2.52 -10.66 17.29
C GLU B 59 -2.61 -11.58 16.08
N ILE B 60 -1.65 -11.51 15.20
CA ILE B 60 -1.68 -12.40 13.99
C ILE B 60 -1.10 -13.77 14.34
N ARG B 61 -1.93 -14.78 14.39
CA ARG B 61 -1.43 -16.14 14.73
C ARG B 61 -1.49 -17.05 13.49
N THR B 62 -2.65 -17.37 13.03
CA THR B 62 -2.77 -18.25 11.83
C THR B 62 -2.67 -17.42 10.55
N LEU B 63 -2.73 -18.06 9.41
CA LEU B 63 -2.64 -17.33 8.12
C LEU B 63 -3.99 -16.70 7.77
N LYS B 64 -3.97 -15.57 7.10
CA LYS B 64 -5.25 -14.91 6.72
C LYS B 64 -5.59 -15.22 5.25
N PRO B 65 -6.62 -15.99 5.07
CA PRO B 65 -7.07 -16.37 3.70
C PRO B 65 -7.72 -15.17 3.00
N CYS B 66 -6.95 -14.44 2.24
CA CYS B 66 -7.52 -13.25 1.54
C CYS B 66 -7.95 -13.64 0.12
N LEU B 67 -8.55 -12.73 -0.59
CA LEU B 67 -9.00 -13.05 -1.98
C LEU B 67 -8.21 -12.20 -3.00
N LEU B 68 -7.86 -12.78 -4.11
CA LEU B 68 -7.10 -12.02 -5.14
C LEU B 68 -7.83 -12.06 -6.48
N ARG B 69 -7.32 -11.39 -7.47
CA ARG B 69 -8.00 -11.40 -8.80
C ARG B 69 -6.99 -11.43 -9.93
N ARG B 70 -7.43 -11.67 -11.14
CA ARG B 70 -6.49 -11.71 -12.29
C ARG B 70 -6.86 -10.61 -13.30
N ASN B 71 -5.90 -9.85 -13.76
CA ASN B 71 -6.21 -8.76 -14.72
C ASN B 71 -6.86 -9.32 -16.00
N TYR B 72 -6.41 -10.46 -16.44
CA TYR B 72 -7.00 -11.05 -17.69
C TYR B 72 -8.40 -11.62 -17.41
N SER B 73 -8.62 -12.10 -16.22
CA SER B 73 -9.97 -12.67 -15.90
C SER B 73 -10.80 -11.68 -15.08
N ARG B 74 -12.07 -11.57 -15.37
CA ARG B 74 -12.93 -10.61 -14.61
C ARG B 74 -13.55 -11.31 -13.39
N GLU B 75 -13.32 -12.58 -13.24
CA GLU B 75 -13.90 -13.31 -12.07
C GLU B 75 -13.05 -13.06 -10.82
N GLN B 76 -13.57 -13.37 -9.66
CA GLN B 76 -12.79 -13.14 -8.42
C GLN B 76 -12.00 -14.41 -8.06
N HIS B 77 -10.81 -14.24 -7.54
CA HIS B 77 -9.99 -15.43 -7.18
C HIS B 77 -9.82 -15.49 -5.66
N GLY B 78 -9.26 -16.55 -5.15
CA GLY B 78 -9.07 -16.66 -3.67
C GLY B 78 -7.70 -17.28 -3.36
N VAL B 79 -6.99 -16.72 -2.42
CA VAL B 79 -5.65 -17.27 -2.08
C VAL B 79 -5.44 -17.24 -0.56
N ALA B 80 -4.38 -17.84 -0.08
CA ALA B 80 -4.13 -17.85 1.39
C ALA B 80 -2.65 -17.59 1.68
N ALA B 81 -2.31 -16.41 2.10
CA ALA B 81 -0.88 -16.11 2.40
C ALA B 81 -0.77 -15.25 3.66
N SER B 82 0.32 -15.38 4.37
CA SER B 82 0.49 -14.57 5.61
C SER B 82 1.19 -13.25 5.29
N CYS B 83 1.98 -13.21 4.26
CA CYS B 83 2.69 -11.95 3.89
C CYS B 83 2.45 -11.62 2.41
N LEU B 84 2.89 -10.45 1.99
CA LEU B 84 2.70 -10.08 0.56
C LEU B 84 3.47 -11.04 -0.35
N GLU B 85 4.77 -11.04 -0.24
CA GLU B 85 5.58 -11.95 -1.11
C GLU B 85 4.98 -13.37 -1.12
N ASP B 86 4.36 -13.76 -0.05
CA ASP B 86 3.75 -15.12 -0.01
C ASP B 86 2.44 -15.15 -0.78
N LEU B 87 1.67 -14.09 -0.70
CA LEU B 87 0.38 -14.04 -1.43
C LEU B 87 0.62 -14.16 -2.94
N ARG B 88 1.59 -13.45 -3.45
CA ARG B 88 1.88 -13.53 -4.91
C ARG B 88 2.33 -14.94 -5.27
N SER B 89 3.46 -15.34 -4.78
CA SER B 89 3.98 -16.70 -5.08
C SER B 89 2.84 -17.73 -5.00
N LYS B 90 2.23 -17.86 -3.85
CA LYS B 90 1.12 -18.85 -3.71
C LYS B 90 0.00 -18.53 -4.70
N ALA B 91 -0.30 -17.27 -4.89
CA ALA B 91 -1.39 -16.90 -5.84
C ALA B 91 -0.96 -17.20 -7.27
N CYS B 92 0.29 -17.52 -7.47
CA CYS B 92 0.77 -17.84 -8.85
C CYS B 92 0.45 -19.29 -9.21
N ASP B 93 0.65 -20.20 -8.29
CA ASP B 93 0.36 -21.63 -8.58
C ASP B 93 -1.15 -21.86 -8.59
N ILE B 94 -1.90 -21.04 -7.91
CA ILE B 94 -3.39 -21.21 -7.89
C ILE B 94 -4.00 -20.46 -9.07
N LEU B 95 -3.46 -19.33 -9.42
CA LEU B 95 -4.02 -18.54 -10.56
C LEU B 95 -3.81 -19.31 -11.88
N ALA B 96 -2.84 -20.19 -11.92
CA ALA B 96 -2.59 -20.96 -13.17
C ALA B 96 -2.31 -20.00 -14.33
N ILE B 97 -1.35 -19.13 -14.19
CA ILE B 97 -1.02 -18.19 -15.29
C ILE B 97 0.33 -18.53 -15.91
N ASP B 98 0.55 -18.17 -17.13
CA ASP B 98 1.85 -18.48 -17.80
C ASP B 98 2.73 -17.22 -17.85
N LYS B 99 2.15 -16.07 -17.65
CA LYS B 99 2.94 -14.81 -17.70
C LYS B 99 3.48 -14.48 -16.31
N SER B 100 3.74 -15.48 -15.51
CA SER B 100 4.27 -15.22 -14.14
C SER B 100 5.57 -14.43 -14.21
N LEU B 101 6.19 -14.39 -15.35
CA LEU B 101 7.47 -13.64 -15.49
C LEU B 101 7.25 -12.11 -15.36
N THR B 102 6.05 -11.67 -15.14
CA THR B 102 5.81 -10.21 -15.01
C THR B 102 5.65 -9.82 -13.54
N PRO B 103 6.07 -8.62 -13.24
CA PRO B 103 5.99 -8.12 -11.85
C PRO B 103 4.54 -7.79 -11.49
N VAL B 104 3.90 -8.65 -10.74
CA VAL B 104 2.48 -8.40 -10.36
C VAL B 104 2.41 -7.56 -9.08
N THR B 105 1.84 -6.39 -9.16
CA THR B 105 1.74 -5.54 -7.95
C THR B 105 0.41 -5.79 -7.24
N LEU B 106 0.23 -5.23 -6.07
CA LEU B 106 -1.05 -5.46 -5.33
C LEU B 106 -1.74 -4.12 -5.05
N VAL B 107 -2.98 -4.00 -5.44
CA VAL B 107 -3.72 -2.73 -5.20
C VAL B 107 -5.02 -3.00 -4.44
N LEU B 108 -5.70 -1.97 -4.01
CA LEU B 108 -6.97 -2.19 -3.27
C LEU B 108 -8.16 -1.83 -4.16
N ALA B 109 -9.07 -2.74 -4.36
CA ALA B 109 -10.25 -2.43 -5.22
C ALA B 109 -11.01 -1.24 -4.63
N GLU B 110 -10.85 -1.00 -3.35
CA GLU B 110 -11.56 0.15 -2.72
C GLU B 110 -10.70 1.41 -2.78
N ASP B 111 -9.58 1.41 -2.10
CA ASP B 111 -8.70 2.61 -2.11
C ASP B 111 -7.80 2.60 -3.36
N GLY B 112 -7.51 1.44 -3.88
CA GLY B 112 -6.65 1.35 -5.09
C GLY B 112 -5.21 1.74 -4.75
N THR B 113 -4.85 1.69 -3.49
CA THR B 113 -3.44 2.06 -3.12
C THR B 113 -2.59 0.79 -3.06
N ILE B 114 -1.40 0.84 -3.59
CA ILE B 114 -0.53 -0.36 -3.55
C ILE B 114 0.13 -0.51 -2.19
N VAL B 115 0.13 -1.69 -1.65
CA VAL B 115 0.76 -1.92 -0.31
C VAL B 115 2.04 -2.74 -0.46
N ASP B 116 3.17 -2.09 -0.42
CA ASP B 116 4.46 -2.82 -0.56
C ASP B 116 4.78 -3.58 0.73
N ASP B 117 4.08 -3.30 1.79
CA ASP B 117 4.34 -4.00 3.08
C ASP B 117 3.14 -4.86 3.47
N ASP B 118 3.40 -5.94 4.16
CA ASP B 118 2.26 -6.83 4.59
C ASP B 118 1.44 -6.14 5.68
N ASP B 119 1.87 -4.98 6.10
CA ASP B 119 1.11 -4.23 7.15
C ASP B 119 -0.39 -4.34 6.90
N TYR B 120 -0.90 -3.62 5.94
CA TYR B 120 -2.35 -3.68 5.64
C TYR B 120 -2.74 -5.09 5.20
N PHE B 121 -1.82 -5.84 4.66
CA PHE B 121 -2.15 -7.23 4.23
C PHE B 121 -2.65 -8.05 5.43
N LEU B 122 -2.23 -7.69 6.61
CA LEU B 122 -2.67 -8.45 7.82
C LEU B 122 -3.63 -7.60 8.65
N CYS B 123 -3.53 -6.29 8.53
CA CYS B 123 -4.43 -5.40 9.32
C CYS B 123 -5.88 -5.60 8.86
N LEU B 124 -6.07 -6.10 7.68
CA LEU B 124 -7.46 -6.31 7.18
C LEU B 124 -8.01 -7.64 7.70
N PRO B 125 -9.30 -7.80 7.59
CA PRO B 125 -9.97 -9.05 8.05
C PRO B 125 -9.61 -10.21 7.13
N SER B 126 -10.02 -11.41 7.49
CA SER B 126 -9.71 -12.59 6.63
C SER B 126 -10.32 -12.42 5.24
N ASN B 127 -11.58 -12.11 5.20
CA ASN B 127 -12.25 -11.93 3.88
C ASN B 127 -11.94 -10.56 3.30
N THR B 128 -11.01 -10.50 2.38
CA THR B 128 -10.65 -9.19 1.76
C THR B 128 -10.41 -9.37 0.26
N LYS B 129 -10.92 -8.48 -0.54
CA LYS B 129 -10.71 -8.60 -2.02
C LYS B 129 -9.51 -7.77 -2.47
N PHE B 130 -8.67 -8.34 -3.30
CA PHE B 130 -7.48 -7.59 -3.78
C PHE B 130 -7.35 -7.72 -5.31
N VAL B 131 -6.47 -6.95 -5.90
CA VAL B 131 -6.29 -7.02 -7.37
C VAL B 131 -4.81 -6.91 -7.72
N ALA B 132 -4.33 -7.67 -8.66
CA ALA B 132 -2.88 -7.60 -9.03
C ALA B 132 -2.73 -7.31 -10.52
N LEU B 133 -1.87 -6.37 -10.86
CA LEU B 133 -1.68 -6.04 -12.30
C LEU B 133 -0.54 -6.87 -12.89
N ALA B 134 -0.82 -7.64 -13.89
CA ALA B 134 0.22 -8.47 -14.54
C ALA B 134 0.92 -7.65 -15.62
N SER B 135 1.77 -8.26 -16.40
CA SER B 135 2.49 -7.51 -17.48
C SER B 135 1.58 -6.43 -18.06
N ASN B 136 0.29 -6.68 -18.09
CA ASN B 136 -0.66 -5.68 -18.62
C ASN B 136 -0.96 -4.64 -17.52
N GLU B 137 -0.34 -3.50 -17.58
CA GLU B 137 -0.56 -2.46 -16.54
C GLU B 137 -2.03 -1.98 -16.51
N LYS B 138 -2.89 -2.50 -17.34
CA LYS B 138 -4.30 -2.03 -17.32
C LYS B 138 -4.88 -2.15 -15.91
N TRP B 139 -4.71 -1.13 -15.12
CA TRP B 139 -5.24 -1.15 -13.72
C TRP B 139 -6.50 -0.27 -13.62
N ALA B 140 -7.27 -0.43 -12.58
CA ALA B 140 -8.49 0.39 -12.44
C ALA B 140 -8.21 1.65 -11.60
N TYR B 141 -8.04 2.77 -12.24
CA TYR B 141 -7.76 4.03 -11.49
C TYR B 141 -8.92 5.01 -11.64
N ASN B 142 -8.87 6.12 -10.95
CA ASN B 142 -9.98 7.11 -11.07
C ASN B 142 -9.78 7.97 -12.31
N ASN B 143 -10.86 8.49 -12.86
CA ASN B 143 -10.74 9.34 -14.08
C ASN B 143 -10.74 10.82 -13.69
N SER B 144 -9.65 11.50 -13.90
CA SER B 144 -9.58 12.94 -13.53
C SER B 144 -9.15 13.78 -14.74
N ASP B 145 -9.41 15.06 -14.72
CA ASP B 145 -9.02 15.93 -15.86
C ASP B 145 -7.57 16.40 -15.70
#